data_3FEY
#
_entry.id   3FEY
#
_cell.length_a   83.842
_cell.length_b   104.505
_cell.length_c   108.558
_cell.angle_alpha   90.00
_cell.angle_beta   109.04
_cell.angle_gamma   90.00
#
_symmetry.space_group_name_H-M   'P 1 21 1'
#
loop_
_entity.id
_entity.type
_entity.pdbx_description
1 polymer 'Nuclear cap-binding protein subunit 1'
2 polymer 'Nuclear cap-binding protein subunit 2'
3 polymer 'Importin subunit alpha-2'
4 water water
#
loop_
_entity_poly.entity_id
_entity_poly.type
_entity_poly.pdbx_seq_one_letter_code
_entity_poly.pdbx_strand_id
1 'polypeptide(L)'
;MSRRRHSDENDGGQPHKRRKTSDANETEDHLESLICKVGEKSACSLESNLEGLAGVLEADLPNYKSKILRLLCTVARLLP
EKLTIYTTLVGLLNARNYNFGGEFVEAMIRQLKESLKANNYNEAVYLVRFLSDLVNCHVIAAPSMVAMFENFVSVTQEED
VPQVRRDWYVYAFLSSLPWVGKELYEKKDAEMDRIFANTESYLKRRQKTHVPMLQVWTADKPHPQEEYLDCLWAQIQKLK
KDRWQERHILRPYLAFDSILCEALQHNLPPFTPPPHTEDSVYPMPRVIFRMFDYTDDPEGPVMPGSHSVERFVIEENLHC
IIKSHWKERKTCAAQLVSYPGKNKIPLNYHIVEVIFAELFQLPAPPHIDVMYTTLLIELCKLQPGSLPQVLAQATEMLYM
RLDTMNTTCVDRFINWFSHHLSNFQFRWSWEDWSDCLSQDPESPKPKFVREVLEKCMRLSYHQRILDIVPPTFSALCPAN
PTCIYKYGDESSNSLPGHSVALCLAVAFKSKATNDEIFSILKDVPNPNQDDDDDEGFSFNPLKIEVFVQTLLHLAAKSFS
HSFSALAKFHEVFKTLAESDEGKLHVLRVMFEVWRNHPQMIAVLVDKMIRTQIVDCAAVANWIFSSELSRDFTRLFVWEI
LHSTIRKMNKHVLKIQKELEEAKEKLARQHKRRSDDDDRSSDRKDGVLEEQIERLQEKVESAQSEQKNLFLVIFQRFIMI
LTEHLVRCETDGTSVLTPWYKNCIERLQQIFLQHHQIIQQYMVTLENLLFTAELDPHILAVFQQFCALQA
;
A
2 'polypeptide(L)'
;MSGGLLKALRSDSYVELSQYRDQHFRGDNEEQEKLLKKSCTLYVGNLSFYTTEEQIYELFSKSGDIKKIIMGLDKMKKTA
CGFCFVEYYSRADAENAMRYINGTRLDDRIIRTDWDAGFKEGRQYGRGRSGGQVRDEYRQDYDAGRGGYGKLAQNQ
;
B
3 'polypeptide(L)'
;MNQGTVNWSVDDIVKGINSSNVENQLQATQAARKLLSREKQPPIDNIIRAGLIPKFVSFLGRTDCSPIQFESAWALTNIA
SGTSEQTKAVVDGGAIPAFISLLASPHAHISEQAVWALGNIAGDGSVFRDLVIKYGAVDPLLALLAVPDMSSLACGYLRN
LTWTLSNLCRNKNPAPPIDAVEQILPTLVRLLHHDDPEVLADTCWAISYLTDGPNERIGMVVKTGVVPQLVKLLGASELP
IVTPALRAIGNIVTGTDEQTQVVIDAGALAVFPSLLTNPKTNIQKEATWTMSNITAGRQDQIQQVVNHGLVPFLVSVLSK
ADFKTQKEAVWAVTNYTSGGTVEQIVYLVHCGIIEPLMNLLTAKDTKIILVILDAISNIFQAAEKLGETEKLSIMIEECG
GLDKIEALQNHENESVYKASLSLIEKYFSVEEEEDQNVVPETTSEGYTFQVQDGAPGTFNFHHHHHH
;
C
#
# COMPACT_ATOMS: atom_id res chain seq x y z
N SER A 2 19.70 -20.33 -58.03
CA SER A 2 19.76 -21.26 -56.83
C SER A 2 19.12 -20.58 -55.62
N ARG A 3 19.93 -20.06 -54.70
CA ARG A 3 19.37 -19.36 -53.53
C ARG A 3 18.72 -18.03 -53.85
N ARG A 4 17.56 -17.76 -53.24
CA ARG A 4 16.73 -16.60 -53.53
C ARG A 4 16.25 -15.87 -52.27
N ARG A 5 16.46 -14.55 -52.19
CA ARG A 5 15.92 -13.74 -51.10
C ARG A 5 14.44 -13.60 -51.27
N HIS A 6 13.74 -13.30 -50.18
CA HIS A 6 12.31 -13.05 -50.27
CA HIS A 6 12.30 -13.05 -50.28
C HIS A 6 12.06 -11.93 -51.30
N SER A 7 11.04 -12.11 -52.12
CA SER A 7 10.71 -11.14 -53.16
C SER A 7 9.30 -10.59 -52.95
N ASP A 8 8.94 -9.57 -53.72
CA ASP A 8 7.81 -8.69 -53.36
C ASP A 8 8.32 -8.01 -52.10
N GLU A 9 9.50 -7.40 -52.25
CA GLU A 9 10.47 -7.27 -51.17
C GLU A 9 10.00 -6.47 -49.95
N ASN A 10 9.15 -7.13 -49.16
CA ASN A 10 8.59 -6.65 -47.93
C ASN A 10 9.37 -7.31 -46.79
N ASP A 11 9.25 -6.76 -45.59
CA ASP A 11 9.88 -7.36 -44.42
C ASP A 11 8.82 -8.05 -43.54
N GLY A 12 7.65 -8.29 -44.11
CA GLY A 12 6.60 -9.01 -43.40
C GLY A 12 5.36 -8.17 -43.20
N GLY A 13 5.54 -6.84 -43.28
CA GLY A 13 4.42 -5.90 -43.25
C GLY A 13 3.93 -5.53 -41.86
N GLN A 14 4.76 -5.67 -40.83
CA GLN A 14 4.34 -5.23 -39.50
C GLN A 14 4.17 -3.71 -39.47
N PRO A 15 3.18 -3.21 -38.70
CA PRO A 15 3.01 -1.78 -38.50
C PRO A 15 4.33 -1.09 -38.16
N HIS A 16 4.57 0.07 -38.73
CA HIS A 16 5.85 0.74 -38.51
C HIS A 16 5.80 1.61 -37.28
N LYS A 17 4.57 1.99 -36.90
CA LYS A 17 4.34 2.96 -35.88
C LYS A 17 3.02 2.66 -35.15
N ARG A 18 2.91 3.10 -33.91
CA ARG A 18 1.69 2.86 -33.15
C ARG A 18 1.24 4.15 -32.48
N ARG A 19 -0.06 4.43 -32.56
CA ARG A 19 -0.64 5.61 -31.93
C ARG A 19 -1.30 5.20 -30.61
N LYS A 20 -1.12 5.97 -29.55
CA LYS A 20 -1.58 5.55 -28.24
C LYS A 20 -2.98 6.09 -28.06
N THR A 21 -3.92 5.18 -27.86
CA THR A 21 -5.33 5.48 -28.01
C THR A 21 -6.10 5.27 -26.70
N SER A 22 -5.47 4.57 -25.75
CA SER A 22 -6.04 4.32 -24.44
C SER A 22 -4.87 4.11 -23.50
N ASP A 23 -5.19 3.94 -22.22
CA ASP A 23 -4.15 3.86 -21.20
C ASP A 23 -4.65 2.96 -20.10
N ALA A 24 -3.85 1.96 -19.77
CA ALA A 24 -4.24 0.96 -18.81
C ALA A 24 -4.42 1.57 -17.44
N ASN A 25 -3.48 2.43 -17.03
CA ASN A 25 -3.52 3.01 -15.70
C ASN A 25 -4.77 3.84 -15.51
N GLU A 26 -4.99 4.76 -16.44
CA GLU A 26 -6.12 5.66 -16.41
C GLU A 26 -7.44 4.88 -16.30
N THR A 27 -7.57 3.80 -17.07
CA THR A 27 -8.74 2.96 -16.97
C THR A 27 -8.85 2.29 -15.61
N GLU A 28 -7.72 1.82 -15.11
CA GLU A 28 -7.72 1.13 -13.82
C GLU A 28 -8.09 2.07 -12.69
N ASP A 29 -7.55 3.28 -12.71
CA ASP A 29 -7.91 4.32 -11.75
C ASP A 29 -9.41 4.67 -11.83
N HIS A 30 -9.94 4.75 -13.04
CA HIS A 30 -11.35 5.07 -13.23
C HIS A 30 -12.23 3.95 -12.67
N LEU A 31 -11.85 2.71 -12.95
CA LEU A 31 -12.55 1.56 -12.37
C LEU A 31 -12.49 1.60 -10.82
N GLU A 32 -11.32 1.87 -10.27
CA GLU A 32 -11.21 1.95 -8.82
C GLU A 32 -12.11 3.04 -8.23
N SER A 33 -12.13 4.19 -8.89
CA SER A 33 -13.00 5.27 -8.47
C SER A 33 -14.48 4.84 -8.51
N LEU A 34 -14.92 4.21 -9.59
CA LEU A 34 -16.31 3.79 -9.71
C LEU A 34 -16.68 2.80 -8.61
N ILE A 35 -15.79 1.85 -8.36
CA ILE A 35 -16.04 0.87 -7.33
C ILE A 35 -16.12 1.47 -5.91
N CYS A 36 -15.16 2.35 -5.58
CA CYS A 36 -15.13 2.98 -4.26
C CYS A 36 -16.29 3.91 -4.00
N LYS A 37 -16.88 4.44 -5.06
CA LYS A 37 -17.83 5.53 -4.90
C LYS A 37 -19.27 5.08 -4.98
N VAL A 38 -19.51 3.84 -5.36
CA VAL A 38 -20.87 3.42 -5.54
C VAL A 38 -21.45 3.42 -4.12
N GLY A 39 -22.69 3.85 -3.99
CA GLY A 39 -23.29 3.98 -2.65
C GLY A 39 -23.25 5.39 -2.07
N GLU A 40 -22.37 6.22 -2.60
CA GLU A 40 -22.36 7.61 -2.19
C GLU A 40 -23.55 8.36 -2.77
N LYS A 41 -23.77 9.57 -2.30
CA LYS A 41 -24.98 10.32 -2.66
C LYS A 41 -25.07 10.47 -4.18
N SER A 42 -26.27 10.26 -4.71
CA SER A 42 -26.41 10.26 -6.16
C SER A 42 -27.78 10.76 -6.51
N ALA A 43 -27.93 11.37 -7.68
CA ALA A 43 -29.26 11.71 -8.14
C ALA A 43 -30.06 10.43 -8.44
N CYS A 44 -29.35 9.30 -8.61
CA CYS A 44 -29.98 8.02 -8.87
C CYS A 44 -29.97 7.12 -7.66
N SER A 45 -30.93 6.22 -7.58
CA SER A 45 -30.99 5.26 -6.48
C SER A 45 -29.80 4.32 -6.47
N LEU A 46 -29.46 3.81 -5.28
CA LEU A 46 -28.44 2.80 -5.15
C LEU A 46 -28.64 1.61 -6.12
N GLU A 47 -29.85 1.07 -6.16
CA GLU A 47 -30.11 -0.10 -6.99
C GLU A 47 -29.80 0.20 -8.46
N SER A 48 -30.21 1.38 -8.90
CA SER A 48 -29.94 1.84 -10.22
C SER A 48 -28.43 1.90 -10.48
N ASN A 49 -27.69 2.51 -9.57
CA ASN A 49 -26.24 2.62 -9.71
C ASN A 49 -25.52 1.28 -9.67
N LEU A 50 -26.08 0.31 -8.93
CA LEU A 50 -25.43 -1.03 -8.86
C LEU A 50 -25.58 -1.80 -10.18
N GLU A 51 -26.77 -1.72 -10.78
CA GLU A 51 -26.99 -2.38 -12.08
C GLU A 51 -26.09 -1.75 -13.14
N GLY A 52 -26.07 -0.43 -13.20
CA GLY A 52 -25.18 0.26 -14.11
C GLY A 52 -23.76 -0.22 -13.92
N LEU A 53 -23.27 -0.19 -12.69
CA LEU A 53 -21.87 -0.53 -12.44
C LEU A 53 -21.59 -1.96 -12.84
N ALA A 54 -22.49 -2.87 -12.49
CA ALA A 54 -22.31 -4.25 -12.85
C ALA A 54 -22.12 -4.36 -14.37
N GLY A 55 -22.80 -3.48 -15.11
CA GLY A 55 -22.74 -3.50 -16.58
C GLY A 55 -21.41 -3.00 -17.11
N VAL A 56 -20.92 -1.92 -16.51
CA VAL A 56 -19.64 -1.33 -16.90
C VAL A 56 -18.49 -2.28 -16.56
N LEU A 57 -18.55 -2.88 -15.36
CA LEU A 57 -17.53 -3.85 -14.98
C LEU A 57 -17.57 -5.07 -15.88
N GLU A 58 -18.75 -5.68 -16.04
CA GLU A 58 -18.86 -6.81 -16.96
C GLU A 58 -18.21 -6.51 -18.31
N ALA A 59 -18.49 -5.34 -18.86
CA ALA A 59 -17.99 -5.07 -20.21
C ALA A 59 -16.49 -4.85 -20.23
N ASP A 60 -15.89 -4.65 -19.06
CA ASP A 60 -14.44 -4.46 -18.97
C ASP A 60 -13.70 -5.74 -18.60
N LEU A 61 -14.42 -6.84 -18.37
CA LEU A 61 -13.76 -8.06 -17.91
C LEU A 61 -12.71 -8.60 -18.87
N PRO A 62 -12.95 -8.49 -20.18
CA PRO A 62 -11.98 -9.14 -21.05
C PRO A 62 -10.55 -8.64 -20.81
N ASN A 63 -10.38 -7.40 -20.37
CA ASN A 63 -9.05 -6.82 -20.28
C ASN A 63 -8.59 -6.43 -18.87
N TYR A 64 -9.52 -6.38 -17.93
CA TYR A 64 -9.27 -5.81 -16.62
C TYR A 64 -9.85 -6.69 -15.52
N LYS A 65 -10.19 -7.92 -15.86
CA LYS A 65 -10.76 -8.83 -14.89
C LYS A 65 -9.85 -8.97 -13.65
N SER A 66 -8.56 -9.10 -13.90
CA SER A 66 -7.63 -9.33 -12.82
C SER A 66 -7.64 -8.13 -11.86
N LYS A 67 -7.59 -6.94 -12.43
CA LYS A 67 -7.73 -5.71 -11.71
C LYS A 67 -9.08 -5.63 -10.96
N ILE A 68 -10.16 -5.92 -11.68
CA ILE A 68 -11.49 -5.77 -11.10
C ILE A 68 -11.64 -6.70 -9.89
N LEU A 69 -11.17 -7.92 -10.03
CA LEU A 69 -11.11 -8.89 -8.94
C LEU A 69 -10.30 -8.34 -7.73
N ARG A 70 -9.14 -7.75 -8.04
CA ARG A 70 -8.27 -7.13 -7.07
C ARG A 70 -9.06 -6.05 -6.26
N LEU A 71 -9.63 -5.10 -6.98
CA LEU A 71 -10.41 -4.02 -6.39
C LEU A 71 -11.55 -4.50 -5.48
N LEU A 72 -12.23 -5.56 -5.87
CA LEU A 72 -13.38 -6.01 -5.11
C LEU A 72 -12.94 -6.75 -3.85
N CYS A 73 -11.82 -7.47 -3.94
CA CYS A 73 -11.29 -8.08 -2.73
C CYS A 73 -10.88 -7.01 -1.75
N THR A 74 -10.17 -5.99 -2.24
CA THR A 74 -9.73 -4.87 -1.40
C THR A 74 -10.88 -4.17 -0.69
N VAL A 75 -11.92 -3.87 -1.45
CA VAL A 75 -13.12 -3.27 -0.89
C VAL A 75 -13.74 -4.21 0.15
N ALA A 76 -13.63 -5.52 -0.11
CA ALA A 76 -14.11 -6.53 0.79
C ALA A 76 -13.42 -6.44 2.16
N ARG A 77 -12.10 -6.31 2.17
CA ARG A 77 -11.42 -6.23 3.45
C ARG A 77 -11.25 -4.82 4.01
N LEU A 78 -11.34 -3.79 3.17
CA LEU A 78 -11.08 -2.44 3.65
C LEU A 78 -12.30 -1.60 3.93
N LEU A 79 -13.49 -2.03 3.48
CA LEU A 79 -14.72 -1.24 3.61
C LEU A 79 -15.92 -2.04 4.17
N PRO A 80 -15.73 -2.66 5.34
CA PRO A 80 -16.77 -3.56 5.85
C PRO A 80 -18.05 -2.82 6.09
N GLU A 81 -17.96 -1.54 6.40
CA GLU A 81 -19.18 -0.76 6.62
C GLU A 81 -20.03 -0.70 5.35
N LYS A 82 -19.46 -1.04 4.19
CA LYS A 82 -20.23 -1.01 2.92
C LYS A 82 -20.58 -2.40 2.43
N LEU A 83 -20.44 -3.38 3.33
CA LEU A 83 -20.52 -4.80 3.02
C LEU A 83 -21.62 -5.21 2.02
N THR A 84 -22.88 -4.91 2.35
CA THR A 84 -24.00 -5.43 1.59
C THR A 84 -24.14 -4.73 0.24
N ILE A 85 -23.41 -3.63 0.04
CA ILE A 85 -23.39 -2.94 -1.24
C ILE A 85 -22.48 -3.71 -2.18
N TYR A 86 -21.32 -4.11 -1.70
CA TYR A 86 -20.39 -4.81 -2.57
C TYR A 86 -20.76 -6.27 -2.78
N THR A 87 -21.41 -6.90 -1.80
CA THR A 87 -21.85 -8.27 -2.01
C THR A 87 -22.98 -8.26 -3.00
N THR A 88 -23.78 -7.21 -3.00
CA THR A 88 -24.81 -7.10 -4.04
C THR A 88 -24.14 -7.00 -5.39
N LEU A 89 -23.14 -6.13 -5.51
CA LEU A 89 -22.45 -5.94 -6.76
C LEU A 89 -21.85 -7.25 -7.25
N VAL A 90 -21.19 -7.99 -6.37
CA VAL A 90 -20.58 -9.24 -6.79
C VAL A 90 -21.65 -10.22 -7.24
N GLY A 91 -22.78 -10.21 -6.54
CA GLY A 91 -23.93 -11.02 -6.90
C GLY A 91 -24.45 -10.76 -8.29
N LEU A 92 -24.45 -9.49 -8.70
CA LEU A 92 -24.87 -9.08 -10.05
C LEU A 92 -23.89 -9.61 -11.08
N LEU A 93 -22.60 -9.46 -10.79
CA LEU A 93 -21.57 -9.97 -11.66
C LEU A 93 -21.73 -11.47 -11.77
N ASN A 94 -21.95 -12.14 -10.65
CA ASN A 94 -22.08 -13.58 -10.67
C ASN A 94 -23.25 -14.02 -11.54
N ALA A 95 -24.38 -13.33 -11.44
CA ALA A 95 -25.57 -13.67 -12.20
C ALA A 95 -25.30 -13.50 -13.70
N ARG A 96 -24.52 -12.48 -14.06
CA ARG A 96 -24.14 -12.28 -15.46
C ARG A 96 -22.99 -13.18 -15.86
N ASN A 97 -22.10 -13.45 -14.90
CA ASN A 97 -20.92 -14.26 -15.19
C ASN A 97 -20.56 -15.23 -14.06
N TYR A 98 -20.73 -16.53 -14.32
CA TYR A 98 -20.49 -17.54 -13.33
C TYR A 98 -18.99 -17.74 -13.02
N ASN A 99 -18.16 -17.69 -14.06
CA ASN A 99 -16.73 -17.91 -13.89
C ASN A 99 -16.12 -16.81 -13.06
N PHE A 100 -16.50 -15.56 -13.36
CA PHE A 100 -16.07 -14.44 -12.55
C PHE A 100 -16.38 -14.68 -11.08
N GLY A 101 -17.64 -15.02 -10.79
CA GLY A 101 -18.02 -15.30 -9.43
C GLY A 101 -17.12 -16.36 -8.80
N GLY A 102 -17.08 -17.54 -9.40
CA GLY A 102 -16.20 -18.60 -8.89
C GLY A 102 -14.79 -18.08 -8.67
N GLU A 103 -14.31 -17.30 -9.62
CA GLU A 103 -12.98 -16.73 -9.51
C GLU A 103 -12.87 -15.70 -8.35
N PHE A 104 -13.94 -14.96 -8.10
CA PHE A 104 -13.87 -14.00 -7.04
C PHE A 104 -13.79 -14.74 -5.72
N VAL A 105 -14.62 -15.76 -5.60
CA VAL A 105 -14.68 -16.52 -4.38
C VAL A 105 -13.32 -17.16 -4.04
N GLU A 106 -12.64 -17.66 -5.06
CA GLU A 106 -11.31 -18.23 -4.91
C GLU A 106 -10.32 -17.15 -4.43
N ALA A 107 -10.45 -15.96 -5.00
CA ALA A 107 -9.55 -14.87 -4.67
C ALA A 107 -9.77 -14.44 -3.21
N MET A 108 -11.01 -14.55 -2.75
CA MET A 108 -11.38 -14.20 -1.39
C MET A 108 -10.83 -15.20 -0.37
N ILE A 109 -10.96 -16.49 -0.65
CA ILE A 109 -10.45 -17.50 0.26
C ILE A 109 -8.92 -17.42 0.35
N ARG A 110 -8.30 -17.17 -0.79
CA ARG A 110 -6.87 -16.97 -0.89
C ARG A 110 -6.43 -15.83 0.06
N GLN A 111 -7.01 -14.66 -0.16
CA GLN A 111 -6.72 -13.46 0.61
C GLN A 111 -6.98 -13.66 2.10
N LEU A 112 -8.07 -14.33 2.42
CA LEU A 112 -8.39 -14.73 3.78
C LEU A 112 -7.21 -15.49 4.41
N LYS A 113 -6.70 -16.47 3.69
CA LYS A 113 -5.60 -17.26 4.24
C LYS A 113 -4.34 -16.41 4.44
N GLU A 114 -4.06 -15.49 3.51
CA GLU A 114 -2.92 -14.60 3.68
C GLU A 114 -3.07 -13.74 4.92
N SER A 115 -4.22 -13.11 5.05
CA SER A 115 -4.49 -12.24 6.19
C SER A 115 -4.28 -13.00 7.49
N LEU A 116 -4.81 -14.22 7.54
CA LEU A 116 -4.69 -15.03 8.73
C LEU A 116 -3.23 -15.33 9.05
N LYS A 117 -2.44 -15.62 8.02
CA LYS A 117 -1.02 -15.97 8.22
C LYS A 117 -0.18 -14.79 8.63
N ALA A 118 -0.53 -13.60 8.17
CA ALA A 118 0.19 -12.38 8.55
C ALA A 118 -0.37 -11.78 9.84
N ASN A 119 -1.16 -12.56 10.57
CA ASN A 119 -1.76 -12.12 11.83
C ASN A 119 -2.78 -10.98 11.67
N ASN A 120 -3.34 -10.82 10.49
CA ASN A 120 -4.37 -9.80 10.26
C ASN A 120 -5.77 -10.31 10.52
N TYR A 121 -6.02 -10.70 11.77
CA TYR A 121 -7.28 -11.28 12.16
C TYR A 121 -8.47 -10.33 12.11
N ASN A 122 -8.26 -9.06 12.43
CA ASN A 122 -9.35 -8.10 12.38
C ASN A 122 -9.91 -7.91 10.97
N GLU A 123 -9.04 -7.84 9.97
CA GLU A 123 -9.48 -7.81 8.58
C GLU A 123 -10.11 -9.13 8.18
N ALA A 124 -9.52 -10.22 8.66
CA ALA A 124 -9.99 -11.54 8.27
C ALA A 124 -11.47 -11.66 8.58
N VAL A 125 -11.89 -11.09 9.72
CA VAL A 125 -13.30 -11.14 10.07
C VAL A 125 -14.18 -10.47 9.00
N TYR A 126 -13.67 -9.41 8.36
CA TYR A 126 -14.49 -8.71 7.37
C TYR A 126 -14.60 -9.61 6.16
N LEU A 127 -13.52 -10.31 5.84
CA LEU A 127 -13.55 -11.18 4.69
C LEU A 127 -14.57 -12.30 4.91
N VAL A 128 -14.58 -12.83 6.13
CA VAL A 128 -15.47 -13.92 6.48
C VAL A 128 -16.92 -13.44 6.44
N ARG A 129 -17.16 -12.23 6.91
CA ARG A 129 -18.51 -11.73 6.87
C ARG A 129 -18.99 -11.54 5.44
N PHE A 130 -18.04 -11.22 4.57
CA PHE A 130 -18.34 -10.99 3.16
C PHE A 130 -18.75 -12.33 2.53
N LEU A 131 -17.92 -13.35 2.68
CA LEU A 131 -18.30 -14.68 2.21
C LEU A 131 -19.71 -15.04 2.71
N SER A 132 -19.98 -14.77 3.98
CA SER A 132 -21.28 -15.09 4.58
C SER A 132 -22.45 -14.40 3.87
N ASP A 133 -22.32 -13.11 3.64
CA ASP A 133 -23.40 -12.36 2.99
C ASP A 133 -23.55 -12.74 1.51
N LEU A 134 -22.46 -13.19 0.90
CA LEU A 134 -22.54 -13.69 -0.47
C LEU A 134 -23.49 -14.88 -0.60
N VAL A 135 -23.82 -15.53 0.51
CA VAL A 135 -24.83 -16.59 0.49
C VAL A 135 -26.21 -15.99 0.23
N ASN A 136 -26.46 -14.82 0.78
CA ASN A 136 -27.74 -14.15 0.54
C ASN A 136 -27.84 -13.69 -0.90
N CYS A 137 -26.70 -13.53 -1.57
CA CYS A 137 -26.67 -13.02 -2.94
C CYS A 137 -26.50 -14.13 -3.96
N HIS A 138 -26.84 -15.35 -3.56
CA HIS A 138 -26.82 -16.50 -4.46
C HIS A 138 -25.48 -16.70 -5.14
N VAL A 139 -24.40 -16.32 -4.47
CA VAL A 139 -23.06 -16.54 -4.97
C VAL A 139 -22.38 -17.76 -4.30
N ILE A 140 -22.78 -18.05 -3.07
CA ILE A 140 -22.19 -19.16 -2.35
C ILE A 140 -23.25 -20.09 -1.75
N ALA A 141 -23.10 -21.40 -1.94
CA ALA A 141 -24.08 -22.35 -1.40
C ALA A 141 -23.99 -22.40 0.12
N ALA A 142 -25.14 -22.31 0.77
CA ALA A 142 -25.21 -22.23 2.23
C ALA A 142 -24.61 -23.45 2.93
N PRO A 143 -24.77 -24.64 2.35
CA PRO A 143 -24.20 -25.76 3.09
C PRO A 143 -22.67 -25.72 3.11
N SER A 144 -22.05 -25.20 2.06
CA SER A 144 -20.60 -25.07 2.10
C SER A 144 -20.19 -23.97 3.12
N MET A 145 -21.06 -22.99 3.35
CA MET A 145 -20.74 -22.01 4.38
C MET A 145 -20.90 -22.65 5.77
N VAL A 146 -22.00 -23.36 5.97
CA VAL A 146 -22.21 -24.06 7.22
C VAL A 146 -20.99 -24.90 7.55
N ALA A 147 -20.40 -25.49 6.50
CA ALA A 147 -19.27 -26.42 6.68
C ALA A 147 -17.97 -25.74 7.13
N MET A 148 -17.70 -24.56 6.56
CA MET A 148 -16.52 -23.79 6.93
C MET A 148 -16.63 -23.34 8.38
N PHE A 149 -17.81 -22.87 8.77
CA PHE A 149 -18.02 -22.50 10.15
C PHE A 149 -17.85 -23.67 11.09
N GLU A 150 -18.10 -24.89 10.58
CA GLU A 150 -17.85 -26.12 11.33
C GLU A 150 -16.36 -26.27 11.67
N ASN A 151 -15.51 -26.05 10.68
CA ASN A 151 -14.08 -26.12 10.90
C ASN A 151 -13.60 -25.00 11.85
N PHE A 152 -14.23 -23.83 11.74
CA PHE A 152 -13.94 -22.71 12.62
C PHE A 152 -14.15 -23.11 14.07
N VAL A 153 -15.34 -23.59 14.39
CA VAL A 153 -15.66 -23.84 15.76
C VAL A 153 -14.76 -24.97 16.26
N SER A 154 -14.32 -25.83 15.33
CA SER A 154 -13.49 -26.98 15.69
C SER A 154 -12.17 -26.51 16.25
N VAL A 155 -11.82 -25.26 15.99
CA VAL A 155 -10.62 -24.70 16.57
C VAL A 155 -10.71 -24.77 18.08
N THR A 156 -11.93 -24.71 18.61
CA THR A 156 -12.11 -24.89 20.04
C THR A 156 -11.59 -26.26 20.46
N GLN A 157 -11.19 -27.06 19.48
CA GLN A 157 -10.77 -28.44 19.76
C GLN A 157 -9.26 -28.66 19.84
N GLU A 158 -8.49 -27.83 19.14
CA GLU A 158 -7.05 -28.01 19.12
C GLU A 158 -6.55 -28.11 20.55
N GLU A 159 -5.45 -28.83 20.76
CA GLU A 159 -4.85 -28.95 22.08
C GLU A 159 -3.69 -27.97 22.19
N ASP A 160 -3.41 -27.49 23.40
CA ASP A 160 -2.24 -26.66 23.60
C ASP A 160 -2.21 -25.42 22.73
N VAL A 161 -3.34 -24.71 22.62
CA VAL A 161 -3.39 -23.43 21.93
C VAL A 161 -4.15 -22.42 22.78
N PRO A 162 -3.79 -21.12 22.65
CA PRO A 162 -4.33 -20.03 23.45
C PRO A 162 -5.85 -19.84 23.33
N GLN A 163 -6.49 -19.45 24.43
CA GLN A 163 -7.91 -19.17 24.44
C GLN A 163 -8.22 -18.08 23.39
N VAL A 164 -7.36 -17.07 23.26
CA VAL A 164 -7.60 -15.99 22.29
C VAL A 164 -7.67 -16.52 20.85
N ARG A 165 -7.00 -17.65 20.57
CA ARG A 165 -7.09 -18.24 19.22
C ARG A 165 -8.45 -18.89 18.99
N ARG A 166 -8.83 -19.79 19.90
CA ARG A 166 -10.14 -20.40 19.87
C ARG A 166 -11.20 -19.28 19.77
N ASP A 167 -11.03 -18.28 20.65
CA ASP A 167 -11.96 -17.17 20.77
C ASP A 167 -12.25 -16.50 19.44
N TRP A 168 -11.19 -16.18 18.68
CA TRP A 168 -11.35 -15.46 17.44
C TRP A 168 -12.27 -16.21 16.49
N TYR A 169 -11.88 -17.44 16.18
CA TYR A 169 -12.64 -18.27 15.26
C TYR A 169 -14.11 -18.33 15.64
N VAL A 170 -14.40 -18.49 16.93
CA VAL A 170 -15.77 -18.45 17.41
C VAL A 170 -16.41 -17.09 17.10
N TYR A 171 -15.69 -16.02 17.41
CA TYR A 171 -16.14 -14.67 17.11
C TYR A 171 -16.43 -14.41 15.63
N ALA A 172 -15.52 -14.82 14.75
CA ALA A 172 -15.73 -14.63 13.32
C ALA A 172 -17.02 -15.34 12.88
N PHE A 173 -17.32 -16.48 13.51
CA PHE A 173 -18.51 -17.25 13.17
C PHE A 173 -19.77 -16.58 13.68
N LEU A 174 -19.87 -16.42 14.99
CA LEU A 174 -21.07 -15.78 15.56
C LEU A 174 -21.30 -14.42 14.94
N SER A 175 -20.20 -13.75 14.62
CA SER A 175 -20.21 -12.39 14.01
C SER A 175 -20.97 -12.30 12.73
N SER A 176 -20.96 -13.39 11.98
CA SER A 176 -21.50 -13.39 10.63
C SER A 176 -23.00 -13.61 10.64
N LEU A 177 -23.51 -14.14 11.75
CA LEU A 177 -24.88 -14.64 11.80
C LEU A 177 -25.97 -13.59 11.58
N PRO A 178 -25.73 -12.34 12.00
CA PRO A 178 -26.74 -11.31 11.73
C PRO A 178 -26.97 -11.13 10.23
N TRP A 179 -25.97 -11.45 9.41
CA TRP A 179 -26.11 -11.36 7.94
C TRP A 179 -26.68 -12.64 7.32
N VAL A 180 -26.27 -13.79 7.81
CA VAL A 180 -26.60 -15.06 7.17
C VAL A 180 -27.23 -16.10 8.11
N GLY A 181 -27.58 -15.69 9.33
CA GLY A 181 -28.19 -16.58 10.29
C GLY A 181 -29.44 -17.25 9.75
N LYS A 182 -30.25 -16.49 9.05
CA LYS A 182 -31.53 -16.99 8.56
C LYS A 182 -31.33 -18.07 7.52
N GLU A 183 -30.51 -17.77 6.51
CA GLU A 183 -30.24 -18.71 5.42
C GLU A 183 -29.62 -20.01 5.90
N LEU A 184 -28.59 -19.90 6.72
CA LEU A 184 -27.92 -21.09 7.20
C LEU A 184 -28.84 -22.00 8.03
N TYR A 185 -29.74 -21.41 8.79
CA TYR A 185 -30.64 -22.16 9.65
C TYR A 185 -31.81 -22.71 8.86
N GLU A 186 -32.15 -22.04 7.76
CA GLU A 186 -33.21 -22.50 6.88
C GLU A 186 -32.80 -23.81 6.18
N LYS A 187 -31.58 -23.81 5.64
CA LYS A 187 -31.09 -24.94 4.87
C LYS A 187 -30.57 -26.09 5.72
N LYS A 188 -30.00 -25.77 6.90
CA LYS A 188 -29.30 -26.78 7.68
C LYS A 188 -29.54 -26.66 9.19
N ASP A 189 -30.80 -26.66 9.61
CA ASP A 189 -31.15 -26.31 10.99
C ASP A 189 -30.66 -27.32 12.03
N ALA A 190 -30.74 -28.60 11.72
CA ALA A 190 -30.22 -29.63 12.62
C ALA A 190 -28.71 -29.47 12.82
N GLU A 191 -27.98 -29.28 11.72
CA GLU A 191 -26.54 -29.11 11.81
C GLU A 191 -26.11 -27.76 12.48
N MET A 192 -26.91 -26.71 12.32
CA MET A 192 -26.62 -25.44 13.00
C MET A 192 -26.83 -25.57 14.51
N ASP A 193 -27.84 -26.37 14.89
CA ASP A 193 -28.13 -26.57 16.31
C ASP A 193 -26.95 -27.26 16.96
N ARG A 194 -26.31 -28.14 16.19
CA ARG A 194 -25.13 -28.87 16.64
C ARG A 194 -23.96 -27.94 16.92
N ILE A 195 -23.69 -27.02 16.00
CA ILE A 195 -22.54 -26.12 16.17
C ILE A 195 -22.76 -25.16 17.33
N PHE A 196 -24.00 -24.73 17.50
CA PHE A 196 -24.41 -23.95 18.65
C PHE A 196 -24.25 -24.69 19.98
N ALA A 197 -24.44 -26.01 19.95
CA ALA A 197 -24.14 -26.86 21.11
C ALA A 197 -22.65 -26.85 21.43
N ASN A 198 -21.82 -27.17 20.43
CA ASN A 198 -20.38 -27.12 20.60
C ASN A 198 -19.93 -25.75 21.09
N THR A 199 -20.30 -24.71 20.33
CA THR A 199 -19.95 -23.35 20.64
C THR A 199 -20.31 -23.01 22.07
N GLU A 200 -21.53 -23.37 22.45
CA GLU A 200 -22.02 -23.02 23.77
C GLU A 200 -21.20 -23.65 24.88
N SER A 201 -20.91 -24.93 24.71
CA SER A 201 -20.17 -25.66 25.73
C SER A 201 -18.82 -24.99 25.90
N TYR A 202 -18.25 -24.55 24.79
CA TYR A 202 -16.98 -23.83 24.85
C TYR A 202 -17.07 -22.50 25.60
N LEU A 203 -18.10 -21.70 25.34
CA LEU A 203 -18.25 -20.42 26.03
C LEU A 203 -18.31 -20.62 27.54
N LYS A 204 -19.10 -21.60 27.96
CA LYS A 204 -19.20 -21.99 29.37
C LYS A 204 -17.85 -22.41 29.95
N ARG A 205 -16.94 -22.90 29.09
CA ARG A 205 -15.65 -23.42 29.56
C ARG A 205 -14.61 -22.32 29.68
N ARG A 206 -14.77 -21.26 28.89
CA ARG A 206 -13.77 -20.22 28.82
C ARG A 206 -13.47 -19.64 30.20
N GLN A 207 -12.28 -19.11 30.34
CA GLN A 207 -11.94 -18.35 31.52
C GLN A 207 -12.22 -16.86 31.34
N LYS A 208 -12.54 -16.21 32.44
CA LYS A 208 -12.88 -14.79 32.45
C LYS A 208 -11.86 -13.99 33.23
N THR A 209 -10.64 -14.50 33.32
CA THR A 209 -9.58 -13.87 34.10
C THR A 209 -9.30 -12.43 33.61
N HIS A 210 -9.49 -12.19 32.32
CA HIS A 210 -9.23 -10.86 31.74
C HIS A 210 -10.26 -9.82 32.13
N VAL A 211 -11.46 -10.24 32.49
CA VAL A 211 -12.56 -9.28 32.55
C VAL A 211 -12.34 -8.06 33.45
N PRO A 212 -11.88 -8.26 34.70
CA PRO A 212 -11.66 -7.12 35.60
C PRO A 212 -10.59 -6.15 35.09
N MET A 213 -9.66 -6.62 34.28
CA MET A 213 -8.66 -5.70 33.78
C MET A 213 -9.21 -4.78 32.68
N LEU A 214 -10.29 -5.21 32.03
CA LEU A 214 -10.75 -4.56 30.82
C LEU A 214 -12.08 -3.80 30.93
N GLN A 215 -12.82 -3.98 32.02
CA GLN A 215 -14.09 -3.27 32.17
C GLN A 215 -13.86 -1.76 32.42
N VAL A 216 -14.76 -0.92 31.91
CA VAL A 216 -14.64 0.50 32.19
C VAL A 216 -15.19 0.81 33.58
N TRP A 217 -16.24 0.07 33.94
CA TRP A 217 -16.84 0.10 35.27
C TRP A 217 -16.89 -1.31 35.84
N THR A 218 -16.69 -1.46 37.15
CA THR A 218 -16.92 -2.76 37.79
C THR A 218 -18.36 -2.96 38.25
N ALA A 219 -19.06 -1.85 38.49
CA ALA A 219 -20.43 -1.93 38.98
C ALA A 219 -21.33 -2.66 37.99
N ASP A 220 -22.33 -3.34 38.50
CA ASP A 220 -23.23 -4.10 37.66
C ASP A 220 -24.39 -3.27 37.12
N LYS A 221 -24.63 -2.12 37.74
CA LYS A 221 -25.78 -1.29 37.41
C LYS A 221 -25.34 0.16 37.19
N PRO A 222 -26.06 0.88 36.31
CA PRO A 222 -27.23 0.40 35.58
C PRO A 222 -26.93 -0.54 34.40
N HIS A 223 -25.68 -0.69 34.01
CA HIS A 223 -25.35 -1.50 32.83
C HIS A 223 -24.13 -2.37 33.08
N PRO A 224 -24.26 -3.71 32.96
CA PRO A 224 -23.07 -4.53 33.09
C PRO A 224 -22.19 -4.42 31.83
N GLN A 225 -20.88 -4.45 32.03
CA GLN A 225 -19.93 -4.37 30.95
C GLN A 225 -19.55 -5.80 30.66
N GLU A 226 -20.16 -6.37 29.64
CA GLU A 226 -20.07 -7.80 29.44
C GLU A 226 -18.87 -8.17 28.61
N GLU A 227 -18.28 -9.31 28.94
CA GLU A 227 -17.21 -9.89 28.14
C GLU A 227 -17.76 -10.01 26.70
N TYR A 228 -16.92 -9.82 25.69
CA TYR A 228 -17.43 -9.68 24.33
C TYR A 228 -18.11 -10.92 23.74
N LEU A 229 -17.74 -12.11 24.18
CA LEU A 229 -18.35 -13.29 23.57
C LEU A 229 -19.64 -13.68 24.25
N ASP A 230 -19.68 -13.51 25.56
CA ASP A 230 -20.88 -13.80 26.32
C ASP A 230 -21.98 -12.91 25.76
N CYS A 231 -21.65 -11.65 25.52
CA CYS A 231 -22.60 -10.70 25.02
C CYS A 231 -23.10 -11.05 23.62
N LEU A 232 -22.18 -11.39 22.72
CA LEU A 232 -22.52 -11.67 21.33
C LEU A 232 -23.41 -12.90 21.25
N TRP A 233 -23.12 -13.88 22.11
CA TRP A 233 -23.88 -15.12 22.18
C TRP A 233 -25.31 -14.87 22.65
N ALA A 234 -25.50 -13.95 23.58
CA ALA A 234 -26.87 -13.61 23.99
C ALA A 234 -27.62 -12.92 22.84
N GLN A 235 -26.89 -12.10 22.08
CA GLN A 235 -27.46 -11.39 20.93
C GLN A 235 -27.88 -12.38 19.86
N ILE A 236 -27.02 -13.35 19.58
CA ILE A 236 -27.33 -14.40 18.61
C ILE A 236 -28.53 -15.24 19.10
N GLN A 237 -28.55 -15.53 20.39
CA GLN A 237 -29.63 -16.33 20.97
C GLN A 237 -30.94 -15.56 20.90
N LYS A 238 -30.88 -14.23 21.00
CA LYS A 238 -32.11 -13.45 20.86
C LYS A 238 -32.55 -13.42 19.40
N LEU A 239 -31.58 -13.40 18.48
CA LEU A 239 -31.84 -13.48 17.04
C LEU A 239 -32.52 -14.80 16.70
N LYS A 240 -32.07 -15.89 17.32
CA LYS A 240 -32.66 -17.19 17.07
C LYS A 240 -34.12 -17.28 17.54
N LYS A 241 -34.39 -16.74 18.72
CA LYS A 241 -35.76 -16.75 19.26
C LYS A 241 -36.67 -15.96 18.32
N ASP A 242 -36.10 -14.97 17.64
CA ASP A 242 -36.85 -14.08 16.74
C ASP A 242 -36.88 -14.62 15.33
N ARG A 243 -36.59 -15.91 15.17
CA ARG A 243 -36.70 -16.53 13.85
C ARG A 243 -35.73 -15.88 12.87
N TRP A 244 -34.60 -15.44 13.38
CA TRP A 244 -33.54 -14.89 12.53
C TRP A 244 -33.98 -13.67 11.72
N GLN A 245 -34.96 -12.96 12.26
CA GLN A 245 -35.38 -11.69 11.67
C GLN A 245 -34.75 -10.55 12.46
N GLU A 246 -33.99 -9.70 11.79
CA GLU A 246 -33.52 -8.46 12.40
C GLU A 246 -33.98 -7.25 11.58
N ARG A 247 -34.09 -6.09 12.25
CA ARG A 247 -34.72 -4.93 11.63
C ARG A 247 -33.81 -3.78 11.21
N HIS A 248 -32.49 -4.03 11.10
CA HIS A 248 -31.56 -2.95 10.83
C HIS A 248 -30.77 -3.01 9.53
N ILE A 249 -30.18 -4.16 9.23
CA ILE A 249 -29.27 -4.24 8.08
C ILE A 249 -29.94 -3.88 6.76
N LEU A 250 -29.26 -3.10 5.93
CA LEU A 250 -29.78 -2.80 4.58
C LEU A 250 -29.24 -3.80 3.60
N ARG A 251 -30.09 -4.33 2.73
CA ARG A 251 -29.70 -5.43 1.87
C ARG A 251 -30.14 -5.14 0.46
N PRO A 252 -29.33 -4.39 -0.28
CA PRO A 252 -29.76 -3.99 -1.64
C PRO A 252 -30.10 -5.20 -2.51
N TYR A 253 -29.53 -6.37 -2.22
CA TYR A 253 -29.84 -7.55 -3.03
C TYR A 253 -31.32 -7.97 -3.03
N LEU A 254 -32.06 -7.58 -2.02
CA LEU A 254 -33.49 -7.89 -1.97
C LEU A 254 -34.25 -7.26 -3.15
N ALA A 255 -33.68 -6.20 -3.73
CA ALA A 255 -34.29 -5.58 -4.90
C ALA A 255 -33.91 -6.30 -6.18
N PHE A 256 -33.01 -7.27 -6.10
CA PHE A 256 -32.59 -7.97 -7.30
C PHE A 256 -33.03 -9.42 -7.26
N ASP A 257 -34.10 -9.67 -6.51
CA ASP A 257 -34.66 -11.00 -6.34
C ASP A 257 -34.72 -11.69 -7.69
N SER A 258 -35.20 -10.99 -8.70
CA SER A 258 -35.37 -11.60 -9.99
C SER A 258 -34.06 -12.08 -10.59
N ILE A 259 -33.07 -11.20 -10.58
CA ILE A 259 -31.82 -11.48 -11.25
C ILE A 259 -31.05 -12.56 -10.50
N LEU A 260 -30.96 -12.39 -9.18
CA LEU A 260 -30.16 -13.25 -8.31
C LEU A 260 -30.71 -14.68 -8.20
N CYS A 261 -32.03 -14.83 -8.32
CA CYS A 261 -32.62 -16.16 -8.30
C CYS A 261 -32.28 -16.93 -9.56
N GLU A 262 -31.98 -16.21 -10.62
CA GLU A 262 -31.58 -16.84 -11.87
C GLU A 262 -30.17 -17.40 -11.78
N ALA A 263 -29.30 -16.75 -11.02
CA ALA A 263 -27.87 -17.09 -10.98
C ALA A 263 -27.56 -18.42 -10.28
N LEU A 264 -26.38 -18.98 -10.56
CA LEU A 264 -25.95 -20.21 -9.90
C LEU A 264 -24.81 -20.02 -8.89
N GLN A 265 -24.93 -20.77 -7.80
CA GLN A 265 -24.08 -20.59 -6.64
C GLN A 265 -22.75 -21.32 -6.78
N HIS A 266 -21.81 -21.00 -5.91
CA HIS A 266 -20.58 -21.76 -5.78
C HIS A 266 -20.47 -22.31 -4.37
N ASN A 267 -19.75 -23.43 -4.28
CA ASN A 267 -19.45 -24.07 -3.02
C ASN A 267 -18.08 -23.59 -2.55
N LEU A 268 -17.94 -23.35 -1.26
CA LEU A 268 -16.61 -23.07 -0.71
C LEU A 268 -15.90 -24.41 -0.56
N PRO A 269 -14.59 -24.45 -0.89
CA PRO A 269 -13.81 -25.66 -0.59
C PRO A 269 -13.76 -25.91 0.92
N PRO A 270 -13.48 -27.15 1.34
CA PRO A 270 -13.18 -27.31 2.76
C PRO A 270 -12.05 -26.38 3.20
N PHE A 271 -12.17 -25.80 4.39
CA PHE A 271 -11.20 -24.82 4.89
C PHE A 271 -10.46 -25.32 6.13
N THR A 272 -9.14 -25.44 6.03
CA THR A 272 -8.31 -25.79 7.17
C THR A 272 -7.83 -24.49 7.86
N PRO A 273 -8.31 -24.23 9.09
CA PRO A 273 -7.70 -23.09 9.75
C PRO A 273 -6.19 -23.30 9.81
N PRO A 274 -5.41 -22.30 9.37
CA PRO A 274 -3.94 -22.29 9.53
C PRO A 274 -3.52 -22.57 10.98
N PRO A 275 -2.72 -23.63 11.18
CA PRO A 275 -2.38 -24.02 12.54
C PRO A 275 -1.63 -22.92 13.30
N HIS A 276 -1.92 -22.82 14.60
CA HIS A 276 -1.19 -21.94 15.47
C HIS A 276 0.29 -22.22 15.35
N THR A 277 1.10 -21.18 15.21
CA THR A 277 2.54 -21.34 15.31
C THR A 277 3.05 -20.37 16.36
N GLU A 278 4.25 -20.64 16.88
CA GLU A 278 4.84 -19.78 17.90
C GLU A 278 4.80 -18.31 17.51
N ASP A 279 4.75 -18.04 16.21
CA ASP A 279 4.78 -16.66 15.70
C ASP A 279 3.40 -16.02 15.59
N SER A 280 2.33 -16.76 15.82
CA SER A 280 1.03 -16.16 15.60
C SER A 280 0.59 -15.23 16.73
N VAL A 281 -0.14 -14.19 16.36
CA VAL A 281 -0.57 -13.15 17.28
C VAL A 281 -2.06 -12.94 17.11
N TYR A 282 -2.83 -13.00 18.19
CA TYR A 282 -4.26 -12.91 18.07
C TYR A 282 -4.82 -11.67 18.77
N PRO A 283 -5.96 -11.17 18.32
CA PRO A 283 -6.60 -10.07 19.04
C PRO A 283 -6.81 -10.35 20.55
N MET A 284 -6.70 -9.30 21.34
CA MET A 284 -6.97 -9.41 22.75
C MET A 284 -8.47 -9.48 22.93
N PRO A 285 -8.93 -10.09 24.03
CA PRO A 285 -10.36 -10.10 24.33
C PRO A 285 -10.89 -8.73 24.62
N ARG A 286 -12.21 -8.57 24.59
CA ARG A 286 -12.80 -7.27 24.78
C ARG A 286 -13.98 -7.31 25.74
N VAL A 287 -14.32 -6.15 26.28
CA VAL A 287 -15.49 -5.96 27.10
C VAL A 287 -16.31 -4.90 26.41
N ILE A 288 -17.62 -5.13 26.33
CA ILE A 288 -18.50 -4.24 25.60
C ILE A 288 -18.85 -3.03 26.44
N PHE A 289 -18.47 -1.86 25.94
CA PHE A 289 -18.81 -0.60 26.55
C PHE A 289 -20.30 -0.39 26.43
N ARG A 290 -20.96 -0.06 27.53
CA ARG A 290 -22.40 0.16 27.51
C ARG A 290 -22.78 1.22 28.52
N MET A 291 -23.44 2.28 28.03
CA MET A 291 -23.97 3.33 28.92
C MET A 291 -25.41 3.74 28.60
N PHE A 292 -25.91 3.44 27.40
CA PHE A 292 -27.28 3.88 27.08
C PHE A 292 -28.31 2.74 27.02
N ASP A 293 -29.56 3.04 27.36
CA ASP A 293 -30.69 2.20 26.93
C ASP A 293 -31.87 3.09 26.51
N TYR A 294 -32.93 2.48 25.98
CA TYR A 294 -34.03 3.26 25.39
C TYR A 294 -34.59 4.31 26.36
N THR A 295 -34.48 4.06 27.67
CA THR A 295 -35.03 4.98 28.68
C THR A 295 -34.25 6.28 28.73
N ASP A 296 -33.02 6.26 28.22
CA ASP A 296 -32.20 7.44 28.08
C ASP A 296 -32.69 8.36 26.96
N ASP A 297 -33.48 7.82 26.03
CA ASP A 297 -34.00 8.59 24.91
C ASP A 297 -35.49 8.37 24.71
N PRO A 298 -36.30 8.77 25.68
CA PRO A 298 -37.76 8.56 25.60
C PRO A 298 -38.47 9.26 24.40
N GLU A 299 -37.89 10.32 23.87
CA GLU A 299 -38.50 11.06 22.76
C GLU A 299 -38.09 10.54 21.39
N GLY A 300 -37.05 9.70 21.34
CA GLY A 300 -36.48 9.26 20.07
C GLY A 300 -37.03 7.92 19.65
N PRO A 301 -36.61 7.43 18.48
CA PRO A 301 -37.05 6.07 18.13
C PRO A 301 -36.52 5.10 19.19
N VAL A 302 -37.24 4.02 19.45
CA VAL A 302 -36.84 3.09 20.51
C VAL A 302 -35.43 2.57 20.26
N MET A 303 -34.55 2.72 21.23
CA MET A 303 -33.17 2.25 21.05
C MET A 303 -33.08 0.70 21.06
N PRO A 304 -32.43 0.10 20.05
CA PRO A 304 -32.35 -1.37 20.14
C PRO A 304 -31.67 -1.78 21.45
N GLY A 305 -32.03 -2.93 22.00
CA GLY A 305 -31.48 -3.38 23.27
C GLY A 305 -30.03 -3.80 23.24
N SER A 306 -29.45 -3.89 24.44
CA SER A 306 -28.07 -4.35 24.65
C SER A 306 -27.82 -5.73 24.08
N HIS A 307 -28.87 -6.55 24.09
CA HIS A 307 -28.76 -7.94 23.64
C HIS A 307 -29.42 -8.18 22.30
N SER A 308 -29.49 -7.16 21.46
CA SER A 308 -30.03 -7.37 20.11
C SER A 308 -28.88 -7.31 19.11
N VAL A 309 -28.99 -8.03 18.01
CA VAL A 309 -27.97 -7.97 16.96
C VAL A 309 -27.95 -6.62 16.23
N GLU A 310 -29.02 -5.84 16.37
CA GLU A 310 -29.03 -4.53 15.77
C GLU A 310 -28.00 -3.66 16.49
N ARG A 311 -28.01 -3.72 17.81
CA ARG A 311 -27.11 -2.90 18.60
C ARG A 311 -25.68 -3.28 18.21
N PHE A 312 -25.45 -4.57 18.05
CA PHE A 312 -24.14 -5.05 17.63
C PHE A 312 -23.74 -4.54 16.25
N VAL A 313 -24.62 -4.63 15.28
CA VAL A 313 -24.29 -4.23 13.92
C VAL A 313 -24.04 -2.72 13.80
N ILE A 314 -25.00 -1.94 14.28
CA ILE A 314 -24.88 -0.49 14.36
C ILE A 314 -23.51 -0.06 14.91
N GLU A 315 -23.13 -0.63 16.05
CA GLU A 315 -21.91 -0.21 16.70
C GLU A 315 -20.69 -0.66 15.93
N GLU A 316 -20.74 -1.89 15.43
CA GLU A 316 -19.72 -2.39 14.55
C GLU A 316 -19.50 -1.47 13.34
N ASN A 317 -20.57 -1.07 12.66
CA ASN A 317 -20.40 -0.25 11.47
C ASN A 317 -19.84 1.15 11.77
N LEU A 318 -20.24 1.70 12.92
CA LEU A 318 -19.79 3.05 13.28
C LEU A 318 -18.30 3.00 13.67
N HIS A 319 -17.85 1.93 14.32
CA HIS A 319 -16.43 1.78 14.60
C HIS A 319 -15.65 1.68 13.30
N CYS A 320 -16.22 0.99 12.33
CA CYS A 320 -15.57 0.80 11.04
C CYS A 320 -15.55 2.10 10.26
N ILE A 321 -16.61 2.90 10.38
CA ILE A 321 -16.59 4.22 9.80
C ILE A 321 -15.45 5.08 10.32
N ILE A 322 -15.20 5.03 11.63
CA ILE A 322 -14.12 5.84 12.21
C ILE A 322 -12.77 5.31 11.76
N LYS A 323 -12.64 3.99 11.73
CA LYS A 323 -11.43 3.38 11.19
C LYS A 323 -11.12 3.82 9.74
N SER A 324 -12.13 3.98 8.91
CA SER A 324 -11.89 4.43 7.53
C SER A 324 -11.56 5.91 7.43
N HIS A 325 -12.06 6.72 8.35
CA HIS A 325 -11.97 8.18 8.17
C HIS A 325 -11.37 8.97 9.32
N TRP A 326 -10.73 8.28 10.28
CA TRP A 326 -10.24 8.96 11.49
C TRP A 326 -9.23 10.10 11.24
N LYS A 327 -8.47 10.00 10.15
CA LYS A 327 -7.47 11.01 9.86
C LYS A 327 -8.06 12.33 9.38
N GLU A 328 -9.33 12.28 8.95
CA GLU A 328 -9.98 13.45 8.35
CA GLU A 328 -9.99 13.43 8.34
C GLU A 328 -11.30 13.73 9.07
N ARG A 329 -11.24 14.56 10.09
CA ARG A 329 -12.34 14.67 11.03
C ARG A 329 -13.69 15.14 10.46
N LYS A 330 -13.65 16.08 9.51
CA LYS A 330 -14.88 16.58 8.91
C LYS A 330 -15.60 15.46 8.17
N THR A 331 -14.87 14.74 7.32
CA THR A 331 -15.38 13.57 6.59
C THR A 331 -15.84 12.48 7.55
N CYS A 332 -15.03 12.21 8.58
CA CYS A 332 -15.41 11.24 9.60
C CYS A 332 -16.77 11.61 10.20
N ALA A 333 -16.89 12.85 10.68
CA ALA A 333 -18.18 13.27 11.24
C ALA A 333 -19.34 13.15 10.22
N ALA A 334 -19.09 13.51 8.98
CA ALA A 334 -20.11 13.47 7.95
C ALA A 334 -20.61 12.03 7.70
N GLN A 335 -19.68 11.09 7.60
CA GLN A 335 -20.02 9.68 7.39
C GLN A 335 -20.79 9.09 8.55
N LEU A 336 -20.46 9.52 9.76
CA LEU A 336 -21.12 9.00 10.94
C LEU A 336 -22.56 9.45 10.90
N VAL A 337 -22.79 10.74 10.64
CA VAL A 337 -24.14 11.32 10.66
C VAL A 337 -25.05 10.83 9.52
N SER A 338 -24.46 10.43 8.42
CA SER A 338 -25.24 9.92 7.29
C SER A 338 -25.38 8.39 7.31
N TYR A 339 -25.02 7.74 8.42
CA TYR A 339 -25.17 6.30 8.54
C TYR A 339 -26.64 5.88 8.43
N PRO A 340 -26.92 4.99 7.47
CA PRO A 340 -28.30 4.64 7.14
C PRO A 340 -28.74 3.37 7.84
N GLY A 341 -30.03 3.08 7.85
CA GLY A 341 -30.52 1.82 8.40
C GLY A 341 -31.91 1.48 7.89
N LYS A 342 -32.33 0.23 8.08
CA LYS A 342 -33.62 -0.20 7.60
C LYS A 342 -34.75 0.46 8.38
N ASN A 343 -34.57 0.64 9.68
CA ASN A 343 -35.56 1.34 10.49
C ASN A 343 -34.93 2.52 11.22
N LYS A 344 -35.75 3.43 11.74
CA LYS A 344 -35.22 4.60 12.47
C LYS A 344 -34.58 4.18 13.78
N ILE A 345 -33.42 4.75 14.07
CA ILE A 345 -32.72 4.50 15.31
C ILE A 345 -32.23 5.84 15.82
N PRO A 346 -31.96 5.95 17.13
CA PRO A 346 -31.45 7.18 17.75
C PRO A 346 -29.96 7.34 17.47
N LEU A 347 -29.63 7.78 16.26
CA LEU A 347 -28.26 7.76 15.76
C LEU A 347 -27.30 8.55 16.62
N ASN A 348 -27.73 9.73 17.05
CA ASN A 348 -26.92 10.58 17.92
C ASN A 348 -26.46 9.92 19.20
N TYR A 349 -27.29 9.06 19.80
CA TYR A 349 -26.90 8.30 20.99
C TYR A 349 -25.90 7.23 20.61
N HIS A 350 -26.10 6.58 19.48
CA HIS A 350 -25.17 5.53 19.07
C HIS A 350 -23.80 6.09 18.75
N ILE A 351 -23.77 7.23 18.07
CA ILE A 351 -22.51 7.85 17.71
C ILE A 351 -21.74 8.23 18.98
N VAL A 352 -22.44 8.85 19.92
CA VAL A 352 -21.79 9.32 21.13
C VAL A 352 -21.31 8.13 21.96
N GLU A 353 -22.09 7.06 21.96
CA GLU A 353 -21.73 5.88 22.71
C GLU A 353 -20.49 5.16 22.17
N VAL A 354 -20.37 5.07 20.84
CA VAL A 354 -19.28 4.41 20.13
C VAL A 354 -17.95 5.16 20.25
N ILE A 355 -18.03 6.48 20.16
CA ILE A 355 -16.89 7.34 20.44
C ILE A 355 -16.34 7.11 21.88
N PHE A 356 -17.22 7.09 22.87
CA PHE A 356 -16.73 6.84 24.25
C PHE A 356 -16.28 5.41 24.38
N ALA A 357 -16.95 4.50 23.68
CA ALA A 357 -16.49 3.12 23.67
C ALA A 357 -15.02 3.13 23.23
N GLU A 358 -14.71 3.89 22.19
CA GLU A 358 -13.33 3.93 21.68
C GLU A 358 -12.31 4.61 22.65
N LEU A 359 -12.64 5.80 23.15
CA LEU A 359 -11.78 6.54 24.06
C LEU A 359 -11.49 5.80 25.37
N PHE A 360 -12.49 5.08 25.88
CA PHE A 360 -12.35 4.35 27.14
C PHE A 360 -11.91 2.89 26.98
N GLN A 361 -11.64 2.44 25.76
CA GLN A 361 -11.28 1.04 25.56
C GLN A 361 -9.98 0.65 26.28
N LEU A 362 -9.99 -0.51 26.94
CA LEU A 362 -8.79 -1.03 27.54
C LEU A 362 -8.33 -2.19 26.71
N PRO A 363 -7.02 -2.30 26.47
CA PRO A 363 -5.96 -1.48 27.06
C PRO A 363 -5.91 -0.05 26.55
N ALA A 364 -6.16 0.16 25.25
CA ALA A 364 -5.96 1.47 24.61
C ALA A 364 -6.99 1.77 23.50
N PRO A 365 -7.26 3.07 23.26
CA PRO A 365 -8.17 3.41 22.14
C PRO A 365 -7.56 3.00 20.81
N PRO A 366 -8.41 2.79 19.79
CA PRO A 366 -7.88 2.47 18.46
C PRO A 366 -7.02 3.61 17.91
N HIS A 367 -7.30 4.86 18.30
CA HIS A 367 -6.54 6.00 17.76
C HIS A 367 -6.15 6.97 18.85
N ILE A 368 -5.22 7.87 18.52
CA ILE A 368 -4.75 8.88 19.46
C ILE A 368 -5.93 9.58 20.16
N ASP A 369 -5.87 9.64 21.49
CA ASP A 369 -6.94 10.17 22.34
C ASP A 369 -7.52 11.50 21.85
N VAL A 370 -6.66 12.42 21.43
CA VAL A 370 -7.08 13.76 21.10
C VAL A 370 -8.04 13.80 19.89
N MET A 371 -8.00 12.79 19.03
CA MET A 371 -8.84 12.78 17.85
C MET A 371 -10.31 12.77 18.28
N TYR A 372 -10.61 11.98 19.31
CA TYR A 372 -12.00 11.87 19.79
C TYR A 372 -12.56 13.19 20.23
N THR A 373 -11.71 14.04 20.80
CA THR A 373 -12.15 15.35 21.24
C THR A 373 -12.56 16.23 20.07
N THR A 374 -11.69 16.29 19.05
CA THR A 374 -11.95 17.15 17.90
C THR A 374 -13.08 16.54 17.03
N LEU A 375 -13.15 15.22 16.96
CA LEU A 375 -14.27 14.57 16.29
C LEU A 375 -15.61 14.99 16.92
N LEU A 376 -15.73 14.92 18.24
CA LEU A 376 -17.02 15.23 18.89
C LEU A 376 -17.38 16.70 18.71
N ILE A 377 -16.34 17.53 18.64
CA ILE A 377 -16.54 18.95 18.36
C ILE A 377 -17.08 19.15 16.93
N GLU A 378 -16.56 18.41 15.97
CA GLU A 378 -17.01 18.48 14.58
C GLU A 378 -18.47 18.02 14.50
N LEU A 379 -18.83 17.01 15.27
CA LEU A 379 -20.19 16.51 15.26
C LEU A 379 -21.13 17.54 15.87
N CYS A 380 -20.68 18.25 16.90
CA CYS A 380 -21.48 19.34 17.46
C CYS A 380 -21.73 20.48 16.46
N LYS A 381 -20.74 20.83 15.62
CA LYS A 381 -20.98 21.82 14.56
C LYS A 381 -21.92 21.29 13.48
N LEU A 382 -21.77 20.02 13.13
CA LEU A 382 -22.58 19.42 12.10
C LEU A 382 -24.05 19.27 12.50
N GLN A 383 -24.31 18.80 13.72
CA GLN A 383 -25.67 18.58 14.20
C GLN A 383 -25.95 19.50 15.37
N PRO A 384 -25.96 20.82 15.13
CA PRO A 384 -25.94 21.71 16.28
C PRO A 384 -27.27 21.70 17.02
N GLY A 385 -28.33 21.27 16.34
CA GLY A 385 -29.68 21.30 16.90
C GLY A 385 -30.01 20.09 17.78
N SER A 386 -29.21 19.04 17.72
CA SER A 386 -29.59 17.81 18.44
C SER A 386 -28.44 17.08 19.14
N LEU A 387 -27.20 17.19 18.66
CA LEU A 387 -26.09 16.40 19.23
C LEU A 387 -25.49 16.95 20.55
N PRO A 388 -25.41 18.27 20.71
CA PRO A 388 -24.81 18.76 21.97
C PRO A 388 -25.56 18.32 23.23
N GLN A 389 -26.90 18.25 23.15
CA GLN A 389 -27.72 17.84 24.28
C GLN A 389 -27.47 16.40 24.66
N VAL A 390 -27.33 15.56 23.65
CA VAL A 390 -26.94 14.18 23.86
C VAL A 390 -25.57 14.11 24.53
N LEU A 391 -24.63 14.97 24.13
CA LEU A 391 -23.29 14.87 24.68
C LEU A 391 -23.28 15.36 26.13
N ALA A 392 -24.11 16.35 26.44
CA ALA A 392 -24.17 16.90 27.78
C ALA A 392 -24.76 15.83 28.70
N GLN A 393 -25.86 15.25 28.24
CA GLN A 393 -26.49 14.17 28.96
C GLN A 393 -25.48 13.04 29.22
N ALA A 394 -24.76 12.64 28.17
CA ALA A 394 -23.79 11.56 28.33
C ALA A 394 -22.71 11.89 29.38
N THR A 395 -22.30 13.14 29.41
CA THR A 395 -21.34 13.63 30.36
C THR A 395 -21.91 13.53 31.80
N GLU A 396 -23.16 13.92 31.96
CA GLU A 396 -23.79 13.87 33.27
C GLU A 396 -23.85 12.40 33.74
N MET A 397 -24.01 11.47 32.80
CA MET A 397 -24.05 10.04 33.11
C MET A 397 -22.67 9.47 33.46
N LEU A 398 -21.63 9.87 32.72
CA LEU A 398 -20.29 9.40 33.04
C LEU A 398 -19.90 9.87 34.46
N TYR A 399 -20.24 11.12 34.76
CA TYR A 399 -19.97 11.66 36.07
C TYR A 399 -20.62 10.80 37.17
N MET A 400 -21.92 10.52 37.03
CA MET A 400 -22.68 9.87 38.10
C MET A 400 -22.21 8.46 38.34
N ARG A 401 -21.49 7.90 37.38
CA ARG A 401 -21.05 6.52 37.48
C ARG A 401 -19.55 6.45 37.73
N LEU A 402 -18.95 7.56 38.17
CA LEU A 402 -17.50 7.64 38.44
C LEU A 402 -17.00 6.59 39.44
N ASP A 403 -17.84 6.20 40.38
CA ASP A 403 -17.36 5.37 41.49
C ASP A 403 -16.65 4.04 41.14
N THR A 404 -17.08 3.32 40.11
CA THR A 404 -16.38 2.09 39.79
C THR A 404 -15.65 2.17 38.44
N MET A 405 -15.50 3.38 37.93
CA MET A 405 -14.78 3.57 36.70
C MET A 405 -13.29 3.30 36.87
N ASN A 406 -12.76 2.50 35.98
CA ASN A 406 -11.33 2.23 35.97
C ASN A 406 -10.49 3.52 35.86
N THR A 407 -9.47 3.59 36.72
CA THR A 407 -8.57 4.72 36.78
C THR A 407 -8.05 5.20 35.43
N THR A 408 -7.67 4.28 34.57
CA THR A 408 -7.10 4.62 33.29
C THR A 408 -8.15 5.38 32.49
N CYS A 409 -9.39 4.89 32.49
CA CYS A 409 -10.46 5.60 31.79
C CYS A 409 -10.75 6.93 32.41
N VAL A 410 -10.64 7.02 33.74
CA VAL A 410 -10.96 8.27 34.42
C VAL A 410 -10.00 9.38 33.96
N ASP A 411 -8.73 9.03 33.81
CA ASP A 411 -7.73 9.94 33.28
C ASP A 411 -8.17 10.52 31.92
N ARG A 412 -8.55 9.64 31.00
CA ARG A 412 -9.06 10.00 29.67
C ARG A 412 -10.33 10.87 29.70
N PHE A 413 -11.21 10.60 30.65
CA PHE A 413 -12.45 11.34 30.82
C PHE A 413 -12.08 12.75 31.27
N ILE A 414 -11.10 12.83 32.15
CA ILE A 414 -10.62 14.10 32.66
C ILE A 414 -9.99 14.92 31.55
N ASN A 415 -9.16 14.27 30.75
CA ASN A 415 -8.44 14.99 29.71
C ASN A 415 -9.40 15.38 28.61
N TRP A 416 -10.39 14.55 28.33
CA TRP A 416 -11.36 14.90 27.30
C TRP A 416 -12.22 16.08 27.70
N PHE A 417 -12.78 16.01 28.90
CA PHE A 417 -13.80 16.94 29.31
C PHE A 417 -13.24 18.36 29.47
N SER A 418 -12.05 18.44 30.04
CA SER A 418 -11.44 19.73 30.26
C SER A 418 -11.05 20.35 28.92
N HIS A 419 -10.51 19.53 28.02
CA HIS A 419 -10.12 20.03 26.71
C HIS A 419 -11.36 20.45 25.92
N HIS A 420 -12.42 19.66 25.97
CA HIS A 420 -13.70 20.07 25.39
C HIS A 420 -14.17 21.42 25.92
N LEU A 421 -14.21 21.55 27.25
CA LEU A 421 -14.67 22.78 27.86
C LEU A 421 -13.83 23.97 27.41
N SER A 422 -12.51 23.76 27.21
CA SER A 422 -11.69 24.89 26.81
C SER A 422 -12.11 25.44 25.43
N ASN A 423 -12.77 24.61 24.65
CA ASN A 423 -13.27 25.00 23.36
C ASN A 423 -14.58 25.76 23.48
N PHE A 424 -15.17 25.81 24.67
CA PHE A 424 -16.49 26.47 24.83
C PHE A 424 -16.55 27.38 26.02
N GLN A 425 -15.55 28.25 26.13
CA GLN A 425 -15.42 29.18 27.24
C GLN A 425 -15.55 28.51 28.63
N PHE A 426 -15.36 27.20 28.69
CA PHE A 426 -15.42 26.52 29.98
C PHE A 426 -16.81 26.52 30.60
N ARG A 427 -17.84 26.66 29.76
CA ARG A 427 -19.24 26.68 30.22
C ARG A 427 -19.75 25.31 30.67
N TRP A 428 -20.10 25.21 31.93
CA TRP A 428 -20.58 23.96 32.47
C TRP A 428 -21.35 24.26 33.74
N SER A 429 -22.38 23.47 34.00
CA SER A 429 -23.25 23.64 35.17
C SER A 429 -22.70 22.93 36.40
N TRP A 430 -21.73 23.55 37.05
CA TRP A 430 -21.05 22.90 38.16
C TRP A 430 -21.99 22.50 39.32
N GLU A 431 -22.99 23.32 39.62
CA GLU A 431 -23.91 22.98 40.71
C GLU A 431 -24.63 21.66 40.51
N ASP A 432 -24.75 21.19 39.27
CA ASP A 432 -25.28 19.85 39.04
C ASP A 432 -24.40 18.80 39.71
N TRP A 433 -23.17 19.17 40.05
CA TRP A 433 -22.22 18.19 40.59
C TRP A 433 -21.93 18.46 42.05
N SER A 434 -22.85 19.16 42.69
CA SER A 434 -22.77 19.49 44.11
C SER A 434 -22.66 18.29 45.05
N ASP A 435 -23.30 17.18 44.67
CA ASP A 435 -23.19 15.98 45.49
C ASP A 435 -21.73 15.79 45.94
N CYS A 436 -20.78 16.18 45.09
CA CYS A 436 -19.36 15.93 45.39
C CYS A 436 -18.79 16.75 46.54
N LEU A 437 -19.44 17.84 46.89
CA LEU A 437 -18.88 18.76 47.89
C LEU A 437 -18.87 18.22 49.32
N SER A 438 -19.76 17.26 49.60
CA SER A 438 -19.83 16.72 50.96
C SER A 438 -19.35 15.26 51.03
N GLN A 439 -18.67 14.80 49.99
CA GLN A 439 -18.05 13.48 50.02
C GLN A 439 -16.60 13.60 50.45
N ASP A 440 -16.05 12.52 50.97
CA ASP A 440 -14.62 12.42 51.19
C ASP A 440 -13.84 12.86 49.94
N PRO A 441 -12.94 13.85 50.07
CA PRO A 441 -12.18 14.42 48.95
C PRO A 441 -11.42 13.37 48.15
N GLU A 442 -11.22 12.19 48.73
CA GLU A 442 -10.44 11.10 48.11
C GLU A 442 -11.31 10.27 47.16
N SER A 443 -12.62 10.32 47.34
CA SER A 443 -13.53 9.52 46.50
C SER A 443 -13.62 10.03 45.07
N PRO A 444 -13.95 9.14 44.14
CA PRO A 444 -13.78 9.42 42.70
C PRO A 444 -14.37 10.76 42.19
N LYS A 445 -15.55 11.13 42.66
CA LYS A 445 -16.20 12.34 42.14
C LYS A 445 -15.50 13.65 42.46
N PRO A 446 -15.24 13.91 43.76
CA PRO A 446 -14.55 15.14 44.12
C PRO A 446 -13.13 15.13 43.57
N LYS A 447 -12.52 13.96 43.49
CA LYS A 447 -11.20 13.80 42.84
C LYS A 447 -11.25 14.19 41.37
N PHE A 448 -12.24 13.68 40.65
CA PHE A 448 -12.42 14.00 39.23
C PHE A 448 -12.58 15.51 39.04
N VAL A 449 -13.36 16.13 39.92
CA VAL A 449 -13.65 17.54 39.74
C VAL A 449 -12.40 18.36 39.97
N ARG A 450 -11.62 17.97 40.97
CA ARG A 450 -10.37 18.65 41.22
C ARG A 450 -9.41 18.53 40.04
N GLU A 451 -9.23 17.32 39.53
CA GLU A 451 -8.32 17.07 38.40
C GLU A 451 -8.79 17.81 37.14
N VAL A 452 -10.10 17.90 36.94
CA VAL A 452 -10.62 18.62 35.78
C VAL A 452 -10.29 20.11 35.88
N LEU A 453 -10.48 20.70 37.07
CA LEU A 453 -10.24 22.12 37.25
C LEU A 453 -8.75 22.47 37.08
N GLU A 454 -7.88 21.56 37.52
CA GLU A 454 -6.43 21.65 37.30
C GLU A 454 -6.09 21.63 35.79
N LYS A 455 -6.63 20.65 35.09
CA LYS A 455 -6.53 20.65 33.64
C LYS A 455 -7.06 21.92 32.98
N CYS A 456 -8.19 22.43 33.45
CA CYS A 456 -8.73 23.62 32.81
C CYS A 456 -7.80 24.79 33.03
N MET A 457 -7.12 24.80 34.20
CA MET A 457 -6.22 25.88 34.52
C MET A 457 -5.00 25.80 33.61
N ARG A 458 -4.55 24.59 33.32
CA ARG A 458 -3.42 24.44 32.41
C ARG A 458 -3.77 24.93 30.99
N LEU A 459 -5.06 24.90 30.63
CA LEU A 459 -5.43 25.46 29.34
C LEU A 459 -5.81 26.95 29.40
N SER A 460 -5.79 27.54 30.59
CA SER A 460 -5.97 28.98 30.69
C SER A 460 -5.05 29.57 31.76
N TYR A 461 -5.62 29.87 32.91
CA TYR A 461 -4.83 30.43 34.00
C TYR A 461 -5.65 30.45 35.30
N HIS A 462 -4.94 30.55 36.43
CA HIS A 462 -5.56 30.37 37.75
C HIS A 462 -6.84 31.16 37.99
N GLN A 463 -6.79 32.48 37.83
CA GLN A 463 -7.93 33.34 38.16
C GLN A 463 -9.17 33.01 37.31
N ARG A 464 -8.95 32.70 36.03
CA ARG A 464 -10.04 32.30 35.12
C ARG A 464 -10.88 31.20 35.78
N ILE A 465 -10.19 30.13 36.18
CA ILE A 465 -10.83 28.98 36.78
C ILE A 465 -11.58 29.31 38.08
N LEU A 466 -10.92 30.02 39.00
CA LEU A 466 -11.58 30.50 40.21
C LEU A 466 -12.86 31.28 39.87
N ASP A 467 -12.84 32.01 38.76
CA ASP A 467 -14.00 32.80 38.31
C ASP A 467 -15.16 32.01 37.69
N ILE A 468 -14.91 30.86 37.08
CA ILE A 468 -16.00 30.15 36.42
C ILE A 468 -16.73 29.16 37.34
N VAL A 469 -16.13 28.72 38.44
CA VAL A 469 -16.87 27.80 39.31
C VAL A 469 -17.68 28.55 40.35
N PRO A 470 -18.74 27.92 40.85
CA PRO A 470 -19.48 28.58 41.91
C PRO A 470 -18.60 28.74 43.15
N PRO A 471 -18.89 29.76 43.96
CA PRO A 471 -18.15 30.04 45.19
C PRO A 471 -17.95 28.78 46.02
N THR A 472 -18.97 27.93 46.07
CA THR A 472 -18.92 26.66 46.81
C THR A 472 -17.95 25.58 46.29
N PHE A 473 -17.33 25.80 45.12
CA PHE A 473 -16.35 24.85 44.57
C PHE A 473 -14.91 25.34 44.76
N SER A 474 -14.76 26.46 45.47
CA SER A 474 -13.45 27.06 45.66
C SER A 474 -12.48 26.08 46.31
N ALA A 475 -12.99 25.24 47.20
CA ALA A 475 -12.12 24.28 47.85
C ALA A 475 -11.56 23.30 46.83
N LEU A 476 -12.26 23.10 45.71
CA LEU A 476 -11.83 22.11 44.72
C LEU A 476 -10.97 22.75 43.65
N CYS A 477 -10.91 24.08 43.64
CA CYS A 477 -10.06 24.78 42.69
C CYS A 477 -8.61 24.50 42.94
N PRO A 478 -7.79 24.60 41.90
CA PRO A 478 -6.38 24.35 42.10
C PRO A 478 -5.65 25.53 42.75
N ALA A 479 -4.52 25.24 43.38
CA ALA A 479 -3.68 26.23 44.05
C ALA A 479 -3.05 27.21 43.05
N ASN A 480 -2.67 28.38 43.53
CA ASN A 480 -1.99 29.36 42.71
C ASN A 480 -0.60 28.80 42.43
N PRO A 481 -0.26 28.66 41.15
CA PRO A 481 0.97 27.96 40.85
C PRO A 481 2.25 28.77 41.09
N THR A 482 2.45 29.31 42.29
CA THR A 482 3.66 30.13 42.54
C THR A 482 4.78 29.26 43.05
N CYS A 483 6.02 29.70 42.94
CA CYS A 483 7.05 28.82 43.43
C CYS A 483 7.38 29.13 44.88
N ILE A 484 8.01 28.18 45.55
CA ILE A 484 8.35 28.34 46.96
C ILE A 484 9.85 28.44 47.08
N TYR A 485 10.33 29.59 47.54
CA TYR A 485 11.74 29.83 47.67
C TYR A 485 12.15 29.70 49.13
N LYS A 486 12.96 28.69 49.42
CA LYS A 486 13.32 28.36 50.79
C LYS A 486 14.09 29.46 51.50
N TYR A 487 14.86 30.24 50.74
CA TYR A 487 15.70 31.30 51.33
C TYR A 487 15.18 32.71 51.03
N GLY A 488 13.88 32.81 50.80
CA GLY A 488 13.26 34.06 50.42
C GLY A 488 13.43 35.13 51.47
N ASP A 489 12.39 35.90 51.73
CA ASP A 489 12.48 36.96 52.72
C ASP A 489 12.02 36.52 54.11
N GLU A 490 11.78 35.22 54.29
CA GLU A 490 11.48 34.71 55.62
C GLU A 490 12.70 34.76 56.54
N SER A 491 12.61 35.63 57.54
CA SER A 491 13.75 36.01 58.40
C SER A 491 14.58 34.85 58.95
N SER A 492 14.72 33.76 58.19
CA SER A 492 15.41 32.58 58.71
C SER A 492 16.91 32.53 58.33
N ASN A 493 17.67 33.46 58.88
CA ASN A 493 19.10 33.56 58.64
C ASN A 493 19.84 32.36 59.21
N SER A 494 19.14 31.57 60.02
CA SER A 494 19.74 30.47 60.76
C SER A 494 19.68 29.16 60.00
N LEU A 495 19.02 29.15 58.84
CA LEU A 495 18.99 27.97 58.00
C LEU A 495 20.41 27.67 57.51
N PRO A 496 20.75 26.39 57.38
CA PRO A 496 22.06 26.03 56.88
C PRO A 496 22.22 26.55 55.46
N GLY A 497 23.37 27.12 55.16
CA GLY A 497 23.66 27.60 53.80
C GLY A 497 22.91 28.87 53.41
N HIS A 498 22.23 29.46 54.37
CA HIS A 498 21.51 30.70 54.12
C HIS A 498 22.37 31.74 53.39
N SER A 499 23.58 31.99 53.89
CA SER A 499 24.44 33.02 53.31
C SER A 499 25.07 32.60 51.97
N VAL A 500 25.30 31.31 51.78
CA VAL A 500 25.70 30.79 50.48
C VAL A 500 24.57 31.04 49.48
N ALA A 501 23.33 30.84 49.91
CA ALA A 501 22.18 31.13 49.02
C ALA A 501 22.14 32.60 48.61
N LEU A 502 22.49 33.50 49.53
CA LEU A 502 22.50 34.92 49.20
C LEU A 502 23.57 35.24 48.16
N CYS A 503 24.77 34.66 48.34
CA CYS A 503 25.86 34.83 47.37
C CYS A 503 25.45 34.33 46.00
N LEU A 504 24.82 33.16 45.97
CA LEU A 504 24.37 32.57 44.73
C LEU A 504 23.42 33.49 44.01
N ALA A 505 22.40 33.97 44.73
CA ALA A 505 21.42 34.90 44.15
C ALA A 505 22.10 36.13 43.56
N VAL A 506 22.92 36.81 44.34
CA VAL A 506 23.65 37.96 43.85
C VAL A 506 24.48 37.60 42.59
N ALA A 507 25.15 36.46 42.62
CA ALA A 507 25.96 36.06 41.48
C ALA A 507 25.10 35.77 40.21
N PHE A 508 23.96 35.08 40.37
CA PHE A 508 23.06 34.81 39.23
C PHE A 508 22.51 36.08 38.62
N LYS A 509 22.14 37.04 39.46
CA LYS A 509 21.52 38.29 39.03
C LYS A 509 22.49 39.17 38.26
N SER A 510 23.78 39.10 38.57
CA SER A 510 24.75 39.80 37.73
C SER A 510 25.33 38.90 36.61
N LYS A 511 24.72 37.74 36.42
CA LYS A 511 25.07 36.88 35.29
C LYS A 511 26.28 36.04 35.62
N ALA A 512 26.07 34.78 35.97
CA ALA A 512 27.19 34.01 36.49
C ALA A 512 27.68 32.97 35.48
N THR A 513 28.95 32.59 35.62
CA THR A 513 29.46 31.41 34.91
C THR A 513 29.45 30.22 35.84
N ASN A 514 29.52 29.03 35.23
CA ASN A 514 29.65 27.79 35.98
C ASN A 514 30.83 27.80 36.97
N ASP A 515 31.96 28.36 36.58
CA ASP A 515 33.12 28.28 37.45
C ASP A 515 32.87 29.16 38.65
N GLU A 516 32.15 30.25 38.41
CA GLU A 516 31.86 31.18 39.47
C GLU A 516 30.89 30.57 40.48
N ILE A 517 29.87 29.89 39.98
CA ILE A 517 28.91 29.20 40.82
C ILE A 517 29.59 28.08 41.60
N PHE A 518 30.42 27.28 40.93
CA PHE A 518 31.20 26.24 41.62
C PHE A 518 32.00 26.84 42.78
N SER A 519 32.60 28.01 42.54
CA SER A 519 33.43 28.68 43.55
C SER A 519 32.66 29.01 44.81
N ILE A 520 31.43 29.50 44.63
CA ILE A 520 30.64 29.92 45.76
C ILE A 520 30.22 28.69 46.54
N LEU A 521 29.88 27.64 45.80
CA LEU A 521 29.35 26.41 46.41
C LEU A 521 30.33 25.68 47.32
N LYS A 522 31.64 25.86 47.10
CA LYS A 522 32.67 25.25 47.94
C LYS A 522 32.50 25.65 49.39
N ASP A 523 31.87 26.81 49.63
CA ASP A 523 31.59 27.30 50.98
C ASP A 523 30.47 26.54 51.71
N VAL A 524 29.86 25.56 51.06
CA VAL A 524 28.85 24.77 51.73
C VAL A 524 29.46 23.69 52.65
N PRO A 525 28.94 23.57 53.89
CA PRO A 525 29.37 22.61 54.91
C PRO A 525 29.42 21.17 54.40
N PHE A 539 29.05 13.75 46.64
CA PHE A 539 27.64 14.04 46.93
C PHE A 539 27.49 14.97 48.13
N ASN A 540 26.85 16.12 47.90
CA ASN A 540 26.65 17.11 48.94
C ASN A 540 25.21 17.65 48.91
N PRO A 541 24.35 17.06 49.74
CA PRO A 541 22.95 17.42 49.60
C PRO A 541 22.71 18.90 49.75
N LEU A 542 23.32 19.51 50.76
CA LEU A 542 23.07 20.91 51.04
C LEU A 542 23.45 21.78 49.86
N LYS A 543 24.56 21.43 49.22
CA LYS A 543 25.05 22.14 48.06
C LYS A 543 24.02 22.07 46.93
N ILE A 544 23.47 20.89 46.71
CA ILE A 544 22.42 20.75 45.73
C ILE A 544 21.24 21.63 46.10
N GLU A 545 20.84 21.57 47.36
CA GLU A 545 19.66 22.33 47.80
C GLU A 545 19.76 23.84 47.53
N VAL A 546 20.85 24.47 47.96
CA VAL A 546 21.01 25.92 47.76
C VAL A 546 21.08 26.29 46.28
N PHE A 547 21.83 25.50 45.51
CA PHE A 547 21.95 25.75 44.09
C PHE A 547 20.58 25.62 43.40
N VAL A 548 19.89 24.52 43.63
CA VAL A 548 18.65 24.30 42.94
C VAL A 548 17.58 25.29 43.37
N GLN A 549 17.53 25.57 44.68
CA GLN A 549 16.54 26.49 45.24
C GLN A 549 16.68 27.86 44.60
N THR A 550 17.90 28.37 44.60
CA THR A 550 18.17 29.70 44.09
C THR A 550 18.01 29.80 42.57
N LEU A 551 18.62 28.87 41.85
CA LEU A 551 18.46 28.86 40.41
C LEU A 551 16.97 28.80 39.98
N LEU A 552 16.21 27.84 40.49
CA LEU A 552 14.81 27.73 40.04
C LEU A 552 14.02 28.98 40.38
N HIS A 553 14.27 29.53 41.56
CA HIS A 553 13.63 30.74 42.01
C HIS A 553 13.90 31.92 41.07
N LEU A 554 15.13 32.04 40.59
CA LEU A 554 15.47 33.19 39.76
C LEU A 554 14.91 33.01 38.33
N ALA A 555 14.65 31.77 37.94
CA ALA A 555 14.07 31.53 36.63
C ALA A 555 12.54 31.30 36.67
N ALA A 556 11.89 31.65 37.77
CA ALA A 556 10.49 31.25 37.99
C ALA A 556 9.51 31.89 37.03
N LYS A 557 9.94 32.89 36.27
CA LYS A 557 8.99 33.70 35.54
C LYS A 557 8.26 32.88 34.48
N SER A 558 8.97 31.97 33.80
CA SER A 558 8.38 31.23 32.71
C SER A 558 9.11 29.93 32.41
N PHE A 559 8.44 29.07 31.64
CA PHE A 559 9.03 27.81 31.19
C PHE A 559 10.37 28.07 30.49
N SER A 560 10.43 29.02 29.57
CA SER A 560 11.69 29.14 28.82
C SER A 560 12.80 29.81 29.61
N HIS A 561 12.47 30.69 30.56
CA HIS A 561 13.50 31.12 31.51
C HIS A 561 14.11 29.91 32.28
N SER A 562 13.28 28.96 32.69
CA SER A 562 13.78 27.80 33.41
C SER A 562 14.63 26.87 32.54
N PHE A 563 14.18 26.59 31.32
CA PHE A 563 14.96 25.74 30.43
C PHE A 563 16.27 26.45 30.17
N SER A 564 16.20 27.76 30.09
CA SER A 564 17.42 28.52 29.86
C SER A 564 18.42 28.37 31.00
N ALA A 565 17.93 28.49 32.23
CA ALA A 565 18.79 28.27 33.39
C ALA A 565 19.36 26.84 33.43
N LEU A 566 18.52 25.83 33.17
CA LEU A 566 19.02 24.46 33.20
C LEU A 566 20.13 24.26 32.19
N ALA A 567 20.00 24.93 31.04
CA ALA A 567 21.01 24.86 29.99
C ALA A 567 22.28 25.62 30.37
N LYS A 568 22.13 26.89 30.68
CA LYS A 568 23.28 27.69 31.08
C LYS A 568 24.12 26.97 32.13
N PHE A 569 23.49 26.50 33.21
CA PHE A 569 24.25 25.87 34.29
C PHE A 569 24.18 24.35 34.25
N HIS A 570 24.02 23.82 33.04
CA HIS A 570 24.00 22.39 32.81
C HIS A 570 25.20 21.68 33.45
N GLU A 571 26.40 22.26 33.32
CA GLU A 571 27.62 21.65 33.89
C GLU A 571 27.52 21.50 35.41
N VAL A 572 26.88 22.45 36.07
CA VAL A 572 26.77 22.36 37.53
C VAL A 572 25.80 21.25 37.91
N PHE A 573 24.65 21.20 37.25
CA PHE A 573 23.72 20.09 37.42
C PHE A 573 24.37 18.72 37.20
N LYS A 574 25.15 18.58 36.13
CA LYS A 574 25.76 17.28 35.81
C LYS A 574 26.83 16.88 36.82
N THR A 575 27.45 17.88 37.44
CA THR A 575 28.49 17.59 38.41
C THR A 575 27.87 17.24 39.75
N LEU A 576 26.99 18.11 40.24
CA LEU A 576 26.33 17.87 41.52
C LEU A 576 25.49 16.58 41.51
N ALA A 577 24.94 16.22 40.34
CA ALA A 577 24.07 15.04 40.25
C ALA A 577 24.70 13.86 39.48
N GLU A 578 26.01 13.71 39.57
CA GLU A 578 26.71 12.58 38.96
C GLU A 578 26.32 11.24 39.62
N SER A 579 26.11 11.28 40.92
CA SER A 579 25.71 10.09 41.67
C SER A 579 24.20 9.89 41.63
N ASP A 580 23.75 8.69 41.96
CA ASP A 580 22.33 8.42 41.98
C ASP A 580 21.63 9.19 43.10
N GLU A 581 22.28 9.32 44.24
CA GLU A 581 21.71 10.07 45.34
C GLU A 581 21.62 11.56 44.94
N GLY A 582 22.56 12.00 44.11
CA GLY A 582 22.50 13.36 43.56
C GLY A 582 21.32 13.61 42.62
N LYS A 583 21.06 12.67 41.73
CA LYS A 583 19.94 12.85 40.85
C LYS A 583 18.66 12.95 41.68
N LEU A 584 18.54 12.06 42.67
CA LEU A 584 17.36 12.02 43.53
C LEU A 584 17.17 13.31 44.29
N HIS A 585 18.27 13.91 44.71
CA HIS A 585 18.16 15.09 45.53
C HIS A 585 17.77 16.31 44.72
N VAL A 586 18.25 16.35 43.48
CA VAL A 586 17.84 17.39 42.56
C VAL A 586 16.31 17.36 42.40
N LEU A 587 15.77 16.18 42.11
CA LEU A 587 14.33 16.03 41.92
C LEU A 587 13.58 16.41 43.17
N ARG A 588 14.08 15.98 44.31
CA ARG A 588 13.43 16.29 45.59
C ARG A 588 13.38 17.78 45.88
N VAL A 589 14.48 18.48 45.62
CA VAL A 589 14.52 19.92 45.85
C VAL A 589 13.71 20.67 44.78
N MET A 590 13.84 20.28 43.52
CA MET A 590 12.94 20.81 42.50
C MET A 590 11.46 20.73 42.94
N PHE A 591 11.04 19.60 43.48
CA PHE A 591 9.65 19.41 43.89
C PHE A 591 9.24 20.27 45.09
N GLU A 592 10.17 20.45 46.04
CA GLU A 592 9.91 21.38 47.13
C GLU A 592 9.71 22.81 46.61
N VAL A 593 10.39 23.17 45.52
CA VAL A 593 10.25 24.49 44.95
C VAL A 593 8.91 24.62 44.22
N TRP A 594 8.57 23.62 43.41
CA TRP A 594 7.45 23.78 42.50
C TRP A 594 6.28 22.85 42.75
N ARG A 595 6.09 22.38 43.96
CA ARG A 595 4.97 21.50 44.27
C ARG A 595 3.61 22.11 43.89
N ASN A 596 3.47 23.44 43.98
CA ASN A 596 2.23 24.11 43.59
C ASN A 596 2.01 24.20 42.07
N HIS A 597 2.96 23.72 41.27
CA HIS A 597 2.88 23.96 39.85
C HIS A 597 3.23 22.69 39.09
N PRO A 598 2.30 21.71 39.09
CA PRO A 598 2.58 20.40 38.53
C PRO A 598 3.06 20.43 37.08
N GLN A 599 2.53 21.35 36.27
CA GLN A 599 2.94 21.48 34.89
C GLN A 599 4.42 21.81 34.77
N MET A 600 4.91 22.73 35.59
CA MET A 600 6.32 23.09 35.57
C MET A 600 7.15 21.89 36.02
N ILE A 601 6.69 21.20 37.06
CA ILE A 601 7.39 19.99 37.48
C ILE A 601 7.55 19.04 36.29
N ALA A 602 6.47 18.86 35.52
CA ALA A 602 6.47 17.89 34.42
C ALA A 602 7.47 18.31 33.35
N VAL A 603 7.45 19.58 32.98
CA VAL A 603 8.32 20.01 31.90
C VAL A 603 9.81 20.04 32.33
N LEU A 604 10.08 20.37 33.59
CA LEU A 604 11.44 20.31 34.11
C LEU A 604 11.97 18.86 34.22
N VAL A 605 11.14 17.95 34.71
CA VAL A 605 11.58 16.55 34.73
C VAL A 605 11.89 16.13 33.30
N ASP A 606 11.08 16.58 32.35
CA ASP A 606 11.34 16.19 30.96
C ASP A 606 12.70 16.69 30.47
N LYS A 607 13.02 17.97 30.71
CA LYS A 607 14.29 18.52 30.23
C LYS A 607 15.47 17.87 30.94
N MET A 608 15.32 17.56 32.21
CA MET A 608 16.42 16.96 32.95
C MET A 608 16.76 15.58 32.39
N ILE A 609 15.74 14.79 32.08
CA ILE A 609 15.97 13.50 31.43
C ILE A 609 16.58 13.68 30.05
N ARG A 610 15.99 14.54 29.22
CA ARG A 610 16.53 14.70 27.87
C ARG A 610 17.94 15.26 27.83
N THR A 611 18.39 15.92 28.89
CA THR A 611 19.75 16.47 28.89
C THR A 611 20.62 15.75 29.91
N GLN A 612 20.10 14.63 30.42
CA GLN A 612 20.88 13.73 31.26
C GLN A 612 21.32 14.30 32.61
N ILE A 613 20.66 15.35 33.08
CA ILE A 613 20.90 15.81 34.43
C ILE A 613 20.48 14.68 35.38
N VAL A 614 19.33 14.06 35.07
CA VAL A 614 18.88 12.85 35.74
C VAL A 614 18.59 11.77 34.71
N ASP A 615 18.27 10.57 35.18
CA ASP A 615 17.90 9.49 34.29
C ASP A 615 16.58 8.84 34.69
N CYS A 616 16.06 7.99 33.82
CA CYS A 616 14.73 7.37 34.01
C CYS A 616 14.57 6.64 35.37
N ALA A 617 15.57 5.85 35.78
CA ALA A 617 15.56 5.17 37.08
C ALA A 617 15.39 6.13 38.27
N ALA A 618 16.19 7.19 38.29
CA ALA A 618 16.03 8.22 39.30
C ALA A 618 14.59 8.75 39.39
N VAL A 619 13.96 9.04 38.24
CA VAL A 619 12.58 9.54 38.23
C VAL A 619 11.59 8.50 38.75
N ALA A 620 11.70 7.26 38.27
CA ALA A 620 10.90 6.17 38.82
C ALA A 620 11.03 6.09 40.36
N ASN A 621 12.25 6.08 40.86
CA ASN A 621 12.40 6.02 42.32
C ASN A 621 11.77 7.20 43.03
N TRP A 622 11.98 8.38 42.46
CA TRP A 622 11.39 9.60 42.96
C TRP A 622 9.86 9.53 43.00
N ILE A 623 9.24 8.95 41.99
CA ILE A 623 7.79 8.90 41.98
C ILE A 623 7.27 8.13 43.19
N PHE A 624 7.99 7.08 43.58
CA PHE A 624 7.57 6.23 44.68
C PHE A 624 8.18 6.63 46.00
N SER A 625 8.74 7.82 46.07
CA SER A 625 9.43 8.21 47.30
C SER A 625 8.46 8.81 48.30
N SER A 626 8.89 8.81 49.55
CA SER A 626 8.11 9.35 50.66
C SER A 626 7.72 10.82 50.49
N GLU A 627 8.60 11.61 49.90
CA GLU A 627 8.27 13.00 49.61
C GLU A 627 7.04 13.16 48.67
N LEU A 628 6.77 12.18 47.82
CA LEU A 628 5.64 12.30 46.85
C LEU A 628 4.37 11.62 47.36
N SER A 629 4.44 11.12 48.59
CA SER A 629 3.38 10.30 49.14
C SER A 629 2.03 10.94 49.24
N ARG A 630 2.01 12.20 49.64
CA ARG A 630 0.76 12.94 49.74
C ARG A 630 0.12 13.19 48.37
N ASP A 631 0.92 13.22 47.31
CA ASP A 631 0.43 13.55 45.95
C ASP A 631 0.39 12.36 45.02
N PHE A 632 0.63 11.18 45.59
CA PHE A 632 0.80 9.95 44.85
C PHE A 632 -0.44 9.54 44.04
N THR A 633 -1.63 9.87 44.53
CA THR A 633 -2.81 9.53 43.77
C THR A 633 -3.21 10.62 42.76
N ARG A 634 -2.34 11.58 42.50
CA ARG A 634 -2.68 12.65 41.56
C ARG A 634 -2.23 12.40 40.13
N LEU A 635 -3.06 12.84 39.20
CA LEU A 635 -2.82 12.61 37.79
C LEU A 635 -1.41 13.05 37.34
N PHE A 636 -0.97 14.23 37.75
CA PHE A 636 0.29 14.75 37.24
C PHE A 636 1.44 13.78 37.49
N VAL A 637 1.40 13.09 38.63
CA VAL A 637 2.40 12.13 38.97
C VAL A 637 2.48 11.00 37.94
N TRP A 638 1.32 10.47 37.56
CA TRP A 638 1.28 9.37 36.61
C TRP A 638 1.58 9.85 35.17
N GLU A 639 1.20 11.08 34.86
CA GLU A 639 1.58 11.68 33.58
C GLU A 639 3.08 11.80 33.45
N ILE A 640 3.75 12.24 34.50
CA ILE A 640 5.22 12.29 34.50
C ILE A 640 5.88 10.91 34.38
N LEU A 641 5.37 9.94 35.12
CA LEU A 641 5.97 8.61 35.07
C LEU A 641 5.83 8.05 33.65
N HIS A 642 4.64 8.17 33.07
CA HIS A 642 4.41 7.62 31.73
C HIS A 642 5.20 8.34 30.66
N SER A 643 5.37 9.62 30.87
CA SER A 643 6.17 10.39 29.96
C SER A 643 7.61 9.91 29.98
N THR A 644 8.09 9.54 31.18
CA THR A 644 9.44 9.01 31.35
C THR A 644 9.60 7.66 30.66
N ILE A 645 8.65 6.76 30.86
CA ILE A 645 8.67 5.48 30.19
C ILE A 645 8.66 5.65 28.66
N ARG A 646 7.81 6.55 28.17
CA ARG A 646 7.72 6.80 26.72
C ARG A 646 9.04 7.26 26.13
N LYS A 647 9.78 8.08 26.86
CA LYS A 647 11.09 8.47 26.38
C LYS A 647 12.08 7.29 26.37
N MET A 648 12.04 6.45 27.40
CA MET A 648 12.88 5.28 27.36
C MET A 648 12.57 4.41 26.13
N ASN A 649 11.28 4.16 25.89
CA ASN A 649 10.83 3.27 24.81
C ASN A 649 11.23 3.78 23.43
N LYS A 650 11.03 5.09 23.24
CA LYS A 650 11.38 5.78 21.99
C LYS A 650 12.89 5.77 21.75
N HIS A 651 13.65 5.86 22.84
CA HIS A 651 15.10 5.79 22.72
C HIS A 651 15.55 4.41 22.20
N VAL A 652 15.02 3.35 22.79
CA VAL A 652 15.32 2.00 22.30
C VAL A 652 14.97 1.85 20.82
N LEU A 653 13.74 2.22 20.45
CA LEU A 653 13.29 2.19 19.05
C LEU A 653 14.23 2.95 18.12
N LYS A 654 14.61 4.15 18.51
CA LYS A 654 15.50 4.95 17.71
C LYS A 654 16.85 4.26 17.45
N ILE A 655 17.44 3.65 18.48
CA ILE A 655 18.71 2.95 18.32
C ILE A 655 18.52 1.67 17.49
N GLN A 656 17.41 0.98 17.71
CA GLN A 656 17.09 -0.18 16.86
C GLN A 656 16.95 0.22 15.39
N LYS A 657 16.26 1.33 15.15
CA LYS A 657 16.07 1.83 13.78
C LYS A 657 17.40 2.15 13.13
N GLU A 658 18.30 2.75 13.91
CA GLU A 658 19.58 3.14 13.37
C GLU A 658 20.44 1.90 13.06
N LEU A 659 20.37 0.90 13.93
CA LEU A 659 21.11 -0.34 13.68
C LEU A 659 20.57 -1.08 12.45
N GLU A 660 19.26 -1.07 12.27
CA GLU A 660 18.63 -1.76 11.13
C GLU A 660 19.03 -1.13 9.80
N GLU A 661 19.28 0.17 9.82
CA GLU A 661 19.60 0.90 8.61
C GLU A 661 21.09 0.83 8.29
N ALA A 662 21.89 0.56 9.31
CA ALA A 662 23.32 0.39 9.11
C ALA A 662 23.57 -0.96 8.47
N LYS A 663 22.85 -1.97 8.94
CA LYS A 663 22.91 -3.30 8.34
C LYS A 663 22.36 -3.28 6.92
N GLU A 664 21.17 -2.69 6.75
CA GLU A 664 20.56 -2.62 5.43
C GLU A 664 21.48 -1.91 4.47
N LYS A 665 22.24 -0.94 4.98
CA LYS A 665 23.15 -0.17 4.14
C LYS A 665 24.38 -0.98 3.74
N LEU A 666 24.68 -2.01 4.53
CA LEU A 666 25.78 -2.92 4.26
C LEU A 666 25.35 -3.93 3.19
N ALA A 667 25.05 -3.45 1.98
CA ALA A 667 24.58 -4.33 0.90
C ALA A 667 24.28 -3.55 -0.38
N ARG A 683 37.45 -0.31 3.05
CA ARG A 683 37.37 0.81 4.01
C ARG A 683 35.93 1.24 4.30
N LYS A 684 35.18 1.54 3.24
CA LYS A 684 33.75 1.83 3.37
C LYS A 684 33.04 0.68 4.10
N ASP A 685 33.35 -0.55 3.71
CA ASP A 685 32.82 -1.73 4.37
C ASP A 685 33.29 -1.83 5.83
N GLY A 686 34.62 -1.85 6.00
CA GLY A 686 35.23 -1.90 7.33
C GLY A 686 34.66 -0.89 8.31
N VAL A 687 34.58 0.36 7.88
CA VAL A 687 34.05 1.41 8.74
C VAL A 687 32.60 1.10 9.15
N LEU A 688 31.80 0.62 8.20
CA LEU A 688 30.39 0.35 8.47
C LEU A 688 30.18 -0.84 9.43
N GLU A 689 30.94 -1.92 9.22
CA GLU A 689 30.84 -3.08 10.11
C GLU A 689 31.16 -2.68 11.53
N GLU A 690 32.22 -1.91 11.72
CA GLU A 690 32.56 -1.42 13.05
C GLU A 690 31.44 -0.58 13.62
N GLN A 691 30.81 0.24 12.78
CA GLN A 691 29.70 1.05 13.28
C GLN A 691 28.53 0.17 13.70
N ILE A 692 28.25 -0.86 12.91
CA ILE A 692 27.21 -1.82 13.26
C ILE A 692 27.52 -2.46 14.64
N GLU A 693 28.75 -2.91 14.84
CA GLU A 693 29.14 -3.53 16.08
C GLU A 693 28.83 -2.60 17.26
N ARG A 694 29.21 -1.33 17.13
CA ARG A 694 29.01 -0.37 18.19
C ARG A 694 27.52 -0.06 18.36
N LEU A 695 26.76 -0.13 17.28
CA LEU A 695 25.32 0.08 17.38
C LEU A 695 24.63 -1.08 18.11
N GLN A 696 25.05 -2.31 17.79
CA GLN A 696 24.52 -3.51 18.43
C GLN A 696 24.78 -3.43 19.91
N GLU A 697 25.99 -2.99 20.26
CA GLU A 697 26.36 -2.82 21.66
C GLU A 697 25.53 -1.76 22.38
N LYS A 698 25.05 -0.75 21.65
CA LYS A 698 24.23 0.29 22.26
C LYS A 698 22.75 -0.12 22.38
N VAL A 699 22.29 -0.97 21.46
CA VAL A 699 20.94 -1.54 21.56
C VAL A 699 20.80 -2.39 22.84
N GLU A 700 21.69 -3.35 23.02
CA GLU A 700 21.68 -4.17 24.22
C GLU A 700 21.73 -3.32 25.49
N SER A 701 22.53 -2.26 25.49
CA SER A 701 22.58 -1.38 26.63
C SER A 701 21.27 -0.59 26.80
N ALA A 702 20.70 -0.15 25.69
CA ALA A 702 19.41 0.55 25.74
C ALA A 702 18.31 -0.39 26.25
N GLN A 703 18.31 -1.62 25.75
CA GLN A 703 17.27 -2.56 26.11
C GLN A 703 17.35 -2.98 27.58
N SER A 704 18.56 -3.16 28.06
CA SER A 704 18.79 -3.43 29.46
C SER A 704 18.35 -2.24 30.34
N GLU A 705 18.57 -1.01 29.89
CA GLU A 705 18.09 0.13 30.65
C GLU A 705 16.55 0.19 30.75
N GLN A 706 15.88 -0.20 29.68
CA GLN A 706 14.43 -0.23 29.64
C GLN A 706 13.88 -1.32 30.58
N LYS A 707 14.40 -2.53 30.44
CA LYS A 707 14.04 -3.61 31.36
C LYS A 707 14.16 -3.15 32.82
N ASN A 708 15.33 -2.63 33.19
CA ASN A 708 15.50 -2.11 34.56
C ASN A 708 14.42 -1.13 35.02
N LEU A 709 14.06 -0.20 34.13
CA LEU A 709 13.07 0.80 34.48
C LEU A 709 11.76 0.09 34.83
N PHE A 710 11.33 -0.85 33.99
CA PHE A 710 10.12 -1.61 34.32
C PHE A 710 10.29 -2.43 35.62
N LEU A 711 11.42 -3.11 35.76
CA LEU A 711 11.69 -3.89 36.97
C LEU A 711 11.58 -3.02 38.23
N VAL A 712 12.30 -1.89 38.26
CA VAL A 712 12.19 -0.94 39.36
C VAL A 712 10.74 -0.55 39.64
N ILE A 713 10.01 -0.17 38.59
CA ILE A 713 8.61 0.26 38.77
C ILE A 713 7.78 -0.85 39.41
N PHE A 714 7.88 -2.06 38.89
CA PHE A 714 7.17 -3.17 39.48
C PHE A 714 7.62 -3.44 40.94
N GLN A 715 8.93 -3.45 41.19
CA GLN A 715 9.43 -3.70 42.56
C GLN A 715 8.82 -2.73 43.55
N ARG A 716 8.73 -1.47 43.18
CA ARG A 716 8.13 -0.44 44.04
C ARG A 716 6.63 -0.65 44.21
N PHE A 717 5.89 -0.88 43.13
CA PHE A 717 4.48 -1.24 43.27
C PHE A 717 4.29 -2.44 44.24
N ILE A 718 5.07 -3.51 44.05
CA ILE A 718 4.93 -4.70 44.86
C ILE A 718 5.23 -4.40 46.32
N MET A 719 6.26 -3.61 46.57
CA MET A 719 6.61 -3.29 47.96
C MET A 719 5.56 -2.43 48.67
N ILE A 720 5.05 -1.40 48.00
CA ILE A 720 4.07 -0.52 48.67
C ILE A 720 2.66 -1.12 48.73
N LEU A 721 2.33 -2.00 47.79
CA LEU A 721 1.05 -2.69 47.85
C LEU A 721 1.11 -3.74 49.00
N THR A 722 2.25 -4.39 49.15
CA THR A 722 2.43 -5.40 50.20
C THR A 722 2.34 -4.72 51.55
N GLU A 723 2.98 -3.57 51.70
CA GLU A 723 2.92 -2.85 52.96
C GLU A 723 1.46 -2.58 53.33
N HIS A 724 0.67 -2.15 52.36
CA HIS A 724 -0.73 -1.81 52.59
C HIS A 724 -1.56 -3.02 52.99
N LEU A 725 -1.54 -4.05 52.15
CA LEU A 725 -2.27 -5.26 52.40
C LEU A 725 -1.88 -5.87 53.76
N VAL A 726 -0.59 -6.05 54.01
CA VAL A 726 -0.19 -6.65 55.27
C VAL A 726 -0.64 -5.82 56.46
N ARG A 727 -0.47 -4.50 56.41
CA ARG A 727 -0.89 -3.64 57.52
C ARG A 727 -2.38 -3.73 57.79
N CYS A 728 -3.20 -3.66 56.73
CA CYS A 728 -4.66 -3.77 56.88
C CYS A 728 -5.15 -5.06 57.48
N GLU A 729 -4.62 -6.18 57.00
CA GLU A 729 -5.04 -7.49 57.43
C GLU A 729 -4.56 -7.72 58.89
N THR A 730 -3.36 -7.25 59.21
CA THR A 730 -2.81 -7.36 60.55
C THR A 730 -3.67 -6.53 61.51
N ASP A 731 -4.04 -5.33 61.08
CA ASP A 731 -4.72 -4.38 61.95
C ASP A 731 -6.23 -4.58 61.92
N GLY A 732 -6.71 -5.50 61.08
CA GLY A 732 -8.14 -5.76 61.00
C GLY A 732 -8.95 -4.68 60.27
N THR A 733 -8.30 -3.86 59.45
CA THR A 733 -8.98 -2.80 58.71
C THR A 733 -9.26 -3.22 57.26
N SER A 734 -10.18 -2.54 56.60
CA SER A 734 -10.53 -2.93 55.23
C SER A 734 -9.44 -2.56 54.24
N VAL A 735 -9.07 -3.50 53.39
CA VAL A 735 -8.08 -3.32 52.36
C VAL A 735 -8.47 -2.27 51.30
N LEU A 736 -9.77 -2.20 51.01
CA LEU A 736 -10.26 -1.42 49.87
C LEU A 736 -10.48 0.04 50.22
N THR A 737 -9.42 0.85 50.16
CA THR A 737 -9.56 2.27 50.41
C THR A 737 -9.39 3.05 49.09
N PRO A 738 -9.74 4.34 49.09
CA PRO A 738 -9.50 5.15 47.89
C PRO A 738 -8.05 5.06 47.44
N TRP A 739 -7.13 5.18 48.39
CA TRP A 739 -5.70 5.04 48.09
C TRP A 739 -5.39 3.70 47.37
N TYR A 740 -5.98 2.63 47.86
CA TYR A 740 -5.70 1.33 47.29
C TYR A 740 -6.28 1.16 45.87
N LYS A 741 -7.52 1.60 45.69
CA LYS A 741 -8.14 1.56 44.38
C LYS A 741 -7.18 2.21 43.37
N ASN A 742 -6.63 3.35 43.75
CA ASN A 742 -5.74 4.06 42.84
CA ASN A 742 -5.71 4.09 42.86
C ASN A 742 -4.44 3.29 42.62
N CYS A 743 -3.84 2.80 43.69
CA CYS A 743 -2.57 2.14 43.55
C CYS A 743 -2.66 0.84 42.75
N ILE A 744 -3.65 -0.01 43.06
CA ILE A 744 -3.80 -1.24 42.31
C ILE A 744 -4.12 -0.97 40.81
N GLU A 745 -4.86 0.09 40.52
CA GLU A 745 -5.19 0.37 39.14
C GLU A 745 -4.07 1.07 38.38
N ARG A 746 -3.23 1.84 39.10
CA ARG A 746 -2.01 2.38 38.47
C ARG A 746 -1.03 1.29 38.07
N LEU A 747 -0.95 0.24 38.88
CA LEU A 747 -0.17 -0.92 38.53
C LEU A 747 -0.79 -1.60 37.31
N GLN A 748 -2.10 -1.79 37.34
CA GLN A 748 -2.80 -2.36 36.22
C GLN A 748 -2.44 -1.55 34.98
N GLN A 749 -2.41 -0.22 35.14
CA GLN A 749 -2.23 0.71 34.05
C GLN A 749 -0.85 0.63 33.38
N ILE A 750 0.17 0.27 34.16
CA ILE A 750 1.50 0.04 33.61
C ILE A 750 1.38 -1.10 32.59
N PHE A 751 0.71 -2.18 32.99
CA PHE A 751 0.58 -3.34 32.10
C PHE A 751 -0.22 -3.00 30.84
N LEU A 752 -1.31 -2.24 30.99
CA LEU A 752 -2.16 -1.91 29.86
C LEU A 752 -1.44 -1.09 28.78
N GLN A 753 -0.72 -0.03 29.18
CA GLN A 753 -0.04 0.87 28.25
C GLN A 753 1.24 0.30 27.62
N HIS A 754 1.87 -0.68 28.25
CA HIS A 754 3.15 -1.16 27.72
C HIS A 754 3.24 -2.67 27.57
N HIS A 755 2.10 -3.31 27.34
CA HIS A 755 2.06 -4.77 27.32
C HIS A 755 3.00 -5.42 26.30
N GLN A 756 3.11 -4.86 25.10
CA GLN A 756 4.03 -5.44 24.09
C GLN A 756 5.48 -5.45 24.56
N ILE A 757 5.90 -4.37 25.20
CA ILE A 757 7.23 -4.35 25.79
C ILE A 757 7.34 -5.33 26.97
N ILE A 758 6.42 -5.23 27.91
CA ILE A 758 6.47 -6.10 29.08
C ILE A 758 6.46 -7.62 28.79
N GLN A 759 5.85 -8.03 27.67
CA GLN A 759 5.82 -9.44 27.30
C GLN A 759 7.22 -9.97 27.05
N GLN A 760 8.16 -9.06 26.82
CA GLN A 760 9.56 -9.44 26.67
C GLN A 760 10.14 -9.92 28.01
N TYR A 761 9.44 -9.64 29.10
CA TYR A 761 10.03 -9.91 30.42
C TYR A 761 9.32 -11.00 31.22
N MET A 762 8.54 -11.85 30.56
CA MET A 762 7.82 -12.94 31.23
C MET A 762 8.67 -13.78 32.20
N VAL A 763 9.78 -14.33 31.71
CA VAL A 763 10.59 -15.21 32.53
C VAL A 763 11.11 -14.48 33.77
N THR A 764 11.56 -13.24 33.60
CA THR A 764 12.06 -12.49 34.74
C THR A 764 10.95 -12.19 35.72
N LEU A 765 9.82 -11.70 35.21
CA LEU A 765 8.70 -11.31 36.07
C LEU A 765 8.20 -12.49 36.89
N GLU A 766 7.96 -13.61 36.21
CA GLU A 766 7.44 -14.82 36.85
C GLU A 766 8.40 -15.41 37.88
N ASN A 767 9.69 -15.34 37.58
CA ASN A 767 10.70 -15.89 38.47
C ASN A 767 11.07 -14.98 39.64
N LEU A 768 11.10 -13.66 39.44
CA LEU A 768 11.68 -12.77 40.44
C LEU A 768 10.74 -11.77 41.11
N LEU A 769 9.70 -11.31 40.42
CA LEU A 769 8.78 -10.30 40.94
C LEU A 769 7.41 -10.86 41.27
N PHE A 770 6.71 -11.33 40.24
CA PHE A 770 5.34 -11.79 40.37
C PHE A 770 5.31 -13.30 40.50
N THR A 771 5.76 -13.77 41.66
CA THR A 771 5.93 -15.18 41.95
C THR A 771 4.68 -15.75 42.60
N ALA A 772 4.67 -17.06 42.80
CA ALA A 772 3.49 -17.77 43.30
C ALA A 772 3.12 -17.40 44.74
N GLU A 773 4.10 -16.97 45.52
CA GLU A 773 3.85 -16.60 46.91
C GLU A 773 3.31 -15.18 47.07
N LEU A 774 3.45 -14.36 46.04
CA LEU A 774 2.99 -12.98 46.09
C LEU A 774 1.54 -12.90 46.57
N ASP A 775 1.25 -11.92 47.42
CA ASP A 775 -0.13 -11.74 47.85
C ASP A 775 -1.06 -11.74 46.64
N PRO A 776 -2.11 -12.58 46.70
CA PRO A 776 -2.99 -12.74 45.55
C PRO A 776 -3.52 -11.43 44.93
N HIS A 777 -3.81 -10.42 45.74
CA HIS A 777 -4.29 -9.15 45.21
C HIS A 777 -3.36 -8.57 44.16
N ILE A 778 -2.06 -8.75 44.36
CA ILE A 778 -1.07 -8.20 43.45
C ILE A 778 -0.87 -9.19 42.32
N LEU A 779 -0.71 -10.46 42.66
CA LEU A 779 -0.53 -11.47 41.65
C LEU A 779 -1.65 -11.38 40.61
N ALA A 780 -2.88 -11.14 41.07
CA ALA A 780 -4.03 -11.21 40.19
C ALA A 780 -3.85 -10.26 38.97
N VAL A 781 -3.25 -9.08 39.20
CA VAL A 781 -2.99 -8.13 38.15
C VAL A 781 -2.01 -8.67 37.10
N PHE A 782 -0.95 -9.34 37.54
CA PHE A 782 -0.07 -9.99 36.60
C PHE A 782 -0.82 -11.08 35.79
N GLN A 783 -1.77 -11.75 36.44
CA GLN A 783 -2.49 -12.85 35.80
C GLN A 783 -3.49 -12.34 34.76
N GLN A 784 -4.23 -11.31 35.14
CA GLN A 784 -5.08 -10.58 34.23
C GLN A 784 -4.29 -10.12 32.99
N PHE A 785 -3.08 -9.62 33.20
CA PHE A 785 -2.23 -9.21 32.09
C PHE A 785 -1.87 -10.38 31.17
N CYS A 786 -1.45 -11.50 31.76
CA CYS A 786 -1.15 -12.71 31.01
C CYS A 786 -2.36 -13.17 30.22
N ALA A 787 -3.54 -13.04 30.81
CA ALA A 787 -4.80 -13.47 30.22
C ALA A 787 -5.18 -12.73 28.92
N LEU A 788 -4.49 -11.63 28.63
CA LEU A 788 -4.72 -10.87 27.40
C LEU A 788 -4.25 -11.59 26.15
N GLN A 789 -3.17 -12.35 26.25
CA GLN A 789 -2.67 -13.01 25.06
C GLN A 789 -2.59 -14.52 25.28
N ALA A 790 -3.38 -15.01 26.24
CA ALA A 790 -3.49 -16.43 26.53
C ALA A 790 -4.84 -17.02 26.15
N ASP B 12 -5.92 11.51 3.93
CA ASP B 12 -5.37 12.59 4.81
C ASP B 12 -5.36 13.92 4.07
N SER B 13 -6.10 14.90 4.58
CA SER B 13 -6.20 16.22 3.93
C SER B 13 -5.82 17.37 4.86
N TYR B 14 -5.59 17.07 6.14
CA TYR B 14 -5.20 18.10 7.10
C TYR B 14 -3.68 18.19 7.23
N VAL B 15 -2.99 17.19 6.70
CA VAL B 15 -1.52 17.17 6.71
C VAL B 15 -0.95 17.64 5.38
N GLU B 30 9.22 24.07 -5.00
CA GLU B 30 9.57 22.66 -5.12
C GLU B 30 10.56 22.26 -4.03
N GLU B 31 11.67 22.98 -3.94
CA GLU B 31 12.65 22.75 -2.89
C GLU B 31 12.02 22.90 -1.52
N GLN B 32 10.99 23.73 -1.45
CA GLN B 32 10.30 23.98 -0.19
C GLN B 32 9.22 22.93 0.03
N GLU B 33 8.64 22.43 -1.06
CA GLU B 33 7.65 21.37 -0.96
C GLU B 33 8.33 20.10 -0.45
N LYS B 34 9.66 20.10 -0.47
CA LYS B 34 10.43 18.99 0.08
C LYS B 34 10.65 19.19 1.57
N LEU B 35 11.14 20.37 1.94
CA LEU B 35 11.37 20.71 3.33
C LEU B 35 10.14 20.48 4.20
N LEU B 36 9.02 21.06 3.77
CA LEU B 36 7.77 20.93 4.52
C LEU B 36 7.39 19.47 4.78
N LYS B 37 7.67 18.60 3.82
CA LYS B 37 7.22 17.22 3.91
C LYS B 37 8.03 16.39 4.90
N LYS B 38 9.13 16.96 5.39
CA LYS B 38 9.95 16.30 6.41
C LYS B 38 9.96 17.11 7.71
N SER B 39 9.42 18.33 7.63
CA SER B 39 9.40 19.24 8.76
C SER B 39 8.73 18.63 9.98
N CYS B 40 9.11 19.16 11.14
CA CYS B 40 8.54 18.76 12.41
C CYS B 40 8.07 19.97 13.14
N THR B 41 8.12 21.12 12.50
CA THR B 41 7.72 22.32 13.21
C THR B 41 6.51 22.98 12.56
N LEU B 42 5.60 23.51 13.36
CA LEU B 42 4.43 24.19 12.87
C LEU B 42 4.52 25.66 13.20
N TYR B 43 4.10 26.51 12.27
CA TYR B 43 3.83 27.90 12.55
C TYR B 43 2.39 27.96 13.04
N VAL B 44 2.12 28.70 14.12
CA VAL B 44 0.78 28.75 14.73
C VAL B 44 0.35 30.21 14.77
N GLY B 45 -0.79 30.54 14.13
CA GLY B 45 -1.30 31.90 14.13
C GLY B 45 -2.74 32.04 14.61
N ASN B 46 -3.20 33.29 14.60
CA ASN B 46 -4.51 33.70 15.06
C ASN B 46 -4.67 33.56 16.59
N LEU B 47 -3.56 33.41 17.28
CA LEU B 47 -3.59 33.31 18.75
C LEU B 47 -4.00 34.62 19.39
N SER B 48 -4.76 34.53 20.47
CA SER B 48 -5.01 35.66 21.35
C SER B 48 -3.68 36.25 21.85
N PHE B 49 -3.62 37.58 21.99
CA PHE B 49 -2.39 38.21 22.45
C PHE B 49 -1.98 37.75 23.86
N TYR B 50 -2.93 37.23 24.63
CA TYR B 50 -2.66 36.82 26.02
C TYR B 50 -2.30 35.35 26.17
N THR B 51 -2.37 34.58 25.09
CA THR B 51 -2.13 33.16 25.22
C THR B 51 -0.65 32.92 25.53
N THR B 52 -0.36 32.06 26.51
CA THR B 52 1.00 31.96 26.98
C THR B 52 1.67 30.71 26.46
N GLU B 53 2.99 30.73 26.51
CA GLU B 53 3.80 29.56 26.21
C GLU B 53 3.36 28.30 27.00
N GLU B 54 3.01 28.47 28.28
CA GLU B 54 2.58 27.35 29.12
C GLU B 54 1.31 26.74 28.55
N GLN B 55 0.39 27.59 28.06
CA GLN B 55 -0.87 27.10 27.53
C GLN B 55 -0.63 26.35 26.23
N ILE B 56 0.29 26.86 25.42
CA ILE B 56 0.59 26.23 24.15
C ILE B 56 1.17 24.83 24.46
N TYR B 57 2.09 24.77 25.40
CA TYR B 57 2.61 23.49 25.87
C TYR B 57 1.53 22.51 26.22
N GLU B 58 0.54 22.94 27.00
CA GLU B 58 -0.48 22.03 27.43
C GLU B 58 -1.37 21.60 26.26
N LEU B 59 -1.75 22.53 25.38
CA LEU B 59 -2.60 22.12 24.27
C LEU B 59 -1.79 21.26 23.29
N PHE B 60 -0.68 21.78 22.85
CA PHE B 60 0.02 21.05 21.81
C PHE B 60 0.62 19.74 22.24
N SER B 61 0.87 19.57 23.54
CA SER B 61 1.41 18.27 23.97
C SER B 61 0.42 17.16 23.80
N LYS B 62 -0.87 17.50 23.62
CA LYS B 62 -1.87 16.46 23.39
C LYS B 62 -1.61 15.64 22.13
N SER B 63 -0.69 16.07 21.26
CA SER B 63 -0.42 15.21 20.08
C SER B 63 0.98 14.59 20.11
N GLY B 64 1.73 14.93 21.14
CA GLY B 64 2.99 14.26 21.38
C GLY B 64 3.95 15.24 21.97
N ASP B 65 5.20 14.85 22.04
CA ASP B 65 6.20 15.55 22.84
C ASP B 65 6.83 16.74 22.12
N ILE B 66 6.83 17.87 22.81
CA ILE B 66 7.34 19.11 22.24
C ILE B 66 8.82 19.31 22.52
N LYS B 67 9.58 19.59 21.45
CA LYS B 67 11.00 19.91 21.59
C LYS B 67 11.22 21.37 21.99
N LYS B 68 10.54 22.29 21.32
CA LYS B 68 10.64 23.72 21.65
C LYS B 68 9.47 24.55 21.11
N ILE B 69 9.16 25.63 21.81
CA ILE B 69 8.13 26.58 21.44
C ILE B 69 8.74 27.96 21.49
N ILE B 70 8.42 28.78 20.50
CA ILE B 70 8.97 30.12 20.39
C ILE B 70 7.82 31.09 20.19
N MET B 71 7.61 32.00 21.12
CA MET B 71 6.48 32.91 21.05
C MET B 71 6.82 34.11 20.17
N GLY B 72 5.86 34.53 19.37
CA GLY B 72 6.09 35.63 18.46
C GLY B 72 6.01 36.93 19.22
N LEU B 73 6.96 37.83 18.97
CA LEU B 73 6.90 39.18 19.54
C LEU B 73 7.05 40.25 18.45
N ASP B 74 6.78 41.50 18.82
CA ASP B 74 7.02 42.67 17.95
C ASP B 74 8.50 42.89 17.61
N THR B 79 6.42 42.76 22.97
CA THR B 79 5.22 42.20 23.59
C THR B 79 4.62 41.09 22.72
N ALA B 80 3.50 40.55 23.17
CA ALA B 80 2.88 39.37 22.54
C ALA B 80 2.26 39.66 21.18
N CYS B 81 2.48 38.76 20.24
CA CYS B 81 2.26 39.02 18.83
C CYS B 81 1.19 38.15 18.11
N GLY B 82 0.64 37.15 18.80
CA GLY B 82 -0.47 36.38 18.23
C GLY B 82 -0.06 35.18 17.40
N PHE B 83 1.22 34.82 17.46
CA PHE B 83 1.69 33.63 16.75
C PHE B 83 2.84 32.96 17.49
N CYS B 84 3.12 31.71 17.18
CA CYS B 84 4.30 31.03 17.68
C CYS B 84 4.70 29.89 16.75
N PHE B 85 5.87 29.33 17.03
CA PHE B 85 6.39 28.12 16.42
C PHE B 85 6.34 26.99 17.44
N VAL B 86 6.00 25.80 16.98
CA VAL B 86 6.05 24.61 17.81
C VAL B 86 6.82 23.52 17.09
N GLU B 87 7.85 23.00 17.73
CA GLU B 87 8.70 21.97 17.12
C GLU B 87 8.63 20.68 17.93
N TYR B 88 8.19 19.61 17.28
CA TYR B 88 8.12 18.30 17.89
C TYR B 88 9.39 17.51 17.62
N TYR B 89 9.55 16.40 18.30
CA TYR B 89 10.66 15.50 18.04
C TYR B 89 10.42 14.61 16.81
N SER B 90 9.16 14.26 16.53
CA SER B 90 8.88 13.41 15.36
C SER B 90 7.80 14.03 14.50
N ARG B 91 7.78 13.66 13.23
CA ARG B 91 6.82 14.20 12.30
C ARG B 91 5.41 13.74 12.60
N ALA B 92 5.27 12.45 12.89
CA ALA B 92 3.99 11.89 13.25
C ALA B 92 3.25 12.78 14.26
N ASP B 93 3.93 13.20 15.33
CA ASP B 93 3.29 14.03 16.33
C ASP B 93 2.85 15.37 15.78
N ALA B 94 3.67 15.94 14.90
CA ALA B 94 3.30 17.23 14.27
C ALA B 94 2.13 17.07 13.27
N GLU B 95 2.05 15.92 12.59
CA GLU B 95 0.92 15.62 11.69
C GLU B 95 -0.34 15.53 12.51
N ASN B 96 -0.24 14.89 13.66
CA ASN B 96 -1.41 14.80 14.53
C ASN B 96 -1.88 16.15 15.03
N ALA B 97 -0.97 17.09 15.27
CA ALA B 97 -1.42 18.44 15.66
C ALA B 97 -2.12 19.15 14.47
N MET B 98 -1.55 18.98 13.29
CA MET B 98 -2.17 19.50 12.09
C MET B 98 -3.56 18.90 11.89
N ARG B 99 -3.78 17.64 12.26
CA ARG B 99 -5.08 17.04 12.07
C ARG B 99 -6.07 17.41 13.16
N TYR B 100 -5.61 17.43 14.42
CA TYR B 100 -6.56 17.56 15.53
C TYR B 100 -6.51 18.83 16.40
N ILE B 101 -5.45 19.61 16.32
CA ILE B 101 -5.34 20.76 17.21
C ILE B 101 -5.59 22.02 16.37
N ASN B 102 -5.01 22.03 15.17
CA ASN B 102 -5.37 22.97 14.11
C ASN B 102 -6.87 23.13 14.00
N GLY B 103 -7.37 24.36 13.95
CA GLY B 103 -8.79 24.50 13.74
C GLY B 103 -9.66 24.37 14.97
N THR B 104 -9.06 24.11 16.14
CA THR B 104 -9.80 24.17 17.40
C THR B 104 -9.61 25.54 18.08
N ARG B 105 -10.30 25.75 19.20
CA ARG B 105 -10.50 27.10 19.70
C ARG B 105 -9.85 27.21 21.06
N LEU B 106 -8.89 28.12 21.19
CA LEU B 106 -8.17 28.38 22.43
C LEU B 106 -8.28 29.88 22.78
N ASP B 107 -8.72 30.17 24.00
CA ASP B 107 -8.97 31.54 24.42
C ASP B 107 -9.88 32.18 23.39
N ASP B 108 -10.87 31.41 22.93
CA ASP B 108 -11.92 31.86 22.01
C ASP B 108 -11.42 32.16 20.61
N ARG B 109 -10.15 31.89 20.33
CA ARG B 109 -9.65 32.13 18.98
C ARG B 109 -9.42 30.82 18.27
N ILE B 110 -9.86 30.75 17.03
CA ILE B 110 -9.62 29.57 16.25
C ILE B 110 -8.16 29.49 15.86
N ILE B 111 -7.51 28.44 16.32
CA ILE B 111 -6.10 28.22 16.11
C ILE B 111 -5.83 27.82 14.68
N ARG B 112 -4.83 28.42 14.04
CA ARG B 112 -4.56 28.15 12.63
C ARG B 112 -3.11 27.73 12.43
N THR B 113 -2.86 26.45 12.13
CA THR B 113 -1.47 25.99 12.04
C THR B 113 -1.08 25.68 10.61
N ASP B 114 0.21 25.72 10.32
CA ASP B 114 0.68 25.31 9.02
C ASP B 114 2.08 24.73 9.14
N TRP B 115 2.45 23.90 8.18
CA TRP B 115 3.80 23.37 8.14
C TRP B 115 4.76 24.51 8.00
N ASP B 116 5.87 24.43 8.69
CA ASP B 116 6.85 25.49 8.57
C ASP B 116 8.16 24.87 8.17
N ALA B 117 8.91 25.56 7.31
CA ALA B 117 10.21 25.05 6.82
C ALA B 117 11.21 24.88 7.97
N GLY B 118 10.97 25.56 9.07
CA GLY B 118 11.80 25.43 10.25
C GLY B 118 12.02 26.83 10.76
N PHE B 119 12.22 26.98 12.06
CA PHE B 119 12.49 28.30 12.61
C PHE B 119 13.86 28.81 12.15
N LYS B 120 13.97 30.13 12.00
CA LYS B 120 15.26 30.82 11.78
C LYS B 120 15.30 32.07 12.66
N GLU B 121 16.48 32.46 13.11
CA GLU B 121 16.58 33.59 14.03
C GLU B 121 16.11 34.88 13.34
N GLY B 122 15.15 35.56 13.96
CA GLY B 122 14.55 36.76 13.37
C GLY B 122 13.08 36.51 13.03
N ARG B 123 12.74 35.24 12.86
CA ARG B 123 11.38 34.91 12.45
C ARG B 123 10.38 34.97 13.61
N GLN B 124 10.83 35.27 14.81
CA GLN B 124 9.90 35.37 15.93
C GLN B 124 9.37 36.79 16.15
N TYR B 125 9.76 37.72 15.29
CA TYR B 125 9.26 39.08 15.38
C TYR B 125 8.22 39.36 14.29
N GLY B 126 7.16 40.08 14.66
CA GLY B 126 6.09 40.44 13.73
C GLY B 126 5.52 41.83 14.02
N MET C 1 -17.93 27.08 -22.46
CA MET C 1 -16.98 26.30 -21.62
C MET C 1 -16.72 24.93 -22.22
N ASN C 2 -15.53 24.38 -21.95
CA ASN C 2 -15.25 22.98 -22.22
C ASN C 2 -15.72 22.10 -21.04
N GLN C 3 -15.94 20.82 -21.30
CA GLN C 3 -16.11 19.85 -20.21
C GLN C 3 -14.73 19.25 -19.89
N GLY C 4 -14.19 19.59 -18.73
CA GLY C 4 -12.84 19.14 -18.36
C GLY C 4 -11.86 19.36 -19.51
N THR C 5 -11.10 18.33 -19.86
CA THR C 5 -10.11 18.44 -20.93
C THR C 5 -10.55 17.77 -22.23
N VAL C 6 -11.85 17.48 -22.35
CA VAL C 6 -12.37 16.86 -23.58
C VAL C 6 -12.61 17.93 -24.65
N ASN C 7 -12.01 17.70 -25.81
CA ASN C 7 -12.33 18.44 -27.02
C ASN C 7 -12.09 19.95 -27.00
N TRP C 8 -10.93 20.39 -26.52
CA TRP C 8 -10.61 21.81 -26.65
C TRP C 8 -10.27 22.18 -28.09
N SER C 9 -10.53 23.44 -28.42
CA SER C 9 -9.99 24.01 -29.63
C SER C 9 -8.45 24.10 -29.49
N VAL C 10 -7.77 24.23 -30.62
CA VAL C 10 -6.33 24.45 -30.58
C VAL C 10 -6.04 25.74 -29.79
N ASP C 11 -6.75 26.81 -30.11
CA ASP C 11 -6.59 28.09 -29.45
C ASP C 11 -6.58 28.01 -27.92
N ASP C 12 -7.54 27.29 -27.37
CA ASP C 12 -7.53 27.04 -25.94
C ASP C 12 -6.23 26.36 -25.50
N ILE C 13 -5.83 25.30 -26.22
CA ILE C 13 -4.59 24.59 -25.91
C ILE C 13 -3.40 25.54 -25.92
N VAL C 14 -3.34 26.41 -26.91
CA VAL C 14 -2.25 27.35 -27.04
C VAL C 14 -2.20 28.36 -25.89
N LYS C 15 -3.36 28.89 -25.51
CA LYS C 15 -3.42 29.83 -24.41
C LYS C 15 -3.06 29.17 -23.07
N GLY C 16 -3.52 27.93 -22.87
CA GLY C 16 -3.24 27.22 -21.62
C GLY C 16 -1.79 26.76 -21.52
N ILE C 17 -1.20 26.47 -22.67
CA ILE C 17 0.18 25.99 -22.72
C ILE C 17 1.13 27.17 -22.50
N ASN C 18 0.75 28.32 -23.05
CA ASN C 18 1.53 29.56 -22.93
C ASN C 18 1.23 30.35 -21.67
N SER C 19 0.67 29.68 -20.65
CA SER C 19 0.39 30.33 -19.37
C SER C 19 1.53 30.18 -18.37
N SER C 20 1.61 31.10 -17.42
CA SER C 20 2.62 31.04 -16.37
C SER C 20 2.31 29.87 -15.42
N ASN C 21 1.02 29.68 -15.12
CA ASN C 21 0.58 28.64 -14.19
C ASN C 21 0.69 27.25 -14.79
N VAL C 22 1.53 26.42 -14.18
CA VAL C 22 1.79 25.06 -14.67
C VAL C 22 0.53 24.20 -14.66
N GLU C 23 -0.44 24.54 -13.81
CA GLU C 23 -1.68 23.79 -13.72
C GLU C 23 -2.55 24.08 -14.95
N ASN C 24 -2.44 25.31 -15.45
CA ASN C 24 -3.05 25.66 -16.72
C ASN C 24 -2.37 24.90 -17.83
N GLN C 25 -1.04 24.88 -17.80
CA GLN C 25 -0.26 24.17 -18.80
C GLN C 25 -0.57 22.68 -18.75
N LEU C 26 -0.55 22.10 -17.56
CA LEU C 26 -0.82 20.68 -17.40
C LEU C 26 -2.20 20.31 -17.93
N GLN C 27 -3.17 21.21 -17.83
CA GLN C 27 -4.50 20.93 -18.38
C GLN C 27 -4.55 21.10 -19.89
N ALA C 28 -3.82 22.08 -20.42
CA ALA C 28 -3.79 22.27 -21.86
C ALA C 28 -3.07 21.11 -22.53
N THR C 29 -1.93 20.70 -21.96
CA THR C 29 -1.18 19.58 -22.50
C THR C 29 -2.03 18.32 -22.55
N GLN C 30 -2.78 18.07 -21.48
CA GLN C 30 -3.67 16.91 -21.46
C GLN C 30 -4.74 17.05 -22.54
N ALA C 31 -5.20 18.28 -22.76
CA ALA C 31 -6.25 18.53 -23.74
C ALA C 31 -5.71 18.20 -25.13
N ALA C 32 -4.44 18.55 -25.35
CA ALA C 32 -3.83 18.23 -26.65
C ALA C 32 -3.73 16.72 -26.81
N ARG C 33 -3.30 16.04 -25.75
CA ARG C 33 -3.17 14.59 -25.79
C ARG C 33 -4.50 13.88 -26.06
N LYS C 34 -5.59 14.43 -25.57
CA LYS C 34 -6.88 13.79 -25.78
C LYS C 34 -7.33 13.95 -27.22
N LEU C 35 -7.00 15.10 -27.79
CA LEU C 35 -7.26 15.38 -29.19
C LEU C 35 -6.43 14.41 -30.05
N LEU C 36 -5.20 14.16 -29.63
CA LEU C 36 -4.26 13.32 -30.41
C LEU C 36 -4.53 11.83 -30.29
N SER C 37 -5.25 11.41 -29.26
CA SER C 37 -5.52 9.98 -29.11
C SER C 37 -6.96 9.62 -29.38
N ARG C 38 -7.69 10.54 -29.98
CA ARG C 38 -9.09 10.30 -30.28
C ARG C 38 -9.20 9.34 -31.46
N GLU C 39 -10.32 8.65 -31.55
CA GLU C 39 -10.46 7.58 -32.51
C GLU C 39 -10.25 8.02 -33.98
N LYS C 40 -10.87 9.12 -34.37
CA LYS C 40 -10.93 9.52 -35.78
C LYS C 40 -10.18 10.82 -36.08
N GLN C 41 -9.25 10.76 -37.02
CA GLN C 41 -8.62 11.96 -37.59
C GLN C 41 -8.02 12.93 -36.56
N PRO C 42 -7.10 12.41 -35.74
CA PRO C 42 -6.39 13.32 -34.85
C PRO C 42 -5.81 14.49 -35.67
N PRO C 43 -5.92 15.72 -35.14
CA PRO C 43 -5.51 16.91 -35.87
C PRO C 43 -4.01 17.18 -35.68
N ILE C 44 -3.19 16.28 -36.21
CA ILE C 44 -1.75 16.34 -36.00
C ILE C 44 -1.17 17.61 -36.62
N ASP C 45 -1.45 17.84 -37.89
CA ASP C 45 -0.90 19.00 -38.57
C ASP C 45 -1.27 20.32 -37.86
N ASN C 46 -2.50 20.41 -37.35
CA ASN C 46 -2.97 21.64 -36.71
C ASN C 46 -2.19 21.92 -35.44
N ILE C 47 -1.83 20.85 -34.76
CA ILE C 47 -1.11 20.99 -33.51
C ILE C 47 0.35 21.36 -33.77
N ILE C 48 0.92 20.76 -34.82
CA ILE C 48 2.28 21.09 -35.25
C ILE C 48 2.33 22.53 -35.71
N ARG C 49 1.39 22.91 -36.57
CA ARG C 49 1.33 24.29 -37.08
C ARG C 49 1.15 25.34 -36.01
N ALA C 50 0.62 24.93 -34.86
CA ALA C 50 0.37 25.88 -33.79
C ALA C 50 1.63 26.12 -32.96
N GLY C 51 2.73 25.47 -33.35
CA GLY C 51 4.03 25.72 -32.73
C GLY C 51 4.26 25.02 -31.41
N LEU C 52 3.50 23.95 -31.17
CA LEU C 52 3.44 23.28 -29.88
C LEU C 52 4.57 22.30 -29.57
N ILE C 53 5.21 21.75 -30.60
CA ILE C 53 6.29 20.77 -30.41
C ILE C 53 7.34 21.23 -29.36
N PRO C 54 7.95 22.40 -29.58
CA PRO C 54 9.01 22.91 -28.69
C PRO C 54 8.52 23.00 -27.26
N LYS C 55 7.31 23.51 -27.07
CA LYS C 55 6.71 23.54 -25.76
C LYS C 55 6.55 22.12 -25.24
N PHE C 56 5.99 21.24 -26.07
CA PHE C 56 5.90 19.83 -25.73
C PHE C 56 7.27 19.28 -25.33
N VAL C 57 8.31 19.62 -26.09
CA VAL C 57 9.66 19.14 -25.78
C VAL C 57 10.22 19.73 -24.47
N SER C 58 9.95 21.00 -24.21
CA SER C 58 10.24 21.60 -22.91
C SER C 58 9.68 20.75 -21.76
N PHE C 59 8.39 20.42 -21.87
CA PHE C 59 7.68 19.73 -20.80
C PHE C 59 8.28 18.38 -20.42
N LEU C 60 8.77 17.64 -21.41
CA LEU C 60 9.52 16.42 -21.15
C LEU C 60 10.62 16.60 -20.09
N GLY C 61 11.25 17.77 -20.06
CA GLY C 61 12.33 18.04 -19.11
C GLY C 61 11.91 18.58 -17.76
N ARG C 62 10.71 19.14 -17.68
CA ARG C 62 10.15 19.64 -16.43
C ARG C 62 10.12 18.54 -15.38
N THR C 63 11.30 18.17 -14.90
CA THR C 63 11.45 17.03 -13.99
C THR C 63 10.45 17.08 -12.84
N ASP C 64 10.39 18.23 -12.17
CA ASP C 64 9.53 18.41 -11.00
C ASP C 64 8.10 17.92 -11.26
N CYS C 65 7.55 18.29 -12.41
CA CYS C 65 6.13 18.07 -12.70
C CYS C 65 5.86 16.76 -13.47
N SER C 66 5.81 15.67 -12.70
CA SER C 66 5.66 14.32 -13.20
C SER C 66 4.51 14.18 -14.23
N PRO C 67 3.31 14.65 -13.87
CA PRO C 67 2.15 14.55 -14.74
C PRO C 67 2.32 15.21 -16.11
N ILE C 68 3.02 16.33 -16.19
CA ILE C 68 3.10 17.01 -17.48
C ILE C 68 4.15 16.38 -18.38
N GLN C 69 5.08 15.64 -17.79
CA GLN C 69 6.03 14.90 -18.59
C GLN C 69 5.30 13.81 -19.35
N PHE C 70 4.35 13.18 -18.68
CA PHE C 70 3.60 12.06 -19.24
C PHE C 70 2.66 12.49 -20.34
N GLU C 71 1.88 13.53 -20.09
CA GLU C 71 0.96 14.06 -21.09
C GLU C 71 1.69 14.54 -22.34
N SER C 72 2.85 15.17 -22.14
CA SER C 72 3.61 15.64 -23.28
C SER C 72 4.26 14.48 -24.02
N ALA C 73 4.75 13.50 -23.27
CA ALA C 73 5.35 12.33 -23.87
C ALA C 73 4.31 11.62 -24.73
N TRP C 74 3.10 11.49 -24.20
CA TRP C 74 2.02 10.82 -24.90
C TRP C 74 1.61 11.61 -26.16
N ALA C 75 1.59 12.93 -26.05
CA ALA C 75 1.30 13.78 -27.20
C ALA C 75 2.30 13.63 -28.35
N LEU C 76 3.58 13.80 -28.04
CA LEU C 76 4.64 13.67 -29.02
C LEU C 76 4.71 12.26 -29.62
N THR C 77 4.35 11.25 -28.82
CA THR C 77 4.22 9.88 -29.32
C THR C 77 3.21 9.81 -30.44
N ASN C 78 2.05 10.41 -30.21
CA ASN C 78 0.99 10.39 -31.21
C ASN C 78 1.27 11.24 -32.45
N ILE C 79 2.00 12.33 -32.29
CA ILE C 79 2.42 13.09 -33.46
C ILE C 79 3.39 12.26 -34.33
N ALA C 80 4.41 11.71 -33.68
CA ALA C 80 5.43 10.91 -34.34
C ALA C 80 4.88 9.57 -34.85
N SER C 81 3.62 9.27 -34.53
CA SER C 81 3.01 8.01 -34.93
C SER C 81 2.42 8.18 -36.31
N GLY C 82 2.52 9.38 -36.85
CA GLY C 82 1.94 9.67 -38.17
C GLY C 82 2.92 9.50 -39.33
N THR C 83 2.80 10.39 -40.31
CA THR C 83 3.57 10.35 -41.54
C THR C 83 5.00 10.80 -41.31
N SER C 84 5.83 10.65 -42.34
CA SER C 84 7.23 11.04 -42.23
C SER C 84 7.44 12.51 -41.88
N GLU C 85 6.66 13.40 -42.47
CA GLU C 85 6.78 14.81 -42.13
C GLU C 85 6.41 15.06 -40.66
N GLN C 86 5.40 14.34 -40.16
CA GLN C 86 4.97 14.51 -38.76
C GLN C 86 6.01 14.06 -37.73
N THR C 87 6.69 12.96 -38.03
CA THR C 87 7.76 12.44 -37.15
C THR C 87 9.02 13.32 -37.24
N LYS C 88 9.32 13.80 -38.43
CA LYS C 88 10.47 14.68 -38.62
C LYS C 88 10.29 15.95 -37.77
N ALA C 89 9.05 16.41 -37.63
CA ALA C 89 8.77 17.58 -36.79
C ALA C 89 9.11 17.32 -35.32
N VAL C 90 8.76 16.12 -34.83
CA VAL C 90 9.10 15.75 -33.46
C VAL C 90 10.62 15.72 -33.28
N VAL C 91 11.30 15.17 -34.29
CA VAL C 91 12.75 15.03 -34.28
C VAL C 91 13.44 16.38 -34.38
N ASP C 92 12.87 17.28 -35.16
CA ASP C 92 13.45 18.62 -35.29
C ASP C 92 13.24 19.44 -34.03
N GLY C 93 12.29 19.02 -33.21
CA GLY C 93 12.03 19.68 -31.93
C GLY C 93 13.09 19.32 -30.90
N GLY C 94 14.01 18.43 -31.27
CA GLY C 94 15.02 17.94 -30.34
C GLY C 94 14.44 16.91 -29.39
N ALA C 95 13.37 16.22 -29.79
CA ALA C 95 12.68 15.28 -28.91
C ALA C 95 13.48 14.02 -28.57
N ILE C 96 14.40 13.65 -29.45
CA ILE C 96 15.16 12.39 -29.27
C ILE C 96 16.05 12.40 -28.02
N PRO C 97 16.98 13.35 -27.92
CA PRO C 97 17.78 13.53 -26.71
C PRO C 97 16.93 13.57 -25.45
N ALA C 98 15.75 14.17 -25.52
CA ALA C 98 14.91 14.36 -24.34
C ALA C 98 14.13 13.11 -23.92
N PHE C 99 13.68 12.33 -24.90
CA PHE C 99 13.05 11.06 -24.61
C PHE C 99 14.05 10.07 -24.01
N ILE C 100 15.30 10.14 -24.47
CA ILE C 100 16.29 9.23 -23.95
C ILE C 100 16.53 9.56 -22.47
N SER C 101 16.55 10.85 -22.15
CA SER C 101 16.70 11.28 -20.78
C SER C 101 15.60 10.66 -19.93
N LEU C 102 14.38 10.63 -20.46
CA LEU C 102 13.24 10.10 -19.73
C LEU C 102 13.33 8.59 -19.47
N LEU C 103 14.09 7.88 -20.29
CA LEU C 103 14.25 6.46 -20.09
C LEU C 103 14.69 6.15 -18.67
N ALA C 104 15.28 7.15 -17.99
CA ALA C 104 15.82 6.96 -16.65
C ALA C 104 14.87 7.43 -15.54
N SER C 105 13.71 7.95 -15.92
CA SER C 105 12.72 8.39 -14.96
C SER C 105 12.42 7.32 -13.93
N PRO C 106 12.25 7.72 -12.67
CA PRO C 106 11.78 6.87 -11.57
C PRO C 106 10.31 6.49 -11.71
N HIS C 107 9.55 7.21 -12.54
CA HIS C 107 8.16 6.84 -12.84
C HIS C 107 8.07 5.90 -14.06
N ALA C 108 7.81 4.62 -13.79
CA ALA C 108 7.70 3.62 -14.84
C ALA C 108 6.79 4.04 -16.00
N HIS C 109 5.70 4.75 -15.70
CA HIS C 109 4.78 5.18 -16.76
C HIS C 109 5.41 6.20 -17.71
N ILE C 110 6.34 7.00 -17.22
CA ILE C 110 6.98 7.98 -18.09
C ILE C 110 8.06 7.38 -18.99
N SER C 111 8.95 6.59 -18.41
CA SER C 111 9.96 5.96 -19.22
C SER C 111 9.25 5.04 -20.24
N GLU C 112 8.24 4.29 -19.80
CA GLU C 112 7.50 3.43 -20.72
C GLU C 112 7.03 4.25 -21.93
N GLN C 113 6.53 5.46 -21.65
CA GLN C 113 6.07 6.33 -22.72
C GLN C 113 7.18 6.84 -23.65
N ALA C 114 8.39 7.02 -23.10
CA ALA C 114 9.54 7.48 -23.86
C ALA C 114 10.04 6.35 -24.77
N VAL C 115 9.82 5.12 -24.33
CA VAL C 115 10.20 3.96 -25.09
C VAL C 115 9.34 3.87 -26.34
N TRP C 116 8.02 4.03 -26.15
CA TRP C 116 7.04 4.04 -27.23
C TRP C 116 7.29 5.14 -28.26
N ALA C 117 7.62 6.33 -27.77
CA ALA C 117 7.92 7.44 -28.66
C ALA C 117 9.17 7.17 -29.50
N LEU C 118 10.23 6.68 -28.86
CA LEU C 118 11.50 6.44 -29.58
C LEU C 118 11.26 5.35 -30.61
N GLY C 119 10.51 4.33 -30.21
CA GLY C 119 9.97 3.32 -31.13
C GLY C 119 9.22 3.86 -32.34
N ASN C 120 8.34 4.84 -32.15
CA ASN C 120 7.65 5.41 -33.29
C ASN C 120 8.67 6.12 -34.19
N ILE C 121 9.58 6.86 -33.56
CA ILE C 121 10.57 7.64 -34.31
C ILE C 121 11.53 6.75 -35.09
N ALA C 122 12.03 5.67 -34.46
CA ALA C 122 12.89 4.70 -35.14
C ALA C 122 12.12 3.94 -36.21
N GLY C 123 10.84 3.71 -35.95
CA GLY C 123 9.98 2.97 -36.88
C GLY C 123 9.73 3.73 -38.18
N ASP C 124 10.16 4.97 -38.24
CA ASP C 124 9.94 5.75 -39.44
C ASP C 124 10.81 5.29 -40.61
N GLY C 125 11.94 4.67 -40.31
CA GLY C 125 12.89 4.30 -41.35
C GLY C 125 14.33 4.32 -40.87
N SER C 126 15.27 4.07 -41.78
CA SER C 126 16.65 3.87 -41.39
C SER C 126 17.34 5.11 -40.84
N VAL C 127 17.02 6.27 -41.40
CA VAL C 127 17.70 7.48 -40.93
C VAL C 127 17.33 7.78 -39.48
N PHE C 128 16.04 7.85 -39.18
CA PHE C 128 15.64 8.08 -37.80
C PHE C 128 16.04 6.96 -36.85
N ARG C 129 16.05 5.71 -37.34
CA ARG C 129 16.62 4.61 -36.60
C ARG C 129 18.05 4.95 -36.21
N ASP C 130 18.89 5.14 -37.21
CA ASP C 130 20.29 5.49 -36.95
C ASP C 130 20.35 6.72 -36.04
N LEU C 131 19.55 7.73 -36.37
CA LEU C 131 19.55 8.96 -35.61
C LEU C 131 19.25 8.69 -34.13
N VAL C 132 18.36 7.74 -33.86
CA VAL C 132 18.03 7.37 -32.48
C VAL C 132 19.22 6.67 -31.78
N ILE C 133 19.70 5.60 -32.39
CA ILE C 133 20.90 4.89 -31.92
C ILE C 133 22.09 5.81 -31.58
N LYS C 134 22.35 6.77 -32.47
CA LYS C 134 23.52 7.64 -32.35
C LYS C 134 23.40 8.60 -31.17
N TYR C 135 22.18 8.97 -30.83
CA TYR C 135 21.93 9.74 -29.62
C TYR C 135 22.12 8.88 -28.38
N GLY C 136 22.46 7.61 -28.58
CA GLY C 136 22.78 6.71 -27.48
C GLY C 136 21.55 6.09 -26.84
N ALA C 137 20.54 5.78 -27.65
CA ALA C 137 19.29 5.25 -27.12
C ALA C 137 19.41 3.82 -26.58
N VAL C 138 20.39 3.08 -27.12
CA VAL C 138 20.54 1.64 -26.89
C VAL C 138 20.90 1.23 -25.45
N ASP C 139 22.02 1.73 -24.93
CA ASP C 139 22.44 1.39 -23.57
CA ASP C 139 22.45 1.40 -23.56
C ASP C 139 21.30 1.43 -22.55
N PRO C 140 20.59 2.58 -22.45
CA PRO C 140 19.50 2.75 -21.48
C PRO C 140 18.34 1.81 -21.75
N LEU C 141 18.06 1.57 -23.02
CA LEU C 141 16.95 0.70 -23.40
C LEU C 141 17.22 -0.70 -22.87
N LEU C 142 18.42 -1.18 -23.12
CA LEU C 142 18.82 -2.48 -22.66
C LEU C 142 18.96 -2.46 -21.14
N ALA C 143 19.32 -1.30 -20.62
CA ALA C 143 19.47 -1.17 -19.17
C ALA C 143 18.15 -1.53 -18.50
N LEU C 144 17.04 -1.08 -19.09
CA LEU C 144 15.71 -1.39 -18.58
C LEU C 144 15.37 -2.88 -18.54
N LEU C 145 16.09 -3.70 -19.30
CA LEU C 145 15.73 -5.11 -19.48
C LEU C 145 16.65 -6.09 -18.79
N ALA C 146 17.28 -5.66 -17.70
CA ALA C 146 18.26 -6.52 -17.03
C ALA C 146 17.75 -7.20 -15.75
N VAL C 147 18.38 -8.34 -15.42
CA VAL C 147 18.02 -9.18 -14.27
C VAL C 147 16.61 -9.72 -14.36
N SER C 151 11.67 -10.74 -17.09
CA SER C 151 10.87 -10.04 -16.10
C SER C 151 11.67 -9.79 -14.81
N SER C 152 10.99 -9.26 -13.80
CA SER C 152 9.53 -9.12 -13.86
C SER C 152 8.99 -7.68 -13.89
N LEU C 153 8.97 -7.07 -15.06
CA LEU C 153 8.31 -5.78 -15.23
C LEU C 153 6.86 -6.07 -15.60
N ALA C 154 6.02 -5.04 -15.66
CA ALA C 154 4.66 -5.25 -16.15
C ALA C 154 4.67 -5.70 -17.62
N CYS C 155 3.59 -6.34 -18.06
CA CYS C 155 3.49 -6.80 -19.45
C CYS C 155 3.63 -5.65 -20.43
N GLY C 156 2.65 -4.75 -20.42
CA GLY C 156 2.67 -3.60 -21.30
C GLY C 156 4.09 -3.08 -21.48
N TYR C 157 4.81 -3.00 -20.37
CA TYR C 157 6.12 -2.39 -20.36
C TYR C 157 7.10 -3.24 -21.16
N LEU C 158 7.07 -4.54 -20.90
CA LEU C 158 7.95 -5.46 -21.59
C LEU C 158 7.67 -5.43 -23.09
N ARG C 159 6.40 -5.51 -23.45
CA ARG C 159 6.00 -5.52 -24.84
C ARG C 159 6.42 -4.25 -25.54
N ASN C 160 6.33 -3.13 -24.83
CA ASN C 160 6.74 -1.86 -25.39
C ASN C 160 8.23 -1.83 -25.66
N LEU C 161 9.01 -2.27 -24.68
CA LEU C 161 10.45 -2.38 -24.86
C LEU C 161 10.83 -3.26 -26.06
N THR C 162 10.20 -4.43 -26.16
CA THR C 162 10.53 -5.38 -27.19
C THR C 162 10.19 -4.77 -28.53
N TRP C 163 9.00 -4.22 -28.67
CA TRP C 163 8.60 -3.61 -29.91
C TRP C 163 9.57 -2.50 -30.37
N THR C 164 9.96 -1.61 -29.47
CA THR C 164 10.95 -0.55 -29.80
C THR C 164 12.33 -1.11 -30.18
N LEU C 165 12.76 -2.17 -29.51
CA LEU C 165 14.01 -2.80 -29.88
C LEU C 165 13.91 -3.38 -31.28
N SER C 166 12.75 -3.94 -31.59
CA SER C 166 12.59 -4.58 -32.88
C SER C 166 12.67 -3.53 -33.99
N ASN C 167 12.31 -2.28 -33.70
CA ASN C 167 12.47 -1.19 -34.70
C ASN C 167 13.93 -0.74 -34.87
N LEU C 168 14.72 -0.84 -33.82
CA LEU C 168 16.14 -0.57 -33.95
C LEU C 168 16.82 -1.64 -34.78
N CYS C 169 16.17 -2.79 -34.92
CA CYS C 169 16.70 -3.91 -35.68
C CYS C 169 16.26 -3.89 -37.10
N ARG C 170 15.33 -3.01 -37.43
CA ARG C 170 14.58 -3.12 -38.68
C ARG C 170 15.04 -2.14 -39.75
N ASN C 171 14.67 -2.47 -41.00
CA ASN C 171 14.95 -1.65 -42.17
C ASN C 171 16.37 -1.80 -42.68
N LYS C 172 16.57 -1.38 -43.93
CA LYS C 172 17.78 -1.65 -44.67
C LYS C 172 18.25 -0.40 -45.37
N ASN C 173 19.41 -0.47 -46.01
CA ASN C 173 19.87 0.66 -46.81
C ASN C 173 20.02 1.98 -46.05
N PRO C 174 20.86 1.97 -45.01
CA PRO C 174 21.63 0.78 -44.63
C PRO C 174 20.96 -0.03 -43.51
N ALA C 175 21.52 -1.21 -43.27
CA ALA C 175 21.08 -2.00 -42.14
C ALA C 175 21.56 -1.33 -40.86
N PRO C 176 21.04 -1.76 -39.70
CA PRO C 176 21.48 -1.11 -38.48
C PRO C 176 23.00 -1.30 -38.27
N PRO C 177 23.66 -0.31 -37.65
CA PRO C 177 25.07 -0.44 -37.30
C PRO C 177 25.37 -1.79 -36.64
N ILE C 178 26.39 -2.49 -37.12
CA ILE C 178 26.72 -3.83 -36.61
C ILE C 178 26.92 -3.86 -35.09
N ASP C 179 27.65 -2.87 -34.58
CA ASP C 179 27.93 -2.77 -33.15
C ASP C 179 26.67 -2.60 -32.30
N ALA C 180 25.71 -1.82 -32.81
CA ALA C 180 24.41 -1.71 -32.16
C ALA C 180 23.73 -3.10 -32.10
N VAL C 181 23.82 -3.86 -33.20
CA VAL C 181 23.19 -5.18 -33.27
C VAL C 181 23.82 -6.16 -32.27
N GLU C 182 25.14 -6.22 -32.25
CA GLU C 182 25.86 -7.11 -31.33
C GLU C 182 25.52 -6.86 -29.85
N GLN C 183 25.19 -5.62 -29.52
CA GLN C 183 24.84 -5.26 -28.15
C GLN C 183 23.37 -5.55 -27.88
N ILE C 184 22.53 -5.37 -28.90
CA ILE C 184 21.12 -5.71 -28.79
C ILE C 184 20.91 -7.23 -28.68
N LEU C 185 21.65 -8.02 -29.46
CA LEU C 185 21.32 -9.44 -29.64
C LEU C 185 21.14 -10.28 -28.36
N PRO C 186 22.11 -10.22 -27.44
CA PRO C 186 21.99 -10.96 -26.18
C PRO C 186 20.66 -10.70 -25.47
N THR C 187 20.12 -9.49 -25.57
CA THR C 187 18.81 -9.21 -24.98
C THR C 187 17.73 -9.96 -25.76
N LEU C 188 17.84 -9.95 -27.08
CA LEU C 188 16.86 -10.65 -27.92
C LEU C 188 16.84 -12.14 -27.62
N VAL C 189 18.03 -12.70 -27.47
CA VAL C 189 18.15 -14.09 -27.08
C VAL C 189 17.37 -14.41 -25.81
N ARG C 190 17.50 -13.60 -24.78
CA ARG C 190 16.74 -13.86 -23.56
C ARG C 190 15.24 -13.63 -23.77
N LEU C 191 14.88 -12.56 -24.50
CA LEU C 191 13.47 -12.28 -24.80
C LEU C 191 12.85 -13.43 -25.60
N LEU C 192 13.67 -14.11 -26.40
CA LEU C 192 13.15 -15.26 -27.14
C LEU C 192 12.72 -16.41 -26.20
N HIS C 193 13.21 -16.40 -24.96
CA HIS C 193 12.87 -17.46 -23.99
C HIS C 193 11.79 -17.07 -22.98
N HIS C 194 11.30 -15.83 -23.08
CA HIS C 194 10.21 -15.37 -22.23
C HIS C 194 8.91 -16.07 -22.65
N ASP C 195 7.89 -15.98 -21.79
CA ASP C 195 6.64 -16.71 -21.99
C ASP C 195 5.51 -15.91 -22.66
N ASP C 196 5.63 -14.58 -22.73
CA ASP C 196 4.56 -13.75 -23.32
C ASP C 196 4.46 -13.86 -24.84
N PRO C 197 3.26 -14.22 -25.34
CA PRO C 197 2.99 -14.38 -26.77
C PRO C 197 3.40 -13.15 -27.59
N GLU C 198 3.09 -11.95 -27.09
CA GLU C 198 3.38 -10.75 -27.84
C GLU C 198 4.86 -10.40 -27.79
N VAL C 199 5.50 -10.61 -26.65
CA VAL C 199 6.94 -10.43 -26.62
C VAL C 199 7.62 -11.38 -27.59
N LEU C 200 7.16 -12.62 -27.64
CA LEU C 200 7.77 -13.59 -28.52
C LEU C 200 7.56 -13.21 -29.99
N ALA C 201 6.35 -12.80 -30.34
CA ALA C 201 6.04 -12.38 -31.71
C ALA C 201 7.05 -11.32 -32.15
N ASP C 202 7.16 -10.26 -31.35
CA ASP C 202 8.01 -9.15 -31.77
C ASP C 202 9.51 -9.44 -31.68
N THR C 203 9.92 -10.35 -30.78
CA THR C 203 11.34 -10.72 -30.74
C THR C 203 11.66 -11.46 -32.02
N CYS C 204 10.75 -12.34 -32.45
CA CYS C 204 10.92 -13.03 -33.73
C CYS C 204 11.00 -12.06 -34.93
N TRP C 205 10.09 -11.10 -34.97
CA TRP C 205 10.20 -10.09 -36.02
C TRP C 205 11.60 -9.48 -35.97
N ALA C 206 12.03 -9.07 -34.77
CA ALA C 206 13.32 -8.41 -34.63
C ALA C 206 14.44 -9.25 -35.27
N ILE C 207 14.51 -10.50 -34.84
CA ILE C 207 15.45 -11.46 -35.41
C ILE C 207 15.30 -11.68 -36.92
N SER C 208 14.06 -11.60 -37.40
CA SER C 208 13.83 -11.85 -38.82
C SER C 208 14.36 -10.66 -39.59
N TYR C 209 14.24 -9.49 -38.99
CA TYR C 209 14.92 -8.32 -39.54
C TYR C 209 16.47 -8.49 -39.58
N LEU C 210 17.08 -9.01 -38.51
CA LEU C 210 18.55 -9.09 -38.47
C LEU C 210 19.10 -10.13 -39.45
N THR C 211 18.35 -11.18 -39.68
CA THR C 211 18.71 -12.26 -40.59
C THR C 211 18.43 -11.93 -42.07
N ASP C 212 17.74 -10.82 -42.31
CA ASP C 212 17.41 -10.39 -43.65
C ASP C 212 18.55 -9.53 -44.17
N GLY C 213 19.62 -10.18 -44.59
CA GLY C 213 20.81 -9.46 -45.04
C GLY C 213 21.86 -10.45 -45.52
N PRO C 214 23.11 -9.98 -45.69
CA PRO C 214 24.16 -10.88 -46.19
C PRO C 214 24.70 -11.87 -45.13
N ASN C 215 25.52 -12.82 -45.57
CA ASN C 215 26.13 -13.82 -44.69
C ASN C 215 26.71 -13.30 -43.37
N GLU C 216 27.32 -12.11 -43.35
CA GLU C 216 27.82 -11.56 -42.07
C GLU C 216 26.66 -11.37 -41.12
N ARG C 217 25.57 -10.80 -41.62
CA ARG C 217 24.45 -10.45 -40.75
C ARG C 217 23.79 -11.72 -40.24
N ILE C 218 23.60 -12.66 -41.15
CA ILE C 218 23.02 -13.93 -40.76
C ILE C 218 23.86 -14.62 -39.69
N GLY C 219 25.18 -14.57 -39.87
CA GLY C 219 26.13 -15.20 -38.97
C GLY C 219 26.18 -14.65 -37.55
N MET C 220 25.87 -13.38 -37.34
CA MET C 220 25.79 -12.85 -35.99
C MET C 220 24.58 -13.43 -35.25
N VAL C 221 23.46 -13.56 -35.93
CA VAL C 221 22.34 -14.25 -35.30
C VAL C 221 22.64 -15.74 -35.06
N VAL C 222 23.11 -16.45 -36.08
CA VAL C 222 23.47 -17.87 -35.90
C VAL C 222 24.42 -18.10 -34.72
N LYS C 223 25.46 -17.29 -34.61
CA LYS C 223 26.52 -17.52 -33.62
C LYS C 223 25.99 -17.38 -32.20
N THR C 224 24.85 -16.75 -32.09
CA THR C 224 24.24 -16.50 -30.82
C THR C 224 23.73 -17.79 -30.18
N GLY C 225 23.41 -18.78 -31.01
CA GLY C 225 22.84 -20.03 -30.50
C GLY C 225 21.31 -20.07 -30.53
N VAL C 226 20.66 -19.07 -31.11
CA VAL C 226 19.18 -19.02 -31.07
C VAL C 226 18.44 -19.97 -32.00
N VAL C 227 19.10 -20.52 -33.00
CA VAL C 227 18.34 -21.27 -34.00
C VAL C 227 17.42 -22.36 -33.42
N PRO C 228 17.91 -23.18 -32.46
CA PRO C 228 17.02 -24.22 -31.94
C PRO C 228 15.77 -23.64 -31.30
N GLN C 229 15.91 -22.52 -30.62
CA GLN C 229 14.75 -21.84 -30.07
C GLN C 229 13.81 -21.29 -31.17
N LEU C 230 14.38 -20.72 -32.25
CA LEU C 230 13.55 -20.33 -33.40
C LEU C 230 12.79 -21.53 -33.95
N VAL C 231 13.48 -22.65 -34.07
CA VAL C 231 12.86 -23.86 -34.60
C VAL C 231 11.75 -24.37 -33.70
N LYS C 232 11.95 -24.28 -32.37
CA LYS C 232 10.87 -24.56 -31.43
C LYS C 232 9.64 -23.66 -31.59
N LEU C 233 9.86 -22.38 -31.86
CA LEU C 233 8.72 -21.47 -32.01
C LEU C 233 7.93 -21.69 -33.32
N LEU C 234 8.50 -22.44 -34.28
CA LEU C 234 7.76 -22.79 -35.50
C LEU C 234 6.58 -23.67 -35.21
N GLY C 235 6.61 -24.31 -34.03
CA GLY C 235 5.56 -25.25 -33.63
C GLY C 235 4.55 -24.61 -32.71
N ALA C 236 4.79 -23.35 -32.36
CA ALA C 236 3.91 -22.60 -31.47
C ALA C 236 2.51 -22.58 -32.05
N SER C 237 1.47 -22.71 -31.24
CA SER C 237 0.11 -22.69 -31.77
C SER C 237 -0.35 -21.30 -32.23
N GLU C 238 0.35 -20.26 -31.80
CA GLU C 238 0.00 -18.89 -32.20
C GLU C 238 0.63 -18.49 -33.55
N LEU C 239 -0.25 -18.11 -34.47
CA LEU C 239 0.15 -17.77 -35.82
C LEU C 239 1.02 -16.50 -35.84
N PRO C 240 0.68 -15.51 -35.01
CA PRO C 240 1.52 -14.34 -34.87
C PRO C 240 3.00 -14.69 -34.58
N ILE C 241 3.28 -15.85 -34.00
CA ILE C 241 4.67 -16.19 -33.65
C ILE C 241 5.34 -17.05 -34.72
N VAL C 242 4.59 -18.01 -35.25
CA VAL C 242 5.06 -18.89 -36.31
C VAL C 242 5.57 -18.06 -37.51
N THR C 243 4.77 -17.10 -37.95
CA THR C 243 5.08 -16.31 -39.15
C THR C 243 6.48 -15.67 -39.11
N PRO C 244 6.77 -14.89 -38.07
CA PRO C 244 8.08 -14.26 -38.00
C PRO C 244 9.18 -15.30 -37.74
N ALA C 245 8.88 -16.36 -36.98
CA ALA C 245 9.90 -17.38 -36.73
C ALA C 245 10.27 -18.03 -38.04
N LEU C 246 9.23 -18.38 -38.80
CA LEU C 246 9.40 -18.96 -40.12
C LEU C 246 10.15 -17.99 -41.07
N ARG C 247 9.80 -16.71 -41.03
CA ARG C 247 10.56 -15.76 -41.84
C ARG C 247 12.05 -15.73 -41.46
N ALA C 248 12.34 -15.74 -40.15
CA ALA C 248 13.76 -15.76 -39.72
C ALA C 248 14.48 -17.02 -40.21
N ILE C 249 13.86 -18.17 -40.01
CA ILE C 249 14.48 -19.41 -40.41
C ILE C 249 14.69 -19.39 -41.94
N GLY C 250 13.67 -18.93 -42.65
CA GLY C 250 13.78 -18.72 -44.07
C GLY C 250 14.95 -17.81 -44.43
N ASN C 251 15.13 -16.69 -43.73
CA ASN C 251 16.25 -15.82 -44.10
C ASN C 251 17.59 -16.43 -43.83
N ILE C 252 17.65 -17.21 -42.76
CA ILE C 252 18.89 -17.86 -42.44
C ILE C 252 19.36 -18.83 -43.50
N VAL C 253 18.47 -19.61 -44.10
CA VAL C 253 18.95 -20.58 -45.08
C VAL C 253 19.22 -19.93 -46.44
N THR C 254 19.12 -18.59 -46.52
CA THR C 254 19.55 -17.95 -47.74
C THR C 254 21.06 -17.72 -47.61
N GLY C 255 21.60 -18.09 -46.47
CA GLY C 255 23.03 -17.86 -46.19
C GLY C 255 23.89 -18.97 -46.74
N THR C 256 24.91 -19.38 -46.00
CA THR C 256 25.80 -20.43 -46.46
C THR C 256 25.24 -21.82 -46.18
N ASP C 257 25.88 -22.80 -46.79
CA ASP C 257 25.52 -24.19 -46.55
C ASP C 257 25.73 -24.52 -45.09
N GLU C 258 26.72 -23.90 -44.47
CA GLU C 258 27.02 -24.12 -43.06
C GLU C 258 25.94 -23.53 -42.19
N GLN C 259 25.44 -22.36 -42.59
CA GLN C 259 24.37 -21.73 -41.85
C GLN C 259 23.08 -22.54 -42.08
N THR C 260 22.89 -23.07 -43.27
CA THR C 260 21.70 -23.90 -43.48
C THR C 260 21.78 -25.19 -42.64
N GLN C 261 22.99 -25.70 -42.46
CA GLN C 261 23.20 -26.91 -41.68
C GLN C 261 22.79 -26.70 -40.23
N VAL C 262 22.93 -25.47 -39.76
CA VAL C 262 22.61 -25.16 -38.38
C VAL C 262 21.12 -25.34 -38.17
N VAL C 263 20.30 -24.88 -39.13
CA VAL C 263 18.85 -25.01 -38.99
C VAL C 263 18.34 -26.45 -39.17
N ILE C 264 18.98 -27.21 -40.06
CA ILE C 264 18.67 -28.63 -40.14
C ILE C 264 19.03 -29.34 -38.81
N ASP C 265 20.24 -29.08 -38.30
CA ASP C 265 20.70 -29.63 -37.00
C ASP C 265 19.75 -29.31 -35.85
N ALA C 266 19.03 -28.19 -35.95
CA ALA C 266 18.13 -27.75 -34.89
C ALA C 266 16.75 -28.34 -35.02
N GLY C 267 16.52 -29.15 -36.05
CA GLY C 267 15.25 -29.85 -36.16
C GLY C 267 14.26 -29.25 -37.15
N ALA C 268 14.69 -28.28 -37.94
CA ALA C 268 13.72 -27.67 -38.86
C ALA C 268 12.94 -28.69 -39.71
N LEU C 269 13.62 -29.73 -40.19
CA LEU C 269 12.97 -30.60 -41.16
C LEU C 269 11.84 -31.41 -40.58
N ALA C 270 11.80 -31.54 -39.25
CA ALA C 270 10.77 -32.33 -38.60
C ALA C 270 9.48 -31.51 -38.47
N VAL C 271 9.61 -30.19 -38.45
CA VAL C 271 8.42 -29.32 -38.46
C VAL C 271 7.83 -29.09 -39.86
N PHE C 272 8.65 -29.22 -40.89
CA PHE C 272 8.19 -28.89 -42.24
C PHE C 272 6.89 -29.56 -42.70
N PRO C 273 6.73 -30.86 -42.42
CA PRO C 273 5.52 -31.55 -42.85
C PRO C 273 4.28 -30.80 -42.37
N SER C 274 4.40 -30.30 -41.15
CA SER C 274 3.35 -29.50 -40.57
C SER C 274 3.16 -28.16 -41.30
N LEU C 275 4.25 -27.44 -41.57
CA LEU C 275 4.11 -26.15 -42.24
C LEU C 275 3.69 -26.31 -43.73
N LEU C 276 4.16 -27.34 -44.42
CA LEU C 276 3.77 -27.52 -45.80
C LEU C 276 2.26 -27.82 -45.97
N THR C 277 1.58 -28.25 -44.90
CA THR C 277 0.15 -28.58 -44.97
C THR C 277 -0.69 -27.65 -44.13
N ASN C 278 -0.07 -26.58 -43.65
CA ASN C 278 -0.78 -25.59 -42.85
C ASN C 278 -1.88 -24.87 -43.64
N PRO C 279 -3.11 -24.91 -43.15
CA PRO C 279 -4.21 -24.32 -43.92
C PRO C 279 -3.98 -22.84 -44.21
N LYS C 280 -3.00 -22.22 -43.56
CA LYS C 280 -2.71 -20.84 -43.84
C LYS C 280 -1.69 -20.72 -44.99
N THR C 281 -2.17 -20.28 -46.15
CA THR C 281 -1.39 -20.38 -47.38
C THR C 281 -0.11 -19.54 -47.39
N ASN C 282 -0.10 -18.45 -46.64
CA ASN C 282 1.09 -17.65 -46.47
C ASN C 282 2.16 -18.52 -45.82
N ILE C 283 1.76 -19.34 -44.86
CA ILE C 283 2.70 -20.26 -44.23
C ILE C 283 3.22 -21.31 -45.23
N GLN C 284 2.33 -21.88 -46.03
CA GLN C 284 2.73 -22.87 -46.99
C GLN C 284 3.76 -22.25 -47.90
N LYS C 285 3.48 -21.04 -48.34
CA LYS C 285 4.32 -20.38 -49.31
C LYS C 285 5.71 -20.12 -48.76
N GLU C 286 5.75 -19.57 -47.55
CA GLU C 286 7.03 -19.30 -46.88
C GLU C 286 7.82 -20.58 -46.59
N ALA C 287 7.12 -21.63 -46.14
CA ALA C 287 7.81 -22.89 -45.86
C ALA C 287 8.40 -23.48 -47.13
N THR C 288 7.67 -23.38 -48.24
CA THR C 288 8.19 -24.01 -49.45
C THR C 288 9.31 -23.17 -50.08
N TRP C 289 9.19 -21.85 -49.92
CA TRP C 289 10.31 -20.97 -50.23
C TRP C 289 11.58 -21.42 -49.46
N THR C 290 11.41 -21.60 -48.16
CA THR C 290 12.50 -22.03 -47.29
C THR C 290 13.10 -23.34 -47.78
N MET C 291 12.24 -24.30 -48.09
CA MET C 291 12.70 -25.58 -48.62
C MET C 291 13.48 -25.38 -49.90
N SER C 292 12.99 -24.46 -50.75
CA SER C 292 13.67 -24.29 -52.01
C SER C 292 15.11 -23.82 -51.79
N ASN C 293 15.35 -23.06 -50.75
CA ASN C 293 16.71 -22.65 -50.44
C ASN C 293 17.53 -23.76 -49.76
N ILE C 294 16.87 -24.65 -49.04
CA ILE C 294 17.56 -25.82 -48.52
C ILE C 294 17.99 -26.76 -49.65
N THR C 295 17.13 -26.97 -50.65
CA THR C 295 17.50 -27.89 -51.71
C THR C 295 18.51 -27.27 -52.67
N ALA C 296 18.90 -26.02 -52.44
CA ALA C 296 20.02 -25.45 -53.20
C ALA C 296 21.34 -25.76 -52.50
N GLY C 297 21.26 -26.60 -51.45
CA GLY C 297 22.43 -26.93 -50.61
C GLY C 297 23.28 -28.07 -51.17
N ARG C 298 24.14 -28.63 -50.32
CA ARG C 298 24.94 -29.78 -50.68
C ARG C 298 24.05 -31.02 -50.85
N GLN C 299 24.64 -32.04 -51.47
CA GLN C 299 24.02 -33.35 -51.66
C GLN C 299 23.63 -34.05 -50.37
N ASP C 300 24.45 -33.90 -49.33
CA ASP C 300 24.15 -34.47 -48.01
C ASP C 300 22.95 -33.76 -47.35
N GLN C 301 22.79 -32.46 -47.60
CA GLN C 301 21.59 -31.74 -47.13
C GLN C 301 20.32 -32.13 -47.89
N ILE C 302 20.38 -32.13 -49.21
CA ILE C 302 19.31 -32.73 -50.02
C ILE C 302 18.93 -34.12 -49.47
N GLN C 303 19.93 -34.94 -49.18
CA GLN C 303 19.69 -36.27 -48.58
C GLN C 303 18.90 -36.22 -47.27
N GLN C 304 19.16 -35.21 -46.45
CA GLN C 304 18.39 -35.10 -45.22
C GLN C 304 16.94 -34.69 -45.52
N VAL C 305 16.74 -33.85 -46.52
CA VAL C 305 15.39 -33.57 -47.00
C VAL C 305 14.69 -34.87 -47.40
N VAL C 306 15.40 -35.72 -48.13
CA VAL C 306 14.86 -37.00 -48.53
C VAL C 306 14.57 -37.89 -47.32
N ASN C 307 15.52 -37.98 -46.39
CA ASN C 307 15.40 -38.95 -45.29
C ASN C 307 14.27 -38.55 -44.36
N HIS C 308 13.90 -37.28 -44.39
CA HIS C 308 12.80 -36.86 -43.54
C HIS C 308 11.47 -36.90 -44.26
N GLY C 309 11.44 -37.55 -45.42
CA GLY C 309 10.20 -37.72 -46.18
C GLY C 309 9.59 -36.42 -46.69
N LEU C 310 10.42 -35.42 -46.98
CA LEU C 310 9.88 -34.13 -47.42
C LEU C 310 9.48 -34.05 -48.92
N VAL C 311 9.98 -34.95 -49.74
CA VAL C 311 9.71 -34.88 -51.18
C VAL C 311 8.23 -35.07 -51.55
N PRO C 312 7.58 -36.13 -51.01
CA PRO C 312 6.17 -36.29 -51.33
C PRO C 312 5.38 -35.04 -50.97
N PHE C 313 5.81 -34.31 -49.94
CA PHE C 313 5.11 -33.09 -49.57
C PHE C 313 5.33 -31.99 -50.61
N LEU C 314 6.54 -31.92 -51.17
CA LEU C 314 6.83 -30.93 -52.20
C LEU C 314 6.04 -31.22 -53.47
N VAL C 315 5.86 -32.50 -53.79
CA VAL C 315 5.08 -32.86 -54.95
C VAL C 315 3.60 -32.48 -54.74
N SER C 316 3.07 -32.71 -53.54
CA SER C 316 1.70 -32.31 -53.26
C SER C 316 1.49 -30.81 -53.42
N VAL C 317 2.40 -30.03 -52.84
CA VAL C 317 2.33 -28.59 -52.96
C VAL C 317 2.44 -28.21 -54.45
N LEU C 318 3.35 -28.87 -55.18
CA LEU C 318 3.46 -28.61 -56.61
C LEU C 318 2.17 -28.91 -57.34
N SER C 319 1.45 -29.94 -56.91
CA SER C 319 0.19 -30.34 -57.53
C SER C 319 -1.03 -29.55 -57.11
N LYS C 320 -1.14 -29.24 -55.83
CA LYS C 320 -2.42 -28.87 -55.25
C LYS C 320 -2.48 -27.47 -54.66
N ALA C 321 -1.34 -26.86 -54.42
CA ALA C 321 -1.33 -25.53 -53.81
C ALA C 321 -1.66 -24.44 -54.82
N ASP C 322 -1.95 -23.24 -54.32
CA ASP C 322 -2.18 -22.11 -55.21
C ASP C 322 -0.87 -21.69 -55.89
N PHE C 323 -1.02 -20.88 -56.93
CA PHE C 323 0.06 -20.64 -57.86
C PHE C 323 1.31 -20.04 -57.21
N LYS C 324 1.12 -19.06 -56.34
CA LYS C 324 2.22 -18.44 -55.61
C LYS C 324 3.05 -19.45 -54.84
N THR C 325 2.40 -20.46 -54.25
CA THR C 325 3.13 -21.56 -53.56
C THR C 325 3.75 -22.56 -54.55
N GLN C 326 3.07 -22.81 -55.65
CA GLN C 326 3.58 -23.70 -56.68
C GLN C 326 4.86 -23.17 -57.30
N LYS C 327 4.93 -21.86 -57.49
CA LYS C 327 6.17 -21.24 -57.95
C LYS C 327 7.33 -21.57 -57.04
N GLU C 328 7.13 -21.50 -55.71
CA GLU C 328 8.24 -21.83 -54.79
C GLU C 328 8.63 -23.29 -54.94
N ALA C 329 7.63 -24.15 -55.11
CA ALA C 329 7.88 -25.57 -55.25
C ALA C 329 8.60 -25.90 -56.53
N VAL C 330 8.31 -25.14 -57.59
CA VAL C 330 9.07 -25.29 -58.82
C VAL C 330 10.54 -24.97 -58.55
N TRP C 331 10.81 -23.90 -57.83
CA TRP C 331 12.19 -23.58 -57.49
C TRP C 331 12.81 -24.68 -56.61
N ALA C 332 12.03 -25.23 -55.68
CA ALA C 332 12.58 -26.23 -54.76
C ALA C 332 13.02 -27.46 -55.57
N VAL C 333 12.16 -27.83 -56.53
CA VAL C 333 12.38 -29.04 -57.32
C VAL C 333 13.58 -28.86 -58.22
N THR C 334 13.68 -27.70 -58.84
CA THR C 334 14.77 -27.40 -59.74
C THR C 334 16.14 -27.26 -59.07
N ASN C 335 16.19 -26.61 -57.91
CA ASN C 335 17.42 -26.65 -57.10
C ASN C 335 17.86 -28.07 -56.72
N TYR C 336 16.89 -28.87 -56.33
CA TYR C 336 17.11 -30.24 -55.99
C TYR C 336 17.68 -30.95 -57.21
N THR C 337 17.05 -30.79 -58.39
CA THR C 337 17.57 -31.48 -59.58
C THR C 337 18.90 -30.90 -59.98
N SER C 338 19.18 -29.69 -59.54
CA SER C 338 20.41 -29.04 -59.92
C SER C 338 21.66 -29.55 -59.15
N GLY C 339 21.52 -29.75 -57.85
CA GLY C 339 22.61 -30.19 -57.01
C GLY C 339 22.59 -31.68 -56.67
N GLY C 340 21.45 -32.34 -56.93
CA GLY C 340 21.21 -33.70 -56.44
C GLY C 340 22.03 -34.76 -57.17
N THR C 341 22.28 -35.89 -56.51
CA THR C 341 22.95 -37.00 -57.16
C THR C 341 21.95 -37.67 -58.05
N VAL C 342 22.47 -38.54 -58.90
CA VAL C 342 21.63 -39.36 -59.73
C VAL C 342 20.55 -40.12 -58.94
N GLU C 343 20.93 -40.83 -57.87
CA GLU C 343 19.94 -41.57 -57.08
C GLU C 343 18.93 -40.61 -56.48
N GLN C 344 19.36 -39.42 -56.13
CA GLN C 344 18.41 -38.46 -55.61
C GLN C 344 17.37 -38.05 -56.70
N ILE C 345 17.82 -37.89 -57.95
CA ILE C 345 16.89 -37.51 -59.02
C ILE C 345 15.95 -38.70 -59.28
N VAL C 346 16.50 -39.92 -59.21
CA VAL C 346 15.69 -41.12 -59.44
C VAL C 346 14.53 -41.16 -58.44
N TYR C 347 14.86 -40.98 -57.17
CA TYR C 347 13.83 -40.94 -56.15
C TYR C 347 12.78 -39.83 -56.44
N LEU C 348 13.26 -38.63 -56.74
CA LEU C 348 12.34 -37.55 -57.12
C LEU C 348 11.41 -37.96 -58.26
N VAL C 349 11.94 -38.59 -59.29
CA VAL C 349 11.05 -39.07 -60.35
C VAL C 349 10.05 -40.10 -59.84
N HIS C 350 10.52 -41.01 -58.98
CA HIS C 350 9.64 -42.05 -58.39
C HIS C 350 8.51 -41.43 -57.56
N CYS C 351 8.72 -40.24 -57.03
CA CYS C 351 7.69 -39.55 -56.25
C CYS C 351 6.59 -38.88 -57.09
N GLY C 352 6.71 -38.94 -58.40
CA GLY C 352 5.70 -38.38 -59.27
C GLY C 352 5.89 -36.91 -59.62
N ILE C 353 7.14 -36.46 -59.74
CA ILE C 353 7.44 -35.06 -60.08
C ILE C 353 7.01 -34.66 -61.51
N ILE C 354 7.23 -35.52 -62.50
CA ILE C 354 7.04 -35.15 -63.90
C ILE C 354 5.66 -34.51 -64.23
N GLU C 355 4.57 -35.21 -63.93
CA GLU C 355 3.27 -34.71 -64.30
C GLU C 355 2.93 -33.32 -63.74
N PRO C 356 2.97 -33.16 -62.41
CA PRO C 356 2.66 -31.82 -61.87
C PRO C 356 3.65 -30.76 -62.38
N LEU C 357 4.87 -31.18 -62.70
CA LEU C 357 5.81 -30.25 -63.29
C LEU C 357 5.38 -29.82 -64.69
N MET C 358 5.09 -30.76 -65.59
CA MET C 358 4.65 -30.42 -66.94
C MET C 358 3.34 -29.63 -66.92
N ASN C 359 2.49 -29.89 -65.96
CA ASN C 359 1.20 -29.19 -65.88
C ASN C 359 1.35 -27.66 -65.75
N LEU C 360 2.47 -27.22 -65.17
CA LEU C 360 2.66 -25.80 -64.97
C LEU C 360 3.30 -25.08 -66.18
N LEU C 361 3.63 -25.85 -67.22
CA LEU C 361 4.13 -25.26 -68.47
C LEU C 361 3.12 -24.35 -69.18
N THR C 362 1.86 -24.34 -68.72
CA THR C 362 0.91 -23.38 -69.27
C THR C 362 0.91 -22.07 -68.50
N ALA C 363 1.69 -21.99 -67.41
CA ALA C 363 1.72 -20.80 -66.55
C ALA C 363 1.89 -19.54 -67.37
N LYS C 364 1.34 -18.43 -66.90
CA LYS C 364 1.50 -17.16 -67.59
C LYS C 364 2.82 -16.49 -67.20
N ASP C 365 3.63 -17.18 -66.42
CA ASP C 365 4.85 -16.62 -65.86
C ASP C 365 6.08 -17.20 -66.62
N THR C 366 6.62 -16.43 -67.58
CA THR C 366 7.69 -16.96 -68.40
C THR C 366 8.95 -17.30 -67.61
N LYS C 367 9.18 -16.61 -66.49
CA LYS C 367 10.32 -16.95 -65.66
C LYS C 367 10.18 -18.39 -65.13
N ILE C 368 8.98 -18.71 -64.67
CA ILE C 368 8.68 -20.01 -64.12
C ILE C 368 8.80 -21.10 -65.17
N ILE C 369 8.38 -20.76 -66.39
CA ILE C 369 8.48 -21.66 -67.50
C ILE C 369 9.96 -21.98 -67.76
N LEU C 370 10.85 -21.00 -67.71
CA LEU C 370 12.27 -21.27 -67.90
C LEU C 370 12.88 -22.15 -66.79
N VAL C 371 12.32 -22.06 -65.58
CA VAL C 371 12.84 -22.84 -64.46
C VAL C 371 12.45 -24.29 -64.63
N ILE C 372 11.20 -24.52 -65.03
CA ILE C 372 10.72 -25.88 -65.22
C ILE C 372 11.51 -26.53 -66.34
N LEU C 373 11.77 -25.81 -67.42
CA LEU C 373 12.52 -26.41 -68.53
C LEU C 373 13.93 -26.76 -68.07
N ASP C 374 14.49 -25.93 -67.18
CA ASP C 374 15.77 -26.22 -66.53
C ASP C 374 15.73 -27.50 -65.69
N ALA C 375 14.67 -27.68 -64.91
CA ALA C 375 14.51 -28.91 -64.14
C ALA C 375 14.51 -30.12 -65.06
N ILE C 376 13.73 -30.02 -66.15
CA ILE C 376 13.63 -31.11 -67.10
C ILE C 376 15.02 -31.39 -67.65
N SER C 377 15.72 -30.35 -68.03
CA SER C 377 17.09 -30.54 -68.54
C SER C 377 17.97 -31.24 -67.48
N ASN C 378 17.88 -30.80 -66.22
CA ASN C 378 18.57 -31.44 -65.13
C ASN C 378 18.23 -32.93 -65.02
N ILE C 379 16.95 -33.25 -65.07
CA ILE C 379 16.57 -34.64 -64.92
C ILE C 379 17.07 -35.50 -66.10
N PHE C 380 17.09 -34.93 -67.31
CA PHE C 380 17.62 -35.63 -68.47
C PHE C 380 19.12 -35.90 -68.33
N GLN C 381 19.85 -35.00 -67.68
CA GLN C 381 21.28 -35.24 -67.42
C GLN C 381 21.48 -36.44 -66.50
N ALA C 382 20.61 -36.59 -65.51
CA ALA C 382 20.66 -37.80 -64.70
C ALA C 382 20.32 -39.00 -65.59
N ALA C 383 19.25 -38.88 -66.38
CA ALA C 383 18.83 -39.98 -67.25
C ALA C 383 19.97 -40.45 -68.17
N GLU C 384 20.79 -39.53 -68.66
CA GLU C 384 21.86 -39.92 -69.59
C GLU C 384 22.87 -40.84 -68.90
N LYS C 385 23.33 -40.44 -67.72
CA LYS C 385 24.26 -41.26 -66.97
C LYS C 385 23.74 -42.67 -66.68
N LEU C 386 22.42 -42.85 -66.64
CA LEU C 386 21.81 -44.15 -66.37
C LEU C 386 21.37 -44.90 -67.65
N GLY C 387 21.55 -44.28 -68.81
CA GLY C 387 20.98 -44.82 -70.06
C GLY C 387 19.47 -44.99 -70.03
N GLU C 388 18.74 -44.09 -69.35
CA GLU C 388 17.28 -44.18 -69.27
C GLU C 388 16.56 -42.95 -69.91
N THR C 389 17.31 -42.28 -70.76
CA THR C 389 16.84 -41.19 -71.59
C THR C 389 15.51 -41.48 -72.34
N GLU C 390 15.38 -42.65 -72.97
CA GLU C 390 14.14 -42.97 -73.68
C GLU C 390 12.95 -43.10 -72.73
N LYS C 391 13.16 -43.73 -71.58
CA LYS C 391 12.07 -43.95 -70.65
C LYS C 391 11.60 -42.62 -70.08
N LEU C 392 12.52 -41.77 -69.72
CA LEU C 392 12.11 -40.45 -69.34
C LEU C 392 11.32 -39.79 -70.50
N SER C 393 11.80 -39.87 -71.75
CA SER C 393 11.06 -39.26 -72.87
C SER C 393 9.60 -39.72 -72.96
N ILE C 394 9.40 -41.02 -72.79
CA ILE C 394 8.08 -41.60 -72.91
C ILE C 394 7.25 -41.20 -71.73
N MET C 395 7.88 -41.07 -70.56
CA MET C 395 7.15 -40.61 -69.38
C MET C 395 6.60 -39.22 -69.67
N ILE C 396 7.45 -38.36 -70.21
CA ILE C 396 7.08 -36.98 -70.45
C ILE C 396 6.03 -36.92 -71.58
N GLU C 397 6.25 -37.73 -72.61
CA GLU C 397 5.30 -37.82 -73.70
C GLU C 397 3.95 -38.31 -73.23
N GLU C 398 3.93 -39.31 -72.33
CA GLU C 398 2.67 -39.97 -72.01
C GLU C 398 1.72 -39.13 -71.16
N CYS C 399 2.27 -38.21 -70.38
CA CYS C 399 1.41 -37.36 -69.59
C CYS C 399 1.02 -36.06 -70.35
N GLY C 400 1.37 -35.98 -71.63
CA GLY C 400 1.06 -34.76 -72.38
C GLY C 400 2.17 -33.73 -72.30
N GLY C 401 3.29 -34.10 -71.68
CA GLY C 401 4.40 -33.18 -71.48
C GLY C 401 5.06 -32.75 -72.76
N LEU C 402 5.17 -33.66 -73.73
CA LEU C 402 5.77 -33.35 -75.01
C LEU C 402 4.91 -32.36 -75.78
N ASP C 403 3.59 -32.61 -75.83
CA ASP C 403 2.65 -31.66 -76.42
C ASP C 403 2.87 -30.27 -75.84
N LYS C 404 3.08 -30.18 -74.53
CA LYS C 404 3.36 -28.88 -73.92
C LYS C 404 4.74 -28.34 -74.28
N ILE C 405 5.77 -29.14 -74.32
CA ILE C 405 7.03 -28.56 -74.76
C ILE C 405 7.02 -28.07 -76.22
N GLU C 406 6.37 -28.82 -77.13
CA GLU C 406 6.23 -28.41 -78.53
C GLU C 406 5.42 -27.13 -78.70
N ALA C 407 4.38 -26.95 -77.89
CA ALA C 407 3.59 -25.75 -77.98
C ALA C 407 4.45 -24.51 -77.66
N LEU C 408 5.43 -24.69 -76.78
CA LEU C 408 6.30 -23.59 -76.40
C LEU C 408 7.18 -23.13 -77.55
N GLN C 409 7.22 -23.90 -78.63
CA GLN C 409 7.85 -23.41 -79.86
C GLN C 409 7.25 -22.10 -80.37
N ASN C 410 5.95 -21.88 -80.16
CA ASN C 410 5.34 -20.65 -80.61
C ASN C 410 5.13 -19.68 -79.45
N HIS C 411 5.90 -19.81 -78.37
CA HIS C 411 5.78 -18.86 -77.26
C HIS C 411 6.37 -17.48 -77.62
N GLU C 412 5.80 -16.40 -77.07
CA GLU C 412 6.25 -15.05 -77.45
C GLU C 412 7.69 -14.78 -77.01
N ASN C 413 8.12 -15.44 -75.96
CA ASN C 413 9.41 -15.18 -75.38
C ASN C 413 10.54 -15.95 -76.06
N GLU C 414 11.58 -15.26 -76.47
CA GLU C 414 12.63 -15.90 -77.21
C GLU C 414 13.38 -16.95 -76.38
N SER C 415 13.52 -16.70 -75.08
CA SER C 415 14.26 -17.66 -74.23
C SER C 415 13.50 -18.94 -74.08
N VAL C 416 12.20 -18.83 -73.86
CA VAL C 416 11.38 -20.00 -73.80
C VAL C 416 11.43 -20.77 -75.11
N TYR C 417 11.43 -20.06 -76.23
CA TYR C 417 11.53 -20.77 -77.51
C TYR C 417 12.88 -21.52 -77.63
N LYS C 418 13.97 -20.86 -77.30
CA LYS C 418 15.29 -21.51 -77.39
C LYS C 418 15.41 -22.73 -76.47
N ALA C 419 14.86 -22.64 -75.26
CA ALA C 419 15.06 -23.73 -74.32
C ALA C 419 14.16 -24.93 -74.63
N SER C 420 12.93 -24.68 -75.07
CA SER C 420 12.05 -25.76 -75.47
C SER C 420 12.59 -26.43 -76.74
N LEU C 421 13.10 -25.64 -77.67
CA LEU C 421 13.67 -26.24 -78.90
C LEU C 421 14.80 -27.14 -78.54
N SER C 422 15.66 -26.67 -77.66
CA SER C 422 16.86 -27.42 -77.29
C SER C 422 16.48 -28.81 -76.75
N LEU C 423 15.45 -28.85 -75.90
CA LEU C 423 14.92 -30.12 -75.40
C LEU C 423 14.35 -31.02 -76.50
N ILE C 424 13.59 -30.43 -77.42
CA ILE C 424 13.00 -31.21 -78.50
C ILE C 424 14.14 -31.84 -79.30
N GLU C 425 15.20 -31.06 -79.51
CA GLU C 425 16.26 -31.50 -80.39
C GLU C 425 17.10 -32.61 -79.80
N LYS C 426 17.36 -32.54 -78.51
CA LYS C 426 18.28 -33.47 -77.88
C LYS C 426 17.58 -34.78 -77.52
N TYR C 427 16.33 -34.70 -77.08
CA TYR C 427 15.66 -35.89 -76.53
C TYR C 427 14.36 -36.30 -77.20
N PHE C 428 13.83 -35.50 -78.13
CA PHE C 428 12.60 -35.93 -78.79
C PHE C 428 12.68 -35.93 -80.31
N SER C 429 13.86 -36.24 -80.84
CA SER C 429 14.04 -36.28 -82.28
C SER C 429 14.67 -37.60 -82.71
N VAL C 430 14.09 -38.72 -82.28
CA VAL C 430 14.68 -40.02 -82.66
C VAL C 430 14.76 -40.20 -84.16
N GLU C 431 15.83 -40.84 -84.61
CA GLU C 431 15.96 -41.21 -86.01
C GLU C 431 15.71 -42.72 -86.17
#